data_4EM0
# 
_entry.id   4EM0 
# 
_audit_conform.dict_name       mmcif_pdbx.dic 
_audit_conform.dict_version    5.381 
_audit_conform.dict_location   http://mmcif.pdb.org/dictionaries/ascii/mmcif_pdbx.dic 
# 
loop_
_database_2.database_id 
_database_2.database_code 
_database_2.pdbx_database_accession 
_database_2.pdbx_DOI 
PDB   4EM0         pdb_00004em0 10.2210/pdb4em0/pdb 
RCSB  RCSB071786   ?            ?                   
WWPDB D_1000071786 ?            ?                   
# 
loop_
_pdbx_database_related.db_name 
_pdbx_database_related.db_id 
_pdbx_database_related.details 
_pdbx_database_related.content_type 
PDB 4EM1 . unspecified 
PDB 4EM2 . unspecified 
# 
_pdbx_database_status.status_code                     REL 
_pdbx_database_status.entry_id                        4EM0 
_pdbx_database_status.recvd_initial_deposition_date   2012-04-11 
_pdbx_database_status.deposit_site                    RCSB 
_pdbx_database_status.process_site                    PDBJ 
_pdbx_database_status.methods_development_category    ? 
_pdbx_database_status.status_code_sf                  REL 
_pdbx_database_status.status_code_mr                  ? 
_pdbx_database_status.SG_entry                        ? 
_pdbx_database_status.status_code_cs                  ? 
_pdbx_database_status.pdb_format_compatible           Y 
_pdbx_database_status.status_code_nmr_data            ? 
# 
loop_
_audit_author.name 
_audit_author.pdbx_ordinal 
'Chang, Y.M.'   1 
'Chen, C.K.-M.' 2 
'Wang, A.H.-J.' 3 
# 
_citation.id                        primary 
_citation.title                     'Staphylococcus aureus MarR complexes' 
_citation.journal_abbrev            'To be Published' 
_citation.journal_volume            ? 
_citation.page_first                ? 
_citation.page_last                 ? 
_citation.year                      ? 
_citation.journal_id_ASTM           ? 
_citation.country                   ? 
_citation.journal_id_ISSN           ? 
_citation.journal_id_CSD            0353 
_citation.book_publisher            ? 
_citation.pdbx_database_id_PubMed   ? 
_citation.pdbx_database_id_DOI      ? 
# 
loop_
_citation_author.citation_id 
_citation_author.name 
_citation_author.ordinal 
_citation_author.identifier_ORCID 
primary 'Chang, Y.M.'   1 ? 
primary 'Chen, C.K.-M.' 2 ? 
primary 'Wang, A.H.-J.' 3 ? 
# 
_cell.entry_id           4EM0 
_cell.length_a           83.446 
_cell.length_b           83.446 
_cell.length_c           61.131 
_cell.angle_alpha        90.00 
_cell.angle_beta         90.00 
_cell.angle_gamma        120.00 
_cell.Z_PDB              6 
_cell.pdbx_unique_axis   ? 
_cell.length_a_esd       ? 
_cell.length_b_esd       ? 
_cell.length_c_esd       ? 
_cell.angle_alpha_esd    ? 
_cell.angle_beta_esd     ? 
_cell.angle_gamma_esd    ? 
# 
_symmetry.entry_id                         4EM0 
_symmetry.space_group_name_H-M             'P 32 2 1' 
_symmetry.pdbx_full_space_group_name_H-M   ? 
_symmetry.cell_setting                     ? 
_symmetry.Int_Tables_number                154 
_symmetry.space_group_name_Hall            ? 
# 
loop_
_entity.id 
_entity.type 
_entity.src_method 
_entity.pdbx_description 
_entity.formula_weight 
_entity.pdbx_number_of_molecules 
_entity.pdbx_ec 
_entity.pdbx_mutation 
_entity.pdbx_fragment 
_entity.details 
1 polymer     man 'Uncharacterized HTH-type transcriptional regulator SAR2349' 20663.557 1  ? ? ? ? 
2 non-polymer syn '2-HYDROXYBENZOIC ACID'                                      138.121   1  ? ? ? ? 
3 non-polymer syn 'KANAMYCIN A'                                                484.499   1  ? ? ? ? 
4 water       nat water                                                        18.015    55 ? ? ? ? 
# 
_entity_name_com.entity_id   1 
_entity_name_com.name        'Transcriptional regulator MarR' 
# 
_entity_poly.entity_id                      1 
_entity_poly.type                           'polypeptide(L)' 
_entity_poly.nstd_linkage                   no 
_entity_poly.nstd_monomer                   no 
_entity_poly.pdbx_seq_one_letter_code       
;TAAAKFERQHMDSPDLGTDDDDKAMADIGSDFMLSQEFFNSFITIYRPYLKLTEPILEKHNIYYGQWLILRDIAKHQPTT
LIEISHRRAIEKPTARKTLKALIENDLITVENSLEDKRQKFLTLTPKGHELYEIVCLDVQKLQQAVVAKTNISQDQMQET
INVMNQIHEILLKEAHND
;
_entity_poly.pdbx_seq_one_letter_code_can   
;TAAAKFERQHMDSPDLGTDDDDKAMADIGSDFMLSQEFFNSFITIYRPYLKLTEPILEKHNIYYGQWLILRDIAKHQPTT
LIEISHRRAIEKPTARKTLKALIENDLITVENSLEDKRQKFLTLTPKGHELYEIVCLDVQKLQQAVVAKTNISQDQMQET
INVMNQIHEILLKEAHND
;
_entity_poly.pdbx_strand_id                 B 
_entity_poly.pdbx_target_identifier         ? 
# 
loop_
_entity_poly_seq.entity_id 
_entity_poly_seq.num 
_entity_poly_seq.mon_id 
_entity_poly_seq.hetero 
1 1   THR n 
1 2   ALA n 
1 3   ALA n 
1 4   ALA n 
1 5   LYS n 
1 6   PHE n 
1 7   GLU n 
1 8   ARG n 
1 9   GLN n 
1 10  HIS n 
1 11  MET n 
1 12  ASP n 
1 13  SER n 
1 14  PRO n 
1 15  ASP n 
1 16  LEU n 
1 17  GLY n 
1 18  THR n 
1 19  ASP n 
1 20  ASP n 
1 21  ASP n 
1 22  ASP n 
1 23  LYS n 
1 24  ALA n 
1 25  MET n 
1 26  ALA n 
1 27  ASP n 
1 28  ILE n 
1 29  GLY n 
1 30  SER n 
1 31  ASP n 
1 32  PHE n 
1 33  MET n 
1 34  LEU n 
1 35  SER n 
1 36  GLN n 
1 37  GLU n 
1 38  PHE n 
1 39  PHE n 
1 40  ASN n 
1 41  SER n 
1 42  PHE n 
1 43  ILE n 
1 44  THR n 
1 45  ILE n 
1 46  TYR n 
1 47  ARG n 
1 48  PRO n 
1 49  TYR n 
1 50  LEU n 
1 51  LYS n 
1 52  LEU n 
1 53  THR n 
1 54  GLU n 
1 55  PRO n 
1 56  ILE n 
1 57  LEU n 
1 58  GLU n 
1 59  LYS n 
1 60  HIS n 
1 61  ASN n 
1 62  ILE n 
1 63  TYR n 
1 64  TYR n 
1 65  GLY n 
1 66  GLN n 
1 67  TRP n 
1 68  LEU n 
1 69  ILE n 
1 70  LEU n 
1 71  ARG n 
1 72  ASP n 
1 73  ILE n 
1 74  ALA n 
1 75  LYS n 
1 76  HIS n 
1 77  GLN n 
1 78  PRO n 
1 79  THR n 
1 80  THR n 
1 81  LEU n 
1 82  ILE n 
1 83  GLU n 
1 84  ILE n 
1 85  SER n 
1 86  HIS n 
1 87  ARG n 
1 88  ARG n 
1 89  ALA n 
1 90  ILE n 
1 91  GLU n 
1 92  LYS n 
1 93  PRO n 
1 94  THR n 
1 95  ALA n 
1 96  ARG n 
1 97  LYS n 
1 98  THR n 
1 99  LEU n 
1 100 LYS n 
1 101 ALA n 
1 102 LEU n 
1 103 ILE n 
1 104 GLU n 
1 105 ASN n 
1 106 ASP n 
1 107 LEU n 
1 108 ILE n 
1 109 THR n 
1 110 VAL n 
1 111 GLU n 
1 112 ASN n 
1 113 SER n 
1 114 LEU n 
1 115 GLU n 
1 116 ASP n 
1 117 LYS n 
1 118 ARG n 
1 119 GLN n 
1 120 LYS n 
1 121 PHE n 
1 122 LEU n 
1 123 THR n 
1 124 LEU n 
1 125 THR n 
1 126 PRO n 
1 127 LYS n 
1 128 GLY n 
1 129 HIS n 
1 130 GLU n 
1 131 LEU n 
1 132 TYR n 
1 133 GLU n 
1 134 ILE n 
1 135 VAL n 
1 136 CYS n 
1 137 LEU n 
1 138 ASP n 
1 139 VAL n 
1 140 GLN n 
1 141 LYS n 
1 142 LEU n 
1 143 GLN n 
1 144 GLN n 
1 145 ALA n 
1 146 VAL n 
1 147 VAL n 
1 148 ALA n 
1 149 LYS n 
1 150 THR n 
1 151 ASN n 
1 152 ILE n 
1 153 SER n 
1 154 GLN n 
1 155 ASP n 
1 156 GLN n 
1 157 MET n 
1 158 GLN n 
1 159 GLU n 
1 160 THR n 
1 161 ILE n 
1 162 ASN n 
1 163 VAL n 
1 164 MET n 
1 165 ASN n 
1 166 GLN n 
1 167 ILE n 
1 168 HIS n 
1 169 GLU n 
1 170 ILE n 
1 171 LEU n 
1 172 LEU n 
1 173 LYS n 
1 174 GLU n 
1 175 ALA n 
1 176 HIS n 
1 177 ASN n 
1 178 ASP n 
# 
_entity_src_gen.entity_id                          1 
_entity_src_gen.pdbx_src_id                        1 
_entity_src_gen.pdbx_alt_source_flag               sample 
_entity_src_gen.pdbx_seq_type                      ? 
_entity_src_gen.pdbx_beg_seq_num                   ? 
_entity_src_gen.pdbx_end_seq_num                   ? 
_entity_src_gen.gene_src_common_name               ? 
_entity_src_gen.gene_src_genus                     ? 
_entity_src_gen.pdbx_gene_src_gene                 SAR2349 
_entity_src_gen.gene_src_species                   ? 
_entity_src_gen.gene_src_strain                    MRSA252 
_entity_src_gen.gene_src_tissue                    ? 
_entity_src_gen.gene_src_tissue_fraction           ? 
_entity_src_gen.gene_src_details                   ? 
_entity_src_gen.pdbx_gene_src_fragment             ? 
_entity_src_gen.pdbx_gene_src_scientific_name      'Staphylococcus aureus' 
_entity_src_gen.pdbx_gene_src_ncbi_taxonomy_id     282458 
_entity_src_gen.pdbx_gene_src_variant              ? 
_entity_src_gen.pdbx_gene_src_cell_line            ? 
_entity_src_gen.pdbx_gene_src_atcc                 ? 
_entity_src_gen.pdbx_gene_src_organ                ? 
_entity_src_gen.pdbx_gene_src_organelle            ? 
_entity_src_gen.pdbx_gene_src_cell                 ? 
_entity_src_gen.pdbx_gene_src_cellular_location    ? 
_entity_src_gen.host_org_common_name               ? 
_entity_src_gen.pdbx_host_org_scientific_name      'Escherichia coli' 
_entity_src_gen.pdbx_host_org_ncbi_taxonomy_id     562 
_entity_src_gen.host_org_genus                     ? 
_entity_src_gen.pdbx_host_org_gene                 ? 
_entity_src_gen.pdbx_host_org_organ                ? 
_entity_src_gen.host_org_species                   ? 
_entity_src_gen.pdbx_host_org_tissue               ? 
_entity_src_gen.pdbx_host_org_tissue_fraction      ? 
_entity_src_gen.pdbx_host_org_strain               'BL21(DE3)' 
_entity_src_gen.pdbx_host_org_variant              ? 
_entity_src_gen.pdbx_host_org_cell_line            ? 
_entity_src_gen.pdbx_host_org_atcc                 ? 
_entity_src_gen.pdbx_host_org_culture_collection   ? 
_entity_src_gen.pdbx_host_org_cell                 ? 
_entity_src_gen.pdbx_host_org_organelle            ? 
_entity_src_gen.pdbx_host_org_cellular_location    ? 
_entity_src_gen.pdbx_host_org_vector_type          Plasmid 
_entity_src_gen.pdbx_host_org_vector               ? 
_entity_src_gen.host_org_details                   ? 
_entity_src_gen.expression_system_id               ? 
_entity_src_gen.plasmid_name                       pET21 
_entity_src_gen.plasmid_details                    ? 
_entity_src_gen.pdbx_description                   ? 
# 
_struct_ref.id                         1 
_struct_ref.db_name                    UNP 
_struct_ref.db_code                    Y2349_STAAR 
_struct_ref.pdbx_db_accession          Q6GEG9 
_struct_ref.entity_id                  1 
_struct_ref.pdbx_seq_one_letter_code   
;MLSQEFFNSFITIYRPYLKLTEPILEKHNIYYGQWLILRDIAKHQPTTLIEISHRRAIEKPTARKTLKALIENDLITVEN
SLEDKRQKFLTLTPKGHELYEIVCLDVQKLQQAVVAKTNISQDQMQETINVMNQIHEILLKEAHND
;
_struct_ref.pdbx_align_begin           1 
_struct_ref.pdbx_db_isoform            ? 
# 
_struct_ref_seq.align_id                      1 
_struct_ref_seq.ref_id                        1 
_struct_ref_seq.pdbx_PDB_id_code              4EM0 
_struct_ref_seq.pdbx_strand_id                B 
_struct_ref_seq.seq_align_beg                 33 
_struct_ref_seq.pdbx_seq_align_beg_ins_code   ? 
_struct_ref_seq.seq_align_end                 178 
_struct_ref_seq.pdbx_seq_align_end_ins_code   ? 
_struct_ref_seq.pdbx_db_accession             Q6GEG9 
_struct_ref_seq.db_align_beg                  1 
_struct_ref_seq.pdbx_db_align_beg_ins_code    ? 
_struct_ref_seq.db_align_end                  146 
_struct_ref_seq.pdbx_db_align_end_ins_code    ? 
_struct_ref_seq.pdbx_auth_seq_align_beg       39 
_struct_ref_seq.pdbx_auth_seq_align_end       184 
# 
loop_
_struct_ref_seq_dif.align_id 
_struct_ref_seq_dif.pdbx_pdb_id_code 
_struct_ref_seq_dif.mon_id 
_struct_ref_seq_dif.pdbx_pdb_strand_id 
_struct_ref_seq_dif.seq_num 
_struct_ref_seq_dif.pdbx_pdb_ins_code 
_struct_ref_seq_dif.pdbx_seq_db_name 
_struct_ref_seq_dif.pdbx_seq_db_accession_code 
_struct_ref_seq_dif.db_mon_id 
_struct_ref_seq_dif.pdbx_seq_db_seq_num 
_struct_ref_seq_dif.details 
_struct_ref_seq_dif.pdbx_auth_seq_num 
_struct_ref_seq_dif.pdbx_ordinal 
1 4EM0 THR B 1  ? UNP Q6GEG9 ? ? 'expression tag' 7  1  
1 4EM0 ALA B 2  ? UNP Q6GEG9 ? ? 'expression tag' 8  2  
1 4EM0 ALA B 3  ? UNP Q6GEG9 ? ? 'expression tag' 9  3  
1 4EM0 ALA B 4  ? UNP Q6GEG9 ? ? 'expression tag' 10 4  
1 4EM0 LYS B 5  ? UNP Q6GEG9 ? ? 'expression tag' 11 5  
1 4EM0 PHE B 6  ? UNP Q6GEG9 ? ? 'expression tag' 12 6  
1 4EM0 GLU B 7  ? UNP Q6GEG9 ? ? 'expression tag' 13 7  
1 4EM0 ARG B 8  ? UNP Q6GEG9 ? ? 'expression tag' 14 8  
1 4EM0 GLN B 9  ? UNP Q6GEG9 ? ? 'expression tag' 15 9  
1 4EM0 HIS B 10 ? UNP Q6GEG9 ? ? 'expression tag' 16 10 
1 4EM0 MET B 11 ? UNP Q6GEG9 ? ? 'expression tag' 17 11 
1 4EM0 ASP B 12 ? UNP Q6GEG9 ? ? 'expression tag' 18 12 
1 4EM0 SER B 13 ? UNP Q6GEG9 ? ? 'expression tag' 19 13 
1 4EM0 PRO B 14 ? UNP Q6GEG9 ? ? 'expression tag' 20 14 
1 4EM0 ASP B 15 ? UNP Q6GEG9 ? ? 'expression tag' 21 15 
1 4EM0 LEU B 16 ? UNP Q6GEG9 ? ? 'expression tag' 22 16 
1 4EM0 GLY B 17 ? UNP Q6GEG9 ? ? 'expression tag' 23 17 
1 4EM0 THR B 18 ? UNP Q6GEG9 ? ? 'expression tag' 24 18 
1 4EM0 ASP B 19 ? UNP Q6GEG9 ? ? 'expression tag' 25 19 
1 4EM0 ASP B 20 ? UNP Q6GEG9 ? ? 'expression tag' 26 20 
1 4EM0 ASP B 21 ? UNP Q6GEG9 ? ? 'expression tag' 27 21 
1 4EM0 ASP B 22 ? UNP Q6GEG9 ? ? 'expression tag' 28 22 
1 4EM0 LYS B 23 ? UNP Q6GEG9 ? ? 'expression tag' 29 23 
1 4EM0 ALA B 24 ? UNP Q6GEG9 ? ? 'expression tag' 30 24 
1 4EM0 MET B 25 ? UNP Q6GEG9 ? ? 'expression tag' 31 25 
1 4EM0 ALA B 26 ? UNP Q6GEG9 ? ? 'expression tag' 32 26 
1 4EM0 ASP B 27 ? UNP Q6GEG9 ? ? 'expression tag' 33 27 
1 4EM0 ILE B 28 ? UNP Q6GEG9 ? ? 'expression tag' 34 28 
1 4EM0 GLY B 29 ? UNP Q6GEG9 ? ? 'expression tag' 35 29 
1 4EM0 SER B 30 ? UNP Q6GEG9 ? ? 'expression tag' 36 30 
1 4EM0 ASP B 31 ? UNP Q6GEG9 ? ? 'expression tag' 37 31 
1 4EM0 PHE B 32 ? UNP Q6GEG9 ? ? 'expression tag' 38 32 
# 
loop_
_chem_comp.id 
_chem_comp.type 
_chem_comp.mon_nstd_flag 
_chem_comp.name 
_chem_comp.pdbx_synonyms 
_chem_comp.formula 
_chem_comp.formula_weight 
ALA 'L-peptide linking' y ALANINE                 ?                'C3 H7 N O2'     89.093  
ARG 'L-peptide linking' y ARGININE                ?                'C6 H15 N4 O2 1' 175.209 
ASN 'L-peptide linking' y ASPARAGINE              ?                'C4 H8 N2 O3'    132.118 
ASP 'L-peptide linking' y 'ASPARTIC ACID'         ?                'C4 H7 N O4'     133.103 
CYS 'L-peptide linking' y CYSTEINE                ?                'C3 H7 N O2 S'   121.158 
GLN 'L-peptide linking' y GLUTAMINE               ?                'C5 H10 N2 O3'   146.144 
GLU 'L-peptide linking' y 'GLUTAMIC ACID'         ?                'C5 H9 N O4'     147.129 
GLY 'peptide linking'   y GLYCINE                 ?                'C2 H5 N O2'     75.067  
HIS 'L-peptide linking' y HISTIDINE               ?                'C6 H10 N3 O2 1' 156.162 
HOH non-polymer         . WATER                   ?                'H2 O'           18.015  
ILE 'L-peptide linking' y ISOLEUCINE              ?                'C6 H13 N O2'    131.173 
KAN non-polymer         . 'KANAMYCIN A'           ?                'C18 H36 N4 O11' 484.499 
LEU 'L-peptide linking' y LEUCINE                 ?                'C6 H13 N O2'    131.173 
LYS 'L-peptide linking' y LYSINE                  ?                'C6 H15 N2 O2 1' 147.195 
MET 'L-peptide linking' y METHIONINE              ?                'C5 H11 N O2 S'  149.211 
PHE 'L-peptide linking' y PHENYLALANINE           ?                'C9 H11 N O2'    165.189 
PRO 'L-peptide linking' y PROLINE                 ?                'C5 H9 N O2'     115.130 
SAL non-polymer         . '2-HYDROXYBENZOIC ACID' 'SALICYLIC ACID' 'C7 H6 O3'       138.121 
SER 'L-peptide linking' y SERINE                  ?                'C3 H7 N O3'     105.093 
THR 'L-peptide linking' y THREONINE               ?                'C4 H9 N O3'     119.119 
TRP 'L-peptide linking' y TRYPTOPHAN              ?                'C11 H12 N2 O2'  204.225 
TYR 'L-peptide linking' y TYROSINE                ?                'C9 H11 N O3'    181.189 
VAL 'L-peptide linking' y VALINE                  ?                'C5 H11 N O2'    117.146 
# 
_exptl.entry_id          4EM0 
_exptl.method            'X-RAY DIFFRACTION' 
_exptl.crystals_number   1 
# 
_exptl_crystal.id                    1 
_exptl_crystal.density_meas          ? 
_exptl_crystal.density_Matthews      2.97 
_exptl_crystal.density_percent_sol   58.63 
_exptl_crystal.description           ? 
_exptl_crystal.F_000                 ? 
_exptl_crystal.preparation           ? 
# 
_exptl_crystal_grow.crystal_id      1 
_exptl_crystal_grow.method          'VAPOR DIFFUSION, HANGING DROP' 
_exptl_crystal_grow.temp            298 
_exptl_crystal_grow.temp_details    ? 
_exptl_crystal_grow.pH              8.0 
_exptl_crystal_grow.pdbx_details    '20% 5000 MME, 0.2M LiSO4, 0.1M Tris (PH 8.0), VAPOR DIFFUSION, HANGING DROP, temperature 298K' 
_exptl_crystal_grow.pdbx_pH_range   . 
# 
_diffrn.id                     1 
_diffrn.ambient_temp           100 
_diffrn.ambient_temp_details   ? 
_diffrn.crystal_id             1 
# 
_diffrn_detector.diffrn_id              1 
_diffrn_detector.detector               CCD 
_diffrn_detector.type                   'ADSC QUANTUM 210' 
_diffrn_detector.pdbx_collection_date   2009-12-07 
_diffrn_detector.details                mirrors 
# 
_diffrn_radiation.diffrn_id                        1 
_diffrn_radiation.wavelength_id                    1 
_diffrn_radiation.pdbx_monochromatic_or_laue_m_l   M 
_diffrn_radiation.monochromator                    Graphite 
_diffrn_radiation.pdbx_diffrn_protocol             'SINGLE WAVELENGTH' 
_diffrn_radiation.pdbx_scattering_type             x-ray 
# 
_diffrn_radiation_wavelength.id           1 
_diffrn_radiation_wavelength.wavelength   . 
_diffrn_radiation_wavelength.wt           1.0 
# 
_diffrn_source.diffrn_id                   1 
_diffrn_source.source                      SYNCHROTRON 
_diffrn_source.type                        'SPRING-8 BEAMLINE BL12B2' 
_diffrn_source.pdbx_synchrotron_site       SPring-8 
_diffrn_source.pdbx_synchrotron_beamline   BL12B2 
_diffrn_source.pdbx_wavelength             ? 
_diffrn_source.pdbx_wavelength_list        ? 
# 
_reflns.entry_id                     4EM0 
_reflns.observed_criterion_sigma_I   0 
_reflns.observed_criterion_sigma_F   0 
_reflns.d_resolution_low             30 
_reflns.d_resolution_high            2.9 
_reflns.number_obs                   6000 
_reflns.number_all                   5669 
_reflns.percent_possible_obs         89.5 
_reflns.pdbx_Rmerge_I_obs            0.039 
_reflns.pdbx_Rsym_value              ? 
_reflns.pdbx_netI_over_sigmaI        29.4 
_reflns.B_iso_Wilson_estimate        ? 
_reflns.pdbx_redundancy              3.8 
_reflns.R_free_details               ? 
_reflns.limit_h_max                  ? 
_reflns.limit_h_min                  ? 
_reflns.limit_k_max                  ? 
_reflns.limit_k_min                  ? 
_reflns.limit_l_max                  ? 
_reflns.limit_l_min                  ? 
_reflns.observed_criterion_F_max     ? 
_reflns.observed_criterion_F_min     ? 
_reflns.pdbx_chi_squared             ? 
_reflns.pdbx_scaling_rejects         ? 
_reflns.pdbx_ordinal                 1 
_reflns.pdbx_diffrn_id               1 
# 
_reflns_shell.d_res_high                  2.9 
_reflns_shell.d_res_low                   3.03 
_reflns_shell.percent_possible_all        85.4 
_reflns_shell.Rmerge_I_obs                0.344 
_reflns_shell.pdbx_Rsym_value             ? 
_reflns_shell.meanI_over_sigI_obs         2.3 
_reflns_shell.pdbx_redundancy             3.7 
_reflns_shell.percent_possible_obs        ? 
_reflns_shell.number_unique_all           566 
_reflns_shell.number_measured_all         ? 
_reflns_shell.number_measured_obs         ? 
_reflns_shell.number_unique_obs           ? 
_reflns_shell.pdbx_chi_squared            ? 
_reflns_shell.pdbx_rejects                ? 
_reflns_shell.pdbx_netI_over_sigmaI_obs   ? 
_reflns_shell.number_possible             ? 
_reflns_shell.Rmerge_F_all                ? 
_reflns_shell.Rmerge_F_obs                ? 
_reflns_shell.Rmerge_I_all                ? 
_reflns_shell.meanI_over_sigI_all         ? 
_reflns_shell.pdbx_Rrim_I_all             ? 
_reflns_shell.pdbx_Rpim_I_all             ? 
_reflns_shell.pdbx_ordinal                1 
_reflns_shell.pdbx_diffrn_id              1 
# 
_refine.entry_id                                 4EM0 
_refine.ls_number_reflns_obs                     4889 
_refine.ls_number_reflns_all                     5669 
_refine.pdbx_ls_sigma_I                          ? 
_refine.pdbx_ls_sigma_F                          0 
_refine.pdbx_data_cutoff_high_absF               ? 
_refine.pdbx_data_cutoff_low_absF                ? 
_refine.pdbx_data_cutoff_high_rms_absF           ? 
_refine.ls_d_res_low                             30 
_refine.ls_d_res_high                            2.9 
_refine.ls_percent_reflns_obs                    86.2 
_refine.ls_R_factor_obs                          ? 
_refine.ls_R_factor_all                          ? 
_refine.ls_R_factor_R_work                       0.2462 
_refine.ls_R_factor_R_free                       0.3079 
_refine.ls_R_factor_R_free_error                 ? 
_refine.ls_R_factor_R_free_error_details         ? 
_refine.ls_percent_reflns_R_free                 ? 
_refine.ls_number_reflns_R_free                  274 
_refine.ls_number_parameters                     ? 
_refine.ls_number_restraints                     ? 
_refine.correlation_coeff_Fo_to_Fc               ? 
_refine.correlation_coeff_Fo_to_Fc_free          ? 
_refine.B_iso_mean                               70.9899 
_refine.solvent_model_param_bsol                 39.2016 
_refine.solvent_model_param_ksol                 ? 
_refine.pdbx_isotropic_thermal_model             ? 
_refine.aniso_B[1][1]                            -11.8960 
_refine.aniso_B[2][2]                            -11.8960 
_refine.aniso_B[3][3]                            23.7910 
_refine.aniso_B[1][2]                            -11.8060 
_refine.aniso_B[1][3]                            0.0000 
_refine.aniso_B[2][3]                            0.0000 
_refine.pdbx_ls_cross_valid_method               THROUGHOUT 
_refine.details                                  ? 
_refine.pdbx_starting_model                      'PDB ENTRY 4EM2' 
_refine.pdbx_method_to_determine_struct          'MOLECULAR REPLACEMENT' 
_refine.pdbx_stereochemistry_target_values       'Engh & Huber' 
_refine.pdbx_stereochem_target_val_spec_case     ? 
_refine.pdbx_R_Free_selection_details            Random 
_refine.B_iso_max                                105.440 
_refine.B_iso_min                                45.580 
_refine.pdbx_overall_phase_error                 ? 
_refine.occupancy_max                            1.000 
_refine.occupancy_min                            1.000 
_refine.pdbx_diffrn_id                           1 
_refine.pdbx_refine_id                           'X-RAY DIFFRACTION' 
_refine.ls_redundancy_reflns_obs                 ? 
_refine.solvent_model_details                    ? 
_refine.overall_SU_B                             ? 
_refine.overall_SU_ML                            ? 
_refine.pdbx_overall_ESU_R                       ? 
_refine.pdbx_overall_ESU_R_Free                  ? 
_refine.pdbx_solvent_vdw_probe_radii             ? 
_refine.pdbx_solvent_ion_probe_radii             ? 
_refine.pdbx_solvent_shrinkage_radii             ? 
_refine.overall_SU_R_Cruickshank_DPI             ? 
_refine.overall_SU_R_free                        ? 
_refine.ls_wR_factor_R_free                      ? 
_refine.ls_wR_factor_R_work                      ? 
_refine.overall_FOM_free_R_set                   ? 
_refine.overall_FOM_work_R_set                   ? 
_refine.pdbx_TLS_residual_ADP_flag               ? 
_refine.pdbx_overall_SU_R_free_Cruickshank_DPI   ? 
_refine.pdbx_overall_SU_R_Blow_DPI               ? 
_refine.pdbx_overall_SU_R_free_Blow_DPI          ? 
# 
_refine_analyze.entry_id                        4EM0 
_refine_analyze.Luzzati_coordinate_error_obs    0.37 
_refine_analyze.Luzzati_sigma_a_obs             0.49 
_refine_analyze.Luzzati_d_res_low_obs           ? 
_refine_analyze.Luzzati_coordinate_error_free   ? 
_refine_analyze.Luzzati_sigma_a_free            ? 
_refine_analyze.Luzzati_d_res_low_free          ? 
_refine_analyze.number_disordered_residues      ? 
_refine_analyze.occupancy_sum_hydrogen          ? 
_refine_analyze.occupancy_sum_non_hydrogen      ? 
_refine_analyze.pdbx_Luzzati_d_res_high_obs     ? 
_refine_analyze.pdbx_refine_id                  'X-RAY DIFFRACTION' 
# 
_refine_hist.pdbx_refine_id                   'X-RAY DIFFRACTION' 
_refine_hist.cycle_id                         LAST 
_refine_hist.pdbx_number_atoms_protein        1234 
_refine_hist.pdbx_number_atoms_nucleic_acid   0 
_refine_hist.pdbx_number_atoms_ligand         43 
_refine_hist.number_atoms_solvent             55 
_refine_hist.number_atoms_total               1332 
_refine_hist.d_res_high                       2.9 
_refine_hist.d_res_low                        30 
# 
loop_
_refine_ls_restr.type 
_refine_ls_restr.dev_ideal 
_refine_ls_restr.dev_ideal_target 
_refine_ls_restr.weight 
_refine_ls_restr.number 
_refine_ls_restr.pdbx_restraint_function 
_refine_ls_restr.pdbx_refine_id 
c_bond_d     0.011 ?     ? ? ? 'X-RAY DIFFRACTION' 
c_angle_deg  1.5   ?     ? ? ? 'X-RAY DIFFRACTION' 
c_mcbond_it  1.102 1.500 ? ? ? 'X-RAY DIFFRACTION' 
c_scbond_it  1.347 2.000 ? ? ? 'X-RAY DIFFRACTION' 
c_mcangle_it 1.931 2.000 ? ? ? 'X-RAY DIFFRACTION' 
c_scangle_it 2.230 2.500 ? ? ? 'X-RAY DIFFRACTION' 
# 
_refine_ls_shell.pdbx_refine_id                   'X-RAY DIFFRACTION' 
_refine_ls_shell.pdbx_total_number_of_bins_used   ? 
_refine_ls_shell.d_res_high                       2.9 
_refine_ls_shell.d_res_low                        3.03 
_refine_ls_shell.number_reflns_R_work             ? 
_refine_ls_shell.R_factor_R_work                  ? 
_refine_ls_shell.percent_reflns_obs               77.9 
_refine_ls_shell.R_factor_R_free                  ? 
_refine_ls_shell.R_factor_R_free_error            ? 
_refine_ls_shell.percent_reflns_R_free            ? 
_refine_ls_shell.number_reflns_R_free             27 
_refine_ls_shell.number_reflns_all                ? 
_refine_ls_shell.R_factor_all                     ? 
_refine_ls_shell.number_reflns_obs                523 
_refine_ls_shell.redundancy_reflns_obs            ? 
# 
loop_
_pdbx_xplor_file.pdbx_refine_id 
_pdbx_xplor_file.serial_no 
_pdbx_xplor_file.param_file 
_pdbx_xplor_file.topol_file 
'X-RAY DIFFRACTION' 1 protein_rep.param   ? 
'X-RAY DIFFRACTION' 2 water_rep.param     ? 
'X-RAY DIFFRACTION' 3 sal_xplor_par.param ? 
'X-RAY DIFFRACTION' 4 kan.param           ? 
# 
_struct.entry_id                  4EM0 
_struct.title                     'staphylococcus aureus MarR in complex with salicylate and kanamycin' 
_struct.pdbx_model_details        ? 
_struct.pdbx_CASP_flag            ? 
_struct.pdbx_model_type_details   ? 
# 
_struct_keywords.entry_id        4EM0 
_struct_keywords.pdbx_keywords   TRANSCRIPTION/ANTIBIOTIC 
_struct_keywords.text            'marR family proteins, MarR, kanamycin, salicylate, TRANSCRIPTION-ANTIBIOTIC complex' 
# 
loop_
_struct_asym.id 
_struct_asym.pdbx_blank_PDB_chainid_flag 
_struct_asym.pdbx_modified 
_struct_asym.entity_id 
_struct_asym.details 
A N N 1 ? 
B N N 2 ? 
C N N 3 ? 
D N N 4 ? 
# 
_struct_biol.id        1 
_struct_biol.details   ? 
# 
loop_
_struct_conf.conf_type_id 
_struct_conf.id 
_struct_conf.pdbx_PDB_helix_id 
_struct_conf.beg_label_comp_id 
_struct_conf.beg_label_asym_id 
_struct_conf.beg_label_seq_id 
_struct_conf.pdbx_beg_PDB_ins_code 
_struct_conf.end_label_comp_id 
_struct_conf.end_label_asym_id 
_struct_conf.end_label_seq_id 
_struct_conf.pdbx_end_PDB_ins_code 
_struct_conf.beg_auth_comp_id 
_struct_conf.beg_auth_asym_id 
_struct_conf.beg_auth_seq_id 
_struct_conf.end_auth_comp_id 
_struct_conf.end_auth_asym_id 
_struct_conf.end_auth_seq_id 
_struct_conf.pdbx_PDB_helix_class 
_struct_conf.details 
_struct_conf.pdbx_PDB_helix_length 
HELX_P HELX_P1 1 THR A 1   ? PHE A 6   ? THR B 7   PHE B 12  1 ? 6  
HELX_P HELX_P2 2 LEU A 34  ? THR A 44  ? LEU B 40  THR B 50  1 ? 11 
HELX_P HELX_P3 3 ILE A 45  ? LYS A 59  ? ILE B 51  LYS B 65  1 ? 15 
HELX_P HELX_P4 4 TYR A 63  ? GLN A 77  ? TYR B 69  GLN B 83  1 ? 15 
HELX_P HELX_P5 5 LEU A 81  ? ALA A 89  ? LEU B 87  ALA B 95  1 ? 9  
HELX_P HELX_P6 6 GLU A 91  ? ASN A 105 ? GLU B 97  ASN B 111 1 ? 15 
HELX_P HELX_P7 7 THR A 125 ? ALA A 148 ? THR B 131 ALA B 154 1 ? 24 
HELX_P HELX_P8 8 SER A 153 ? LYS A 173 ? SER B 159 LYS B 179 1 ? 21 
# 
_struct_conf_type.id          HELX_P 
_struct_conf_type.criteria    ? 
_struct_conf_type.reference   ? 
# 
_struct_mon_prot_cis.pdbx_id                1 
_struct_mon_prot_cis.label_comp_id          GLN 
_struct_mon_prot_cis.label_seq_id           77 
_struct_mon_prot_cis.label_asym_id          A 
_struct_mon_prot_cis.label_alt_id           . 
_struct_mon_prot_cis.pdbx_PDB_ins_code      ? 
_struct_mon_prot_cis.auth_comp_id           GLN 
_struct_mon_prot_cis.auth_seq_id            83 
_struct_mon_prot_cis.auth_asym_id           B 
_struct_mon_prot_cis.pdbx_label_comp_id_2   PRO 
_struct_mon_prot_cis.pdbx_label_seq_id_2    78 
_struct_mon_prot_cis.pdbx_label_asym_id_2   A 
_struct_mon_prot_cis.pdbx_PDB_ins_code_2    ? 
_struct_mon_prot_cis.pdbx_auth_comp_id_2    PRO 
_struct_mon_prot_cis.pdbx_auth_seq_id_2     84 
_struct_mon_prot_cis.pdbx_auth_asym_id_2    B 
_struct_mon_prot_cis.pdbx_PDB_model_num     1 
_struct_mon_prot_cis.pdbx_omega_angle       -0.27 
# 
_struct_sheet.id               A 
_struct_sheet.type             ? 
_struct_sheet.number_strands   3 
_struct_sheet.details          ? 
# 
loop_
_struct_sheet_order.sheet_id 
_struct_sheet_order.range_id_1 
_struct_sheet_order.range_id_2 
_struct_sheet_order.offset 
_struct_sheet_order.sense 
A 1 2 ? anti-parallel 
A 2 3 ? anti-parallel 
# 
loop_
_struct_sheet_range.sheet_id 
_struct_sheet_range.id 
_struct_sheet_range.beg_label_comp_id 
_struct_sheet_range.beg_label_asym_id 
_struct_sheet_range.beg_label_seq_id 
_struct_sheet_range.pdbx_beg_PDB_ins_code 
_struct_sheet_range.end_label_comp_id 
_struct_sheet_range.end_label_asym_id 
_struct_sheet_range.end_label_seq_id 
_struct_sheet_range.pdbx_end_PDB_ins_code 
_struct_sheet_range.beg_auth_comp_id 
_struct_sheet_range.beg_auth_asym_id 
_struct_sheet_range.beg_auth_seq_id 
_struct_sheet_range.end_auth_comp_id 
_struct_sheet_range.end_auth_asym_id 
_struct_sheet_range.end_auth_seq_id 
A 1 THR A 79  ? THR A 80  ? THR B 85  THR B 86  
A 2 PHE A 121 ? LEU A 124 ? PHE B 127 LEU B 130 
A 3 ILE A 108 ? VAL A 110 ? ILE B 114 VAL B 116 
# 
loop_
_pdbx_struct_sheet_hbond.sheet_id 
_pdbx_struct_sheet_hbond.range_id_1 
_pdbx_struct_sheet_hbond.range_id_2 
_pdbx_struct_sheet_hbond.range_1_label_atom_id 
_pdbx_struct_sheet_hbond.range_1_label_comp_id 
_pdbx_struct_sheet_hbond.range_1_label_asym_id 
_pdbx_struct_sheet_hbond.range_1_label_seq_id 
_pdbx_struct_sheet_hbond.range_1_PDB_ins_code 
_pdbx_struct_sheet_hbond.range_1_auth_atom_id 
_pdbx_struct_sheet_hbond.range_1_auth_comp_id 
_pdbx_struct_sheet_hbond.range_1_auth_asym_id 
_pdbx_struct_sheet_hbond.range_1_auth_seq_id 
_pdbx_struct_sheet_hbond.range_2_label_atom_id 
_pdbx_struct_sheet_hbond.range_2_label_comp_id 
_pdbx_struct_sheet_hbond.range_2_label_asym_id 
_pdbx_struct_sheet_hbond.range_2_label_seq_id 
_pdbx_struct_sheet_hbond.range_2_PDB_ins_code 
_pdbx_struct_sheet_hbond.range_2_auth_atom_id 
_pdbx_struct_sheet_hbond.range_2_auth_comp_id 
_pdbx_struct_sheet_hbond.range_2_auth_asym_id 
_pdbx_struct_sheet_hbond.range_2_auth_seq_id 
A 1 2 N THR A 79  ? N THR B 85  O LEU A 122 ? O LEU B 128 
A 2 3 O THR A 123 ? O THR B 129 N THR A 109 ? N THR B 115 
# 
loop_
_struct_site.id 
_struct_site.pdbx_evidence_code 
_struct_site.pdbx_auth_asym_id 
_struct_site.pdbx_auth_comp_id 
_struct_site.pdbx_auth_seq_id 
_struct_site.pdbx_auth_ins_code 
_struct_site.pdbx_num_residues 
_struct_site.details 
AC1 Software B SAL 301 ? 4  'BINDING SITE FOR RESIDUE SAL B 301' 
AC2 Software B KAN 302 ? 15 'BINDING SITE FOR RESIDUE KAN B 302' 
# 
loop_
_struct_site_gen.id 
_struct_site_gen.site_id 
_struct_site_gen.pdbx_num_res 
_struct_site_gen.label_comp_id 
_struct_site_gen.label_asym_id 
_struct_site_gen.label_seq_id 
_struct_site_gen.pdbx_auth_ins_code 
_struct_site_gen.auth_comp_id 
_struct_site_gen.auth_asym_id 
_struct_site_gen.auth_seq_id 
_struct_site_gen.label_atom_id 
_struct_site_gen.label_alt_id 
_struct_site_gen.symmetry 
_struct_site_gen.details 
1  AC1 4  ARG A 96  ? ARG B 102 . ? 1_555 ? 
2  AC1 4  LYS A 100 ? LYS B 106 . ? 1_555 ? 
3  AC1 4  LYS A 117 ? LYS B 123 . ? 1_555 ? 
4  AC1 4  HOH D .   ? HOH B 754 . ? 1_555 ? 
5  AC2 15 ASN A 40  ? ASN B 46  . ? 5_555 ? 
6  AC2 15 ILE A 43  ? ILE B 49  . ? 5_555 ? 
7  AC2 15 THR A 44  ? THR B 50  . ? 5_555 ? 
8  AC2 15 TYR A 46  ? TYR B 52  . ? 1_555 ? 
9  AC2 15 ARG A 47  ? ARG B 53  . ? 5_555 ? 
10 AC2 15 TYR A 49  ? TYR B 55  . ? 1_555 ? 
11 AC2 15 LEU A 50  ? LEU B 56  . ? 1_555 ? 
12 AC2 15 THR A 53  ? THR B 59  . ? 1_555 ? 
13 AC2 15 TYR A 64  ? TYR B 70  . ? 1_555 ? 
14 AC2 15 TRP A 67  ? TRP B 73  . ? 1_555 ? 
15 AC2 15 LEU A 68  ? LEU B 74  . ? 1_555 ? 
16 AC2 15 ARG A 71  ? ARG B 77  . ? 1_555 ? 
17 AC2 15 ARG A 88  ? ARG B 94  . ? 1_555 ? 
18 AC2 15 VAL A 139 ? VAL B 145 . ? 1_555 ? 
19 AC2 15 GLN A 143 ? GLN B 149 . ? 1_555 ? 
# 
_atom_sites.entry_id                    4EM0 
_atom_sites.fract_transf_matrix[1][1]   0.00833412 
_atom_sites.fract_transf_matrix[1][2]   0.00854256 
_atom_sites.fract_transf_matrix[1][3]   -0.00700399 
_atom_sites.fract_transf_matrix[2][1]   0.00954926 
_atom_sites.fract_transf_matrix[2][2]   0.00741304 
_atom_sites.fract_transf_matrix[2][3]   0.00673415 
_atom_sites.fract_transf_matrix[3][1]   0.01079598 
_atom_sites.fract_transf_matrix[3][2]   -0.01213338 
_atom_sites.fract_transf_matrix[3][3]   -0.00195248 
_atom_sites.fract_transf_vector[1]      0.384752 
_atom_sites.fract_transf_vector[2]      -0.133271 
_atom_sites.fract_transf_vector[3]      0.091384 
# 
loop_
_atom_type.symbol 
C 
N 
O 
S 
# 
loop_
_atom_site.group_PDB 
_atom_site.id 
_atom_site.type_symbol 
_atom_site.label_atom_id 
_atom_site.label_alt_id 
_atom_site.label_comp_id 
_atom_site.label_asym_id 
_atom_site.label_entity_id 
_atom_site.label_seq_id 
_atom_site.pdbx_PDB_ins_code 
_atom_site.Cartn_x 
_atom_site.Cartn_y 
_atom_site.Cartn_z 
_atom_site.occupancy 
_atom_site.B_iso_or_equiv 
_atom_site.pdbx_formal_charge 
_atom_site.auth_seq_id 
_atom_site.auth_comp_id 
_atom_site.auth_asym_id 
_atom_site.auth_atom_id 
_atom_site.pdbx_PDB_model_num 
ATOM   1    N N     . THR A 1 1   ? 13.570  -5.401  -9.233  1.00 95.64  ? 7   THR B N     1 
ATOM   2    C CA    . THR A 1 1   ? 13.495  -3.922  -9.056  1.00 96.22  ? 7   THR B CA    1 
ATOM   3    C C     . THR A 1 1   ? 12.172  -3.506  -8.426  1.00 96.44  ? 7   THR B C     1 
ATOM   4    O O     . THR A 1 1   ? 11.996  -2.340  -8.082  1.00 96.18  ? 7   THR B O     1 
ATOM   5    C CB    . THR A 1 1   ? 13.657  -3.158  -10.411 1.00 96.30  ? 7   THR B CB    1 
ATOM   6    O OG1   . THR A 1 1   ? 14.932  -3.465  -10.986 1.00 96.74  ? 7   THR B OG1   1 
ATOM   7    C CG2   . THR A 1 1   ? 13.583  -1.643  -10.202 1.00 95.64  ? 7   THR B CG2   1 
ATOM   8    N N     . ALA A 1 2   ? 11.245  -4.449  -8.262  1.00 96.88  ? 8   ALA B N     1 
ATOM   9    C CA    . ALA A 1 2   ? 9.944   -4.124  -7.664  1.00 97.75  ? 8   ALA B CA    1 
ATOM   10   C C     . ALA A 1 2   ? 10.099  -3.507  -6.268  1.00 98.10  ? 8   ALA B C     1 
ATOM   11   O O     . ALA A 1 2   ? 9.510   -2.458  -5.978  1.00 98.94  ? 8   ALA B O     1 
ATOM   12   C CB    . ALA A 1 2   ? 9.058   -5.361  -7.597  1.00 97.02  ? 8   ALA B CB    1 
ATOM   13   N N     . ALA A 1 3   ? 10.885  -4.162  -5.411  1.00 98.17  ? 9   ALA B N     1 
ATOM   14   C CA    . ALA A 1 3   ? 11.145  -3.681  -4.050  1.00 96.96  ? 9   ALA B CA    1 
ATOM   15   C C     . ALA A 1 3   ? 12.250  -2.627  -4.105  1.00 96.43  ? 9   ALA B C     1 
ATOM   16   O O     . ALA A 1 3   ? 12.273  -1.683  -3.306  1.00 95.92  ? 9   ALA B O     1 
ATOM   17   C CB    . ALA A 1 3   ? 11.568  -4.846  -3.161  1.00 96.42  ? 9   ALA B CB    1 
ATOM   18   N N     . ALA A 1 4   ? 13.159  -2.802  -5.066  1.00 95.63  ? 10  ALA B N     1 
ATOM   19   C CA    . ALA A 1 4   ? 14.280  -1.894  -5.279  1.00 95.03  ? 10  ALA B CA    1 
ATOM   20   C C     . ALA A 1 4   ? 13.815  -0.518  -5.756  1.00 94.89  ? 10  ALA B C     1 
ATOM   21   O O     . ALA A 1 4   ? 14.206  0.512   -5.191  1.00 94.55  ? 10  ALA B O     1 
ATOM   22   C CB    . ALA A 1 4   ? 15.240  -2.493  -6.294  1.00 94.99  ? 10  ALA B CB    1 
ATOM   23   N N     . LYS A 1 5   ? 12.984  -0.519  -6.798  1.00 94.30  ? 11  LYS B N     1 
ATOM   24   C CA    . LYS A 1 5   ? 12.434  0.699   -7.389  1.00 94.36  ? 11  LYS B CA    1 
ATOM   25   C C     . LYS A 1 5   ? 11.823  1.580   -6.305  1.00 93.83  ? 11  LYS B C     1 
ATOM   26   O O     . LYS A 1 5   ? 12.040  2.801   -6.280  1.00 93.73  ? 11  LYS B O     1 
ATOM   27   C CB    . LYS A 1 5   ? 11.365  0.328   -8.426  1.00 94.96  ? 11  LYS B CB    1 
ATOM   28   C CG    . LYS A 1 5   ? 10.907  1.451   -9.356  1.00 96.01  ? 11  LYS B CG    1 
ATOM   29   C CD    . LYS A 1 5   ? 10.221  0.836   -10.586 1.00 96.64  ? 11  LYS B CD    1 
ATOM   30   C CE    . LYS A 1 5   ? 9.857   1.859   -11.662 1.00 96.67  ? 11  LYS B CE    1 
ATOM   31   N NZ    . LYS A 1 5   ? 8.725   2.739   -11.262 1.00 96.88  ? 11  LYS B NZ    1 
ATOM   32   N N     . PHE A 1 6   ? 11.075  0.949   -5.400  1.00 92.58  ? 12  PHE B N     1 
ATOM   33   C CA    . PHE A 1 6   ? 10.421  1.652   -4.302  1.00 91.93  ? 12  PHE B CA    1 
ATOM   34   C C     . PHE A 1 6   ? 11.458  2.119   -3.268  1.00 91.73  ? 12  PHE B C     1 
ATOM   35   O O     . PHE A 1 6   ? 11.119  2.469   -2.137  1.00 90.57  ? 12  PHE B O     1 
ATOM   36   C CB    . PHE A 1 6   ? 9.373   0.728   -3.662  1.00 91.10  ? 12  PHE B CB    1 
ATOM   37   C CG    . PHE A 1 6   ? 8.200   1.460   -3.056  1.00 90.47  ? 12  PHE B CG    1 
ATOM   38   C CD1   . PHE A 1 6   ? 7.633   2.560   -3.708  1.00 90.02  ? 12  PHE B CD1   1 
ATOM   39   C CD2   . PHE A 1 6   ? 7.670   1.061   -1.828  1.00 89.93  ? 12  PHE B CD2   1 
ATOM   40   C CE1   . PHE A 1 6   ? 6.562   3.252   -3.141  1.00 89.14  ? 12  PHE B CE1   1 
ATOM   41   C CE2   . PHE A 1 6   ? 6.603   1.745   -1.255  1.00 89.49  ? 12  PHE B CE2   1 
ATOM   42   C CZ    . PHE A 1 6   ? 6.050   2.843   -1.914  1.00 89.55  ? 12  PHE B CZ    1 
ATOM   43   N N     . GLU A 1 7   ? 12.720  2.127   -3.708  1.00 92.31  ? 13  GLU B N     1 
ATOM   44   C CA    . GLU A 1 7   ? 13.907  2.525   -2.941  1.00 92.31  ? 13  GLU B CA    1 
ATOM   45   C C     . GLU A 1 7   ? 13.725  2.901   -1.463  1.00 92.71  ? 13  GLU B C     1 
ATOM   46   O O     . GLU A 1 7   ? 14.210  2.138   -0.594  1.00 91.94  ? 13  GLU B O     1 
ATOM   47   C CB    . GLU A 1 7   ? 14.611  3.681   -3.659  1.00 91.40  ? 13  GLU B CB    1 
ATOM   48   C CG    . GLU A 1 7   ? 13.966  5.027   -3.452  1.00 91.24  ? 13  GLU B CG    1 
ATOM   49   C CD    . GLU A 1 7   ? 14.953  6.163   -3.642  1.00 91.63  ? 13  GLU B CD    1 
ATOM   50   O OE1   . GLU A 1 7   ? 15.148  6.572   -4.804  1.00 91.76  ? 13  GLU B OE1   1 
ATOM   51   O OE2   . GLU A 1 7   ? 15.543  6.635   -2.635  1.00 91.01  ? 13  GLU B OE2   1 
ATOM   52   N N     . MET A 1 33  ? 19.488  2.067   25.517  1.00 90.70  ? 39  MET B N     1 
ATOM   53   C CA    . MET A 1 33  ? 18.159  2.651   25.182  1.00 90.16  ? 39  MET B CA    1 
ATOM   54   C C     . MET A 1 33  ? 17.176  1.614   24.629  1.00 90.34  ? 39  MET B C     1 
ATOM   55   O O     . MET A 1 33  ? 17.410  0.984   23.592  1.00 89.48  ? 39  MET B O     1 
ATOM   56   C CB    . MET A 1 33  ? 18.350  3.793   24.193  1.00 90.23  ? 39  MET B CB    1 
ATOM   57   C CG    . MET A 1 33  ? 18.818  5.070   24.845  1.00 90.33  ? 39  MET B CG    1 
ATOM   58   S SD    . MET A 1 33  ? 17.414  6.073   25.323  1.00 91.82  ? 39  MET B SD    1 
ATOM   59   C CE    . MET A 1 33  ? 17.069  5.503   26.974  1.00 91.65  ? 39  MET B CE    1 
ATOM   60   N N     . LEU A 1 34  ? 16.072  1.438   25.350  1.00 90.32  ? 40  LEU B N     1 
ATOM   61   C CA    . LEU A 1 34  ? 15.048  0.480   24.970  1.00 89.18  ? 40  LEU B CA    1 
ATOM   62   C C     . LEU A 1 34  ? 14.240  1.057   23.814  1.00 88.46  ? 40  LEU B C     1 
ATOM   63   O O     . LEU A 1 34  ? 13.908  0.337   22.864  1.00 89.33  ? 40  LEU B O     1 
ATOM   64   C CB    . LEU A 1 34  ? 14.123  0.190   26.157  1.00 88.93  ? 40  LEU B CB    1 
ATOM   65   C CG    . LEU A 1 34  ? 13.509  -1.214  26.211  1.00 89.80  ? 40  LEU B CG    1 
ATOM   66   C CD1   . LEU A 1 34  ? 14.575  -2.211  26.661  1.00 90.51  ? 40  LEU B CD1   1 
ATOM   67   C CD2   . LEU A 1 34  ? 12.339  -1.241  27.183  1.00 89.92  ? 40  LEU B CD2   1 
ATOM   68   N N     . SER A 1 35  ? 13.935  2.353   23.896  1.00 86.09  ? 41  SER B N     1 
ATOM   69   C CA    . SER A 1 35  ? 13.165  3.027   22.851  1.00 83.58  ? 41  SER B CA    1 
ATOM   70   C C     . SER A 1 35  ? 13.880  2.962   21.502  1.00 81.79  ? 41  SER B C     1 
ATOM   71   O O     . SER A 1 35  ? 13.243  2.894   20.459  1.00 80.77  ? 41  SER B O     1 
ATOM   72   C CB    . SER A 1 35  ? 12.895  4.489   23.244  1.00 83.37  ? 41  SER B CB    1 
ATOM   73   O OG    . SER A 1 35  ? 14.085  5.178   23.582  1.00 82.57  ? 41  SER B OG    1 
ATOM   74   N N     . GLN A 1 36  ? 15.206  2.982   21.527  1.00 80.32  ? 42  GLN B N     1 
ATOM   75   C CA    . GLN A 1 36  ? 15.973  2.905   20.297  1.00 78.70  ? 42  GLN B CA    1 
ATOM   76   C C     . GLN A 1 36  ? 15.809  1.499   19.730  1.00 76.29  ? 42  GLN B C     1 
ATOM   77   O O     . GLN A 1 36  ? 15.670  1.325   18.524  1.00 75.28  ? 42  GLN B O     1 
ATOM   78   C CB    . GLN A 1 36  ? 17.446  3.190   20.579  1.00 81.30  ? 42  GLN B CB    1 
ATOM   79   C CG    . GLN A 1 36  ? 18.283  3.436   19.336  1.00 84.64  ? 42  GLN B CG    1 
ATOM   80   C CD    . GLN A 1 36  ? 19.763  3.598   19.647  1.00 87.58  ? 42  GLN B CD    1 
ATOM   81   O OE1   . GLN A 1 36  ? 20.537  4.060   18.809  1.00 88.47  ? 42  GLN B OE1   1 
ATOM   82   N NE2   . GLN A 1 36  ? 20.165  3.208   20.855  1.00 87.82  ? 42  GLN B NE2   1 
ATOM   83   N N     . GLU A 1 37  ? 15.818  0.505   20.620  1.00 74.38  ? 43  GLU B N     1 
ATOM   84   C CA    . GLU A 1 37  ? 15.666  -0.901  20.242  1.00 71.10  ? 43  GLU B CA    1 
ATOM   85   C C     . GLU A 1 37  ? 14.203  -1.230  19.929  1.00 68.44  ? 43  GLU B C     1 
ATOM   86   O O     . GLU A 1 37  ? 13.889  -2.254  19.304  1.00 67.77  ? 43  GLU B O     1 
ATOM   87   C CB    . GLU A 1 37  ? 16.160  -1.822  21.364  1.00 71.33  ? 43  GLU B CB    1 
ATOM   88   C CG    . GLU A 1 37  ? 16.180  -3.299  20.941  1.00 74.50  ? 43  GLU B CG    1 
ATOM   89   C CD    . GLU A 1 37  ? 16.582  -4.278  22.050  1.00 75.10  ? 43  GLU B CD    1 
ATOM   90   O OE1   . GLU A 1 37  ? 15.835  -4.406  23.043  1.00 74.61  ? 43  GLU B OE1   1 
ATOM   91   O OE2   . GLU A 1 37  ? 17.644  -4.929  21.921  1.00 74.75  ? 43  GLU B OE2   1 
ATOM   92   N N     . PHE A 1 38  ? 13.315  -0.352  20.373  1.00 64.58  ? 44  PHE B N     1 
ATOM   93   C CA    . PHE A 1 38  ? 11.892  -0.527  20.162  1.00 61.89  ? 44  PHE B CA    1 
ATOM   94   C C     . PHE A 1 38  ? 11.522  -0.087  18.744  1.00 61.83  ? 44  PHE B C     1 
ATOM   95   O O     . PHE A 1 38  ? 10.905  -0.834  17.972  1.00 62.88  ? 44  PHE B O     1 
ATOM   96   C CB    . PHE A 1 38  ? 11.135  0.304   21.187  1.00 59.00  ? 44  PHE B CB    1 
ATOM   97   C CG    . PHE A 1 38  ? 9.656   0.294   20.999  1.00 56.22  ? 44  PHE B CG    1 
ATOM   98   C CD1   . PHE A 1 38  ? 8.938   -0.895  21.076  1.00 54.61  ? 44  PHE B CD1   1 
ATOM   99   C CD2   . PHE A 1 38  ? 8.979   1.471   20.746  1.00 53.77  ? 44  PHE B CD2   1 
ATOM   100  C CE1   . PHE A 1 38  ? 7.566   -0.915  20.901  1.00 54.35  ? 44  PHE B CE1   1 
ATOM   101  C CE2   . PHE A 1 38  ? 7.611   1.463   20.571  1.00 54.82  ? 44  PHE B CE2   1 
ATOM   102  C CZ    . PHE A 1 38  ? 6.899   0.263   20.646  1.00 54.48  ? 44  PHE B CZ    1 
ATOM   103  N N     . PHE A 1 39  ? 11.899  1.136   18.404  1.00 59.49  ? 45  PHE B N     1 
ATOM   104  C CA    . PHE A 1 39  ? 11.615  1.656   17.090  1.00 56.43  ? 45  PHE B CA    1 
ATOM   105  C C     . PHE A 1 39  ? 12.389  0.906   16.034  1.00 56.73  ? 45  PHE B C     1 
ATOM   106  O O     . PHE A 1 39  ? 11.997  0.876   14.873  1.00 57.28  ? 45  PHE B O     1 
ATOM   107  C CB    . PHE A 1 39  ? 11.982  3.126   17.013  1.00 53.81  ? 45  PHE B CB    1 
ATOM   108  C CG    . PHE A 1 39  ? 10.860  4.041   17.364  1.00 50.43  ? 45  PHE B CG    1 
ATOM   109  C CD1   . PHE A 1 39  ? 10.668  4.466   18.665  1.00 49.60  ? 45  PHE B CD1   1 
ATOM   110  C CD2   . PHE A 1 39  ? 9.986   4.474   16.392  1.00 49.03  ? 45  PHE B CD2   1 
ATOM   111  C CE1   . PHE A 1 39  ? 9.623   5.307   18.985  1.00 48.58  ? 45  PHE B CE1   1 
ATOM   112  C CE2   . PHE A 1 39  ? 8.940   5.315   16.717  1.00 49.22  ? 45  PHE B CE2   1 
ATOM   113  C CZ    . PHE A 1 39  ? 8.762   5.731   18.015  1.00 46.90  ? 45  PHE B CZ    1 
ATOM   114  N N     . ASN A 1 40  ? 13.490  0.291   16.428  1.00 56.08  ? 46  ASN B N     1 
ATOM   115  C CA    . ASN A 1 40  ? 14.301  -0.414  15.458  1.00 56.87  ? 46  ASN B CA    1 
ATOM   116  C C     . ASN A 1 40  ? 13.775  -1.771  15.111  1.00 57.30  ? 46  ASN B C     1 
ATOM   117  O O     . ASN A 1 40  ? 13.958  -2.250  13.996  1.00 56.39  ? 46  ASN B O     1 
ATOM   118  C CB    . ASN A 1 40  ? 15.735  -0.520  15.956  1.00 58.49  ? 46  ASN B CB    1 
ATOM   119  C CG    . ASN A 1 40  ? 16.489  0.775   15.803  1.00 59.86  ? 46  ASN B CG    1 
ATOM   120  O OD1   . ASN A 1 40  ? 15.901  1.876   15.863  1.00 61.90  ? 46  ASN B OD1   1 
ATOM   121  N ND2   . ASN A 1 40  ? 17.801  0.667   15.615  1.00 59.52  ? 46  ASN B ND2   1 
ATOM   122  N N     . SER A 1 41  ? 13.110  -2.404  16.061  1.00 59.10  ? 47  SER B N     1 
ATOM   123  C CA    . SER A 1 41  ? 12.582  -3.723  15.779  1.00 59.65  ? 47  SER B CA    1 
ATOM   124  C C     . SER A 1 41  ? 11.544  -3.622  14.678  1.00 59.46  ? 47  SER B C     1 
ATOM   125  O O     . SER A 1 41  ? 11.502  -4.493  13.804  1.00 61.14  ? 47  SER B O     1 
ATOM   126  C CB    . SER A 1 41  ? 11.987  -4.376  17.033  1.00 59.38  ? 47  SER B CB    1 
ATOM   127  O OG    . SER A 1 41  ? 10.971  -3.582  17.609  1.00 60.66  ? 47  SER B OG    1 
ATOM   128  N N     . PHE A 1 42  ? 10.735  -2.560  14.687  1.00 57.95  ? 48  PHE B N     1 
ATOM   129  C CA    . PHE A 1 42  ? 9.715   -2.436  13.666  1.00 57.75  ? 48  PHE B CA    1 
ATOM   130  C C     . PHE A 1 42  ? 10.053  -1.575  12.447  1.00 57.81  ? 48  PHE B C     1 
ATOM   131  O O     . PHE A 1 42  ? 9.530   -1.808  11.351  1.00 58.00  ? 48  PHE B O     1 
ATOM   132  C CB    . PHE A 1 42  ? 8.361   -2.044  14.294  1.00 57.39  ? 48  PHE B CB    1 
ATOM   133  C CG    . PHE A 1 42  ? 8.287   -0.648  14.880  1.00 57.37  ? 48  PHE B CG    1 
ATOM   134  C CD1   . PHE A 1 42  ? 7.996   0.451   14.077  1.00 57.28  ? 48  PHE B CD1   1 
ATOM   135  C CD2   . PHE A 1 42  ? 8.376   -0.449  16.253  1.00 57.54  ? 48  PHE B CD2   1 
ATOM   136  C CE1   . PHE A 1 42  ? 7.788   1.717   14.636  1.00 56.94  ? 48  PHE B CE1   1 
ATOM   137  C CE2   . PHE A 1 42  ? 8.171   0.812   16.810  1.00 57.40  ? 48  PHE B CE2   1 
ATOM   138  C CZ    . PHE A 1 42  ? 7.876   1.891   16.000  1.00 56.84  ? 48  PHE B CZ    1 
ATOM   139  N N     . ILE A 1 43  ? 10.946  -0.612  12.608  1.00 56.85  ? 49  ILE B N     1 
ATOM   140  C CA    . ILE A 1 43  ? 11.304  0.231   11.476  1.00 56.77  ? 49  ILE B CA    1 
ATOM   141  C C     . ILE A 1 43  ? 12.354  -0.437  10.575  1.00 56.52  ? 49  ILE B C     1 
ATOM   142  O O     . ILE A 1 43  ? 12.634  0.047   9.488   1.00 57.98  ? 49  ILE B O     1 
ATOM   143  C CB    . ILE A 1 43  ? 11.824  1.628   11.954  1.00 54.29  ? 49  ILE B CB    1 
ATOM   144  C CG1   . ILE A 1 43  ? 10.686  2.444   12.580  1.00 53.05  ? 49  ILE B CG1   1 
ATOM   145  C CG2   . ILE A 1 43  ? 12.382  2.405   10.792  1.00 50.94  ? 49  ILE B CG2   1 
ATOM   146  C CD1   . ILE A 1 43  ? 9.666   3.001   11.590  1.00 50.18  ? 49  ILE B CD1   1 
ATOM   147  N N     . THR A 1 44  ? 12.937  -1.552  11.007  1.00 56.59  ? 50  THR B N     1 
ATOM   148  C CA    . THR A 1 44  ? 13.953  -2.222  10.171  1.00 56.59  ? 50  THR B CA    1 
ATOM   149  C C     . THR A 1 44  ? 13.436  -3.503  9.501   1.00 56.04  ? 50  THR B C     1 
ATOM   150  O O     . THR A 1 44  ? 14.166  -4.173  8.771   1.00 56.35  ? 50  THR B O     1 
ATOM   151  C CB    . THR A 1 44  ? 15.225  -2.598  10.983  1.00 55.61  ? 50  THR B CB    1 
ATOM   152  O OG1   . THR A 1 44  ? 14.850  -3.386  12.121  1.00 54.16  ? 50  THR B OG1   1 
ATOM   153  C CG2   . THR A 1 44  ? 15.972  -1.351  11.422  1.00 55.94  ? 50  THR B CG2   1 
ATOM   154  N N     . ILE A 1 45  ? 12.177  -3.823  9.757   1.00 55.26  ? 51  ILE B N     1 
ATOM   155  C CA    . ILE A 1 45  ? 11.538  -4.999  9.210   1.00 54.82  ? 51  ILE B CA    1 
ATOM   156  C C     . ILE A 1 45  ? 10.899  -4.646  7.855   1.00 53.64  ? 51  ILE B C     1 
ATOM   157  O O     . ILE A 1 45  ? 10.615  -5.514  7.040   1.00 53.14  ? 51  ILE B O     1 
ATOM   158  C CB    . ILE A 1 45  ? 10.441  -5.480  10.207  1.00 54.35  ? 51  ILE B CB    1 
ATOM   159  C CG1   . ILE A 1 45  ? 10.462  -6.996  10.352  1.00 54.64  ? 51  ILE B CG1   1 
ATOM   160  C CG2   . ILE A 1 45  ? 9.069   -5.082  9.722   1.00 52.78  ? 51  ILE B CG2   1 
ATOM   161  C CD1   . ILE A 1 45  ? 9.489   -7.485  11.405  1.00 53.52  ? 51  ILE B CD1   1 
ATOM   162  N N     . TYR A 1 46  ? 10.700  -3.353  7.632   1.00 54.65  ? 52  TYR B N     1 
ATOM   163  C CA    . TYR A 1 46  ? 10.033  -2.835  6.440   1.00 57.06  ? 52  TYR B CA    1 
ATOM   164  C C     . TYR A 1 46  ? 10.614  -3.133  5.056   1.00 58.00  ? 52  TYR B C     1 
ATOM   165  O O     . TYR A 1 46  ? 9.874   -3.375  4.101   1.00 57.09  ? 52  TYR B O     1 
ATOM   166  C CB    . TYR A 1 46  ? 9.860   -1.332  6.574   1.00 56.98  ? 52  TYR B CB    1 
ATOM   167  C CG    . TYR A 1 46  ? 8.931   -0.755  5.541   1.00 57.84  ? 52  TYR B CG    1 
ATOM   168  C CD1   . TYR A 1 46  ? 7.563   -0.768  5.744   1.00 58.31  ? 52  TYR B CD1   1 
ATOM   169  C CD2   . TYR A 1 46  ? 9.414   -0.186  4.367   1.00 58.27  ? 52  TYR B CD2   1 
ATOM   170  C CE1   . TYR A 1 46  ? 6.696   -0.234  4.824   1.00 58.85  ? 52  TYR B CE1   1 
ATOM   171  C CE2   . TYR A 1 46  ? 8.543   0.359   3.431   1.00 58.63  ? 52  TYR B CE2   1 
ATOM   172  C CZ    . TYR A 1 46  ? 7.188   0.327   3.677   1.00 59.90  ? 52  TYR B CZ    1 
ATOM   173  O OH    . TYR A 1 46  ? 6.302   0.860   2.781   1.00 62.90  ? 52  TYR B OH    1 
ATOM   174  N N     . ARG A 1 47  ? 11.928  -3.101  4.936   1.00 59.19  ? 53  ARG B N     1 
ATOM   175  C CA    . ARG A 1 47  ? 12.516  -3.363  3.642   1.00 60.76  ? 53  ARG B CA    1 
ATOM   176  C C     . ARG A 1 47  ? 12.699  -4.847  3.378   1.00 61.43  ? 53  ARG B C     1 
ATOM   177  O O     . ARG A 1 47  ? 12.615  -5.290  2.236   1.00 61.55  ? 53  ARG B O     1 
ATOM   178  C CB    . ARG A 1 47  ? 13.818  -2.584  3.518   1.00 62.38  ? 53  ARG B CB    1 
ATOM   179  C CG    . ARG A 1 47  ? 13.617  -1.074  3.652   1.00 66.27  ? 53  ARG B CG    1 
ATOM   180  C CD    . ARG A 1 47  ? 12.747  -0.460  2.558   1.00 71.49  ? 53  ARG B CD    1 
ATOM   181  N NE    . ARG A 1 47  ? 13.253  -0.669  1.193   1.00 76.54  ? 53  ARG B NE    1 
ATOM   182  C CZ    . ARG A 1 47  ? 12.690  -0.149  0.094   1.00 78.75  ? 53  ARG B CZ    1 
ATOM   183  N NH1   . ARG A 1 47  ? 11.602  0.615   0.202   1.00 79.29  ? 53  ARG B NH1   1 
ATOM   184  N NH2   . ARG A 1 47  ? 13.204  -0.391  -1.117  1.00 78.96  ? 53  ARG B NH2   1 
ATOM   185  N N     . PRO A 1 48  ? 12.961  -5.646  4.427   1.00 61.57  ? 54  PRO B N     1 
ATOM   186  C CA    . PRO A 1 48  ? 13.122  -7.082  4.182   1.00 61.66  ? 54  PRO B CA    1 
ATOM   187  C C     . PRO A 1 48  ? 11.779  -7.526  3.661   1.00 61.73  ? 54  PRO B C     1 
ATOM   188  O O     . PRO A 1 48  ? 11.670  -8.293  2.714   1.00 60.90  ? 54  PRO B O     1 
ATOM   189  C CB    . PRO A 1 48  ? 13.374  -7.639  5.577   1.00 61.02  ? 54  PRO B CB    1 
ATOM   190  C CG    . PRO A 1 48  ? 14.065  -6.532  6.247   1.00 60.35  ? 54  PRO B CG    1 
ATOM   191  C CD    . PRO A 1 48  ? 13.269  -5.332  5.830   1.00 60.97  ? 54  PRO B CD    1 
ATOM   192  N N     . TYR A 1 49  ? 10.762  -7.004  4.330   1.00 62.69  ? 55  TYR B N     1 
ATOM   193  C CA    . TYR A 1 49  ? 9.371   -7.257  4.038   1.00 63.71  ? 55  TYR B CA    1 
ATOM   194  C C     . TYR A 1 49  ? 8.993   -7.012  2.589   1.00 63.90  ? 55  TYR B C     1 
ATOM   195  O O     . TYR A 1 49  ? 8.311   -7.829  1.970   1.00 63.50  ? 55  TYR B O     1 
ATOM   196  C CB    . TYR A 1 49  ? 8.501   -6.363  4.882   1.00 64.03  ? 55  TYR B CB    1 
ATOM   197  C CG    . TYR A 1 49  ? 7.102   -6.802  4.758   1.00 66.31  ? 55  TYR B CG    1 
ATOM   198  C CD1   . TYR A 1 49  ? 6.701   -7.995  5.332   1.00 67.01  ? 55  TYR B CD1   1 
ATOM   199  C CD2   . TYR A 1 49  ? 6.182   -6.067  4.035   1.00 67.22  ? 55  TYR B CD2   1 
ATOM   200  C CE1   . TYR A 1 49  ? 5.427   -8.446  5.202   1.00 67.21  ? 55  TYR B CE1   1 
ATOM   201  C CE2   . TYR A 1 49  ? 4.883   -6.513  3.897   1.00 67.46  ? 55  TYR B CE2   1 
ATOM   202  C CZ    . TYR A 1 49  ? 4.518   -7.704  4.497   1.00 68.26  ? 55  TYR B CZ    1 
ATOM   203  O OH    . TYR A 1 49  ? 3.221   -8.131  4.484   1.00 70.27  ? 55  TYR B OH    1 
ATOM   204  N N     . LEU A 1 50  ? 9.401   -5.862  2.068   1.00 63.15  ? 56  LEU B N     1 
ATOM   205  C CA    . LEU A 1 50  ? 9.113   -5.515  0.693   1.00 62.41  ? 56  LEU B CA    1 
ATOM   206  C C     . LEU A 1 50  ? 9.871   -6.423  -0.241  1.00 62.80  ? 56  LEU B C     1 
ATOM   207  O O     . LEU A 1 50  ? 9.398   -6.741  -1.321  1.00 63.81  ? 56  LEU B O     1 
ATOM   208  C CB    . LEU A 1 50  ? 9.518   -4.083  0.411   1.00 61.98  ? 56  LEU B CB    1 
ATOM   209  C CG    . LEU A 1 50  ? 8.841   -3.032  1.269   1.00 62.10  ? 56  LEU B CG    1 
ATOM   210  C CD1   . LEU A 1 50  ? 9.237   -1.672  0.703   1.00 62.24  ? 56  LEU B CD1   1 
ATOM   211  C CD2   . LEU A 1 50  ? 7.317   -3.227  1.302   1.00 59.46  ? 56  LEU B CD2   1 
ATOM   212  N N     . LYS A 1 51  ? 11.062  -6.826  0.171   1.00 63.29  ? 57  LYS B N     1 
ATOM   213  C CA    . LYS A 1 51  ? 11.881  -7.705  -0.640  1.00 64.20  ? 57  LYS B CA    1 
ATOM   214  C C     . LYS A 1 51  ? 11.271  -9.095  -0.644  1.00 64.03  ? 57  LYS B C     1 
ATOM   215  O O     . LYS A 1 51  ? 11.508  -9.870  -1.563  1.00 66.20  ? 57  LYS B O     1 
ATOM   216  C CB    . LYS A 1 51  ? 13.295  -7.765  -0.077  1.00 65.44  ? 57  LYS B CB    1 
ATOM   217  C CG    . LYS A 1 51  ? 14.397  -7.775  -1.120  1.00 67.41  ? 57  LYS B CG    1 
ATOM   218  C CD    . LYS A 1 51  ? 15.383  -6.620  -0.856  1.00 69.32  ? 57  LYS B CD    1 
ATOM   219  C CE    . LYS A 1 51  ? 16.629  -6.660  -1.769  1.00 69.49  ? 57  LYS B CE    1 
ATOM   220  N NZ    . LYS A 1 51  ? 17.616  -7.751  -1.447  1.00 67.24  ? 57  LYS B NZ    1 
ATOM   221  N N     . LEU A 1 52  ? 10.481  -9.422  0.372   1.00 63.07  ? 58  LEU B N     1 
ATOM   222  C CA    . LEU A 1 52  ? 9.872   -10.741 0.419   1.00 62.63  ? 58  LEU B CA    1 
ATOM   223  C C     . LEU A 1 52  ? 8.563   -10.790 -0.353  1.00 62.30  ? 58  LEU B C     1 
ATOM   224  O O     . LEU A 1 52  ? 8.284   -11.743 -1.080  1.00 61.08  ? 58  LEU B O     1 
ATOM   225  C CB    . LEU A 1 52  ? 9.613   -11.180 1.873   1.00 63.16  ? 58  LEU B CB    1 
ATOM   226  C CG    . LEU A 1 52  ? 8.989   -12.593 2.016   1.00 63.02  ? 58  LEU B CG    1 
ATOM   227  C CD1   . LEU A 1 52  ? 10.018  -13.636 1.630   1.00 60.99  ? 58  LEU B CD1   1 
ATOM   228  C CD2   . LEU A 1 52  ? 8.482   -12.855 3.434   1.00 62.80  ? 58  LEU B CD2   1 
ATOM   229  N N     . THR A 1 53  ? 7.752   -9.756  -0.177  1.00 63.17  ? 59  THR B N     1 
ATOM   230  C CA    . THR A 1 53  ? 6.454   -9.701  -0.824  1.00 63.67  ? 59  THR B CA    1 
ATOM   231  C C     . THR A 1 53  ? 6.550   -9.139  -2.216  1.00 63.92  ? 59  THR B C     1 
ATOM   232  O O     . THR A 1 53  ? 5.552   -9.035  -2.906  1.00 62.64  ? 59  THR B O     1 
ATOM   233  C CB    . THR A 1 53  ? 5.448   -8.866  0.002   1.00 62.77  ? 59  THR B CB    1 
ATOM   234  O OG1   . THR A 1 53  ? 6.002   -7.577  0.286   1.00 64.27  ? 59  THR B OG1   1 
ATOM   235  C CG2   . THR A 1 53  ? 5.130   -9.564  1.308   1.00 63.10  ? 59  THR B CG2   1 
ATOM   236  N N     . GLU A 1 54  ? 7.767   -8.812  -2.627  1.00 65.08  ? 60  GLU B N     1 
ATOM   237  C CA    . GLU A 1 54  ? 8.029   -8.241  -3.955  1.00 66.90  ? 60  GLU B CA    1 
ATOM   238  C C     . GLU A 1 54  ? 7.629   -9.119  -5.158  1.00 65.98  ? 60  GLU B C     1 
ATOM   239  O O     . GLU A 1 54  ? 7.020   -8.644  -6.115  1.00 64.94  ? 60  GLU B O     1 
ATOM   240  C CB    . GLU A 1 54  ? 9.516   -7.879  -4.070  1.00 68.10  ? 60  GLU B CB    1 
ATOM   241  C CG    . GLU A 1 54  ? 9.966   -7.597  -5.476  1.00 69.19  ? 60  GLU B CG    1 
ATOM   242  C CD    . GLU A 1 54  ? 11.451  -7.514  -5.578  1.00 70.22  ? 60  GLU B CD    1 
ATOM   243  O OE1   . GLU A 1 54  ? 12.115  -8.452  -5.092  1.00 71.49  ? 60  GLU B OE1   1 
ATOM   244  O OE2   . GLU A 1 54  ? 11.951  -6.523  -6.145  1.00 70.11  ? 60  GLU B OE2   1 
ATOM   245  N N     . PRO A 1 55  ? 8.009   -10.401 -5.133  1.00 65.84  ? 61  PRO B N     1 
ATOM   246  C CA    . PRO A 1 55  ? 7.687   -11.332 -6.214  1.00 66.12  ? 61  PRO B CA    1 
ATOM   247  C C     . PRO A 1 55  ? 6.199   -11.421 -6.457  1.00 65.64  ? 61  PRO B C     1 
ATOM   248  O O     . PRO A 1 55  ? 5.760   -11.603 -7.585  1.00 66.04  ? 61  PRO B O     1 
ATOM   249  C CB    . PRO A 1 55  ? 8.257   -12.647 -5.709  1.00 66.44  ? 61  PRO B CB    1 
ATOM   250  C CG    . PRO A 1 55  ? 9.485   -12.187 -5.003  1.00 66.20  ? 61  PRO B CG    1 
ATOM   251  C CD    . PRO A 1 55  ? 8.961   -11.016 -4.196  1.00 65.89  ? 61  PRO B CD    1 
ATOM   252  N N     . ILE A 1 56  ? 5.431   -11.304 -5.381  1.00 65.49  ? 62  ILE B N     1 
ATOM   253  C CA    . ILE A 1 56  ? 3.991   -11.367 -5.486  1.00 64.70  ? 62  ILE B CA    1 
ATOM   254  C C     . ILE A 1 56  ? 3.589   -10.330 -6.505  1.00 65.15  ? 62  ILE B C     1 
ATOM   255  O O     . ILE A 1 56  ? 2.863   -10.636 -7.435  1.00 66.53  ? 62  ILE B O     1 
ATOM   256  C CB    . ILE A 1 56  ? 3.315   -11.060 -4.145  1.00 63.24  ? 62  ILE B CB    1 
ATOM   257  C CG1   . ILE A 1 56  ? 3.880   -11.975 -3.054  1.00 62.17  ? 62  ILE B CG1   1 
ATOM   258  C CG2   . ILE A 1 56  ? 1.819   -11.257 -4.264  1.00 62.58  ? 62  ILE B CG2   1 
ATOM   259  C CD1   . ILE A 1 56  ? 3.096   -11.945 -1.750  1.00 60.37  ? 62  ILE B CD1   1 
ATOM   260  N N     . LEU A 1 57  ? 4.096   -9.112  -6.340  1.00 66.48  ? 63  LEU B N     1 
ATOM   261  C CA    . LEU A 1 57  ? 3.798   -7.995  -7.242  1.00 68.01  ? 63  LEU B CA    1 
ATOM   262  C C     . LEU A 1 57  ? 4.403   -8.196  -8.618  1.00 68.96  ? 63  LEU B C     1 
ATOM   263  O O     . LEU A 1 57  ? 3.713   -8.096  -9.620  1.00 69.05  ? 63  LEU B O     1 
ATOM   264  C CB    . LEU A 1 57  ? 4.335   -6.669  -6.684  1.00 66.84  ? 63  LEU B CB    1 
ATOM   265  C CG    . LEU A 1 57  ? 3.870   -6.115  -5.342  1.00 66.21  ? 63  LEU B CG    1 
ATOM   266  C CD1   . LEU A 1 57  ? 3.741   -4.629  -5.462  1.00 65.96  ? 63  LEU B CD1   1 
ATOM   267  C CD2   . LEU A 1 57  ? 2.545   -6.710  -4.957  1.00 66.57  ? 63  LEU B CD2   1 
ATOM   268  N N     . GLU A 1 58  ? 5.706   -8.449  -8.650  1.00 70.95  ? 64  GLU B N     1 
ATOM   269  C CA    . GLU A 1 58  ? 6.431   -8.665  -9.889  1.00 71.92  ? 64  GLU B CA    1 
ATOM   270  C C     . GLU A 1 58  ? 5.665   -9.602  -10.808 1.00 73.15  ? 64  GLU B C     1 
ATOM   271  O O     . GLU A 1 58  ? 5.681   -9.430  -12.033 1.00 74.12  ? 64  GLU B O     1 
ATOM   272  C CB    . GLU A 1 58  ? 7.819   -9.254  -9.597  1.00 73.69  ? 64  GLU B CB    1 
ATOM   273  C CG    . GLU A 1 58  ? 8.789   -8.304  -8.879  1.00 75.51  ? 64  GLU B CG    1 
ATOM   274  C CD    . GLU A 1 58  ? 10.062  -8.008  -9.680  1.00 77.73  ? 64  GLU B CD    1 
ATOM   275  O OE1   . GLU A 1 58  ? 10.895  -8.933  -9.824  1.00 78.01  ? 64  GLU B OE1   1 
ATOM   276  O OE2   . GLU A 1 58  ? 10.229  -6.857  -10.164 1.00 77.62  ? 64  GLU B OE2   1 
ATOM   277  N N     . LYS A 1 59  ? 5.002   -10.602 -10.225 1.00 74.01  ? 65  LYS B N     1 
ATOM   278  C CA    . LYS A 1 59  ? 4.225   -11.571 -11.008 1.00 74.74  ? 65  LYS B CA    1 
ATOM   279  C C     . LYS A 1 59  ? 3.068   -10.917 -11.763 1.00 74.27  ? 65  LYS B C     1 
ATOM   280  O O     . LYS A 1 59  ? 2.606   -11.452 -12.763 1.00 74.99  ? 65  LYS B O     1 
ATOM   281  C CB    . LYS A 1 59  ? 3.686   -12.696 -10.110 1.00 74.50  ? 65  LYS B CB    1 
ATOM   282  C CG    . LYS A 1 59  ? 4.697   -13.787 -9.777  1.00 75.84  ? 65  LYS B CG    1 
ATOM   283  C CD    . LYS A 1 59  ? 4.182   -14.664 -8.630  1.00 77.83  ? 65  LYS B CD    1 
ATOM   284  C CE    . LYS A 1 59  ? 5.128   -15.820 -8.294  1.00 78.10  ? 65  LYS B CE    1 
ATOM   285  N NZ    . LYS A 1 59  ? 6.476   -15.380 -7.817  1.00 78.91  ? 65  LYS B NZ    1 
ATOM   286  N N     . HIS A 1 60  ? 2.597   -9.772  -11.283 1.00 74.35  ? 66  HIS B N     1 
ATOM   287  C CA    . HIS A 1 60  ? 1.515   -9.058  -11.954 1.00 74.84  ? 66  HIS B CA    1 
ATOM   288  C C     . HIS A 1 60  ? 2.015   -7.810  -12.648 1.00 73.83  ? 66  HIS B C     1 
ATOM   289  O O     . HIS A 1 60  ? 1.283   -6.827  -12.818 1.00 73.94  ? 66  HIS B O     1 
ATOM   290  C CB    . HIS A 1 60  ? 0.410   -8.684  -10.988 1.00 77.34  ? 66  HIS B CB    1 
ATOM   291  C CG    . HIS A 1 60  ? -0.487  -9.827  -10.668 1.00 80.87  ? 66  HIS B CG    1 
ATOM   292  N ND1   . HIS A 1 60  ? -0.081  -10.893 -9.897  1.00 82.34  ? 66  HIS B ND1   1 
ATOM   293  C CD2   . HIS A 1 60  ? -1.750  -10.109 -11.068 1.00 82.26  ? 66  HIS B CD2   1 
ATOM   294  C CE1   . HIS A 1 60  ? -1.054  -11.785 -9.836  1.00 82.99  ? 66  HIS B CE1   1 
ATOM   295  N NE2   . HIS A 1 60  ? -2.079  -11.335 -10.539 1.00 83.80  ? 66  HIS B NE2   1 
ATOM   296  N N     . ASN A 1 61  ? 3.283   -7.857  -13.029 1.00 70.87  ? 67  ASN B N     1 
ATOM   297  C CA    . ASN A 1 61  ? 3.889   -6.766  -13.751 1.00 69.51  ? 67  ASN B CA    1 
ATOM   298  C C     . ASN A 1 61  ? 3.489   -5.403  -13.177 1.00 69.00  ? 67  ASN B C     1 
ATOM   299  O O     . ASN A 1 61  ? 3.178   -4.481  -13.930 1.00 69.50  ? 67  ASN B O     1 
ATOM   300  C CB    . ASN A 1 61  ? 3.467   -6.868  -15.219 1.00 69.56  ? 67  ASN B CB    1 
ATOM   301  C CG    . ASN A 1 61  ? 3.339   -8.313  -15.695 1.00 68.97  ? 67  ASN B CG    1 
ATOM   302  O OD1   . ASN A 1 61  ? 4.334   -8.999  -15.913 1.00 68.72  ? 67  ASN B OD1   1 
ATOM   303  N ND2   . ASN A 1 61  ? 2.104   -8.779  -15.848 1.00 68.01  ? 67  ASN B ND2   1 
ATOM   304  N N     . ILE A 1 62  ? 3.491   -5.284  -11.848 1.00 67.82  ? 68  ILE B N     1 
ATOM   305  C CA    . ILE A 1 62  ? 3.147   -4.026  -11.187 1.00 66.03  ? 68  ILE B CA    1 
ATOM   306  C C     . ILE A 1 62  ? 4.104   -3.724  -10.035 1.00 66.34  ? 68  ILE B C     1 
ATOM   307  O O     . ILE A 1 62  ? 4.525   -4.621  -9.311  1.00 65.51  ? 68  ILE B O     1 
ATOM   308  C CB    . ILE A 1 62  ? 1.706   -4.027  -10.628 1.00 64.18  ? 68  ILE B CB    1 
ATOM   309  C CG1   . ILE A 1 62  ? 1.324   -2.598  -10.242 1.00 62.37  ? 68  ILE B CG1   1 
ATOM   310  C CG2   . ILE A 1 62  ? 1.593   -4.988  -9.411  1.00 63.48  ? 68  ILE B CG2   1 
ATOM   311  C CD1   . ILE A 1 62  ? 0.011   -2.477  -9.500  1.00 62.80  ? 68  ILE B CD1   1 
ATOM   312  N N     . TYR A 1 63  ? 4.422   -2.439  -9.884  1.00 67.24  ? 69  TYR B N     1 
ATOM   313  C CA    . TYR A 1 63  ? 5.337   -1.921  -8.867  1.00 66.35  ? 69  TYR B CA    1 
ATOM   314  C C     . TYR A 1 63  ? 4.672   -1.536  -7.555  1.00 66.49  ? 69  TYR B C     1 
ATOM   315  O O     . TYR A 1 63  ? 3.453   -1.329  -7.492  1.00 66.52  ? 69  TYR B O     1 
ATOM   316  C CB    . TYR A 1 63  ? 6.071   -0.709  -9.427  1.00 66.96  ? 69  TYR B CB    1 
ATOM   317  C CG    . TYR A 1 63  ? 7.016   -1.086  -10.515 1.00 69.10  ? 69  TYR B CG    1 
ATOM   318  C CD1   . TYR A 1 63  ? 8.183   -1.795  -10.220 1.00 70.62  ? 69  TYR B CD1   1 
ATOM   319  C CD2   . TYR A 1 63  ? 6.747   -0.766  -11.842 1.00 69.72  ? 69  TYR B CD2   1 
ATOM   320  C CE1   . TYR A 1 63  ? 9.068   -2.177  -11.223 1.00 71.57  ? 69  TYR B CE1   1 
ATOM   321  C CE2   . TYR A 1 63  ? 7.626   -1.139  -12.863 1.00 71.32  ? 69  TYR B CE2   1 
ATOM   322  C CZ    . TYR A 1 63  ? 8.788   -1.843  -12.547 1.00 72.46  ? 69  TYR B CZ    1 
ATOM   323  O OH    . TYR A 1 63  ? 9.676   -2.205  -13.544 1.00 73.01  ? 69  TYR B OH    1 
ATOM   324  N N     . TYR A 1 64  ? 5.496   -1.406  -6.513  1.00 66.15  ? 70  TYR B N     1 
ATOM   325  C CA    . TYR A 1 64  ? 5.000   -1.070  -5.189  1.00 63.95  ? 70  TYR B CA    1 
ATOM   326  C C     . TYR A 1 64  ? 4.237   0.220   -5.125  1.00 61.06  ? 70  TYR B C     1 
ATOM   327  O O     . TYR A 1 64  ? 3.102   0.238   -4.662  1.00 60.25  ? 70  TYR B O     1 
ATOM   328  C CB    . TYR A 1 64  ? 6.148   -1.062  -4.179  1.00 67.37  ? 70  TYR B CB    1 
ATOM   329  C CG    . TYR A 1 64  ? 6.355   -2.418  -3.541  1.00 71.10  ? 70  TYR B CG    1 
ATOM   330  C CD1   . TYR A 1 64  ? 5.392   -2.958  -2.676  1.00 72.33  ? 70  TYR B CD1   1 
ATOM   331  C CD2   . TYR A 1 64  ? 7.483   -3.195  -3.838  1.00 73.30  ? 70  TYR B CD2   1 
ATOM   332  C CE1   . TYR A 1 64  ? 5.540   -4.237  -2.128  1.00 73.02  ? 70  TYR B CE1   1 
ATOM   333  C CE2   . TYR A 1 64  ? 7.646   -4.483  -3.290  1.00 73.98  ? 70  TYR B CE2   1 
ATOM   334  C CZ    . TYR A 1 64  ? 6.664   -4.993  -2.436  1.00 74.79  ? 70  TYR B CZ    1 
ATOM   335  O OH    . TYR A 1 64  ? 6.813   -6.253  -1.900  1.00 75.74  ? 70  TYR B OH    1 
ATOM   336  N N     . GLY A 1 65  ? 4.855   1.299   -5.582  1.00 59.81  ? 71  GLY B N     1 
ATOM   337  C CA    . GLY A 1 65  ? 4.183   2.586   -5.563  1.00 58.50  ? 71  GLY B CA    1 
ATOM   338  C C     . GLY A 1 65  ? 2.845   2.518   -6.271  1.00 58.09  ? 71  GLY B C     1 
ATOM   339  O O     . GLY A 1 65  ? 1.835   3.028   -5.765  1.00 56.48  ? 71  GLY B O     1 
ATOM   340  N N     . GLN A 1 66  ? 2.855   1.887   -7.449  1.00 58.38  ? 72  GLN B N     1 
ATOM   341  C CA    . GLN A 1 66  ? 1.665   1.692   -8.268  1.00 58.06  ? 72  GLN B CA    1 
ATOM   342  C C     . GLN A 1 66  ? 0.661   0.887   -7.468  1.00 58.38  ? 72  GLN B C     1 
ATOM   343  O O     . GLN A 1 66  ? -0.509  1.252   -7.321  1.00 57.99  ? 72  GLN B O     1 
ATOM   344  C CB    . GLN A 1 66  ? 2.001   0.887   -9.509  1.00 57.56  ? 72  GLN B CB    1 
ATOM   345  C CG    . GLN A 1 66  ? 3.296   1.261   -10.137 1.00 59.51  ? 72  GLN B CG    1 
ATOM   346  C CD    . GLN A 1 66  ? 3.391   0.793   -11.578 1.00 58.31  ? 72  GLN B CD    1 
ATOM   347  O OE1   . GLN A 1 66  ? 3.120   -0.377  -11.879 1.00 57.44  ? 72  GLN B OE1   1 
ATOM   348  N NE2   . GLN A 1 66  ? 3.784   1.709   -12.481 1.00 56.31  ? 72  GLN B NE2   1 
ATOM   349  N N     . TRP A 1 67  ? 1.145   -0.231  -6.961  1.00 57.37  ? 73  TRP B N     1 
ATOM   350  C CA    . TRP A 1 67  ? 0.319   -1.111  -6.188  1.00 57.19  ? 73  TRP B CA    1 
ATOM   351  C C     . TRP A 1 67  ? -0.295  -0.453  -4.971  1.00 57.35  ? 73  TRP B C     1 
ATOM   352  O O     . TRP A 1 67  ? -1.468  -0.697  -4.663  1.00 58.34  ? 73  TRP B O     1 
ATOM   353  C CB    . TRP A 1 67  ? 1.117   -2.330  -5.772  1.00 57.68  ? 73  TRP B CB    1 
ATOM   354  C CG    . TRP A 1 67  ? 0.452   -3.066  -4.708  1.00 59.32  ? 73  TRP B CG    1 
ATOM   355  C CD1   . TRP A 1 67  ? 0.872   -3.174  -3.432  1.00 59.74  ? 73  TRP B CD1   1 
ATOM   356  C CD2   . TRP A 1 67  ? -0.799  -3.772  -4.791  1.00 60.63  ? 73  TRP B CD2   1 
ATOM   357  N NE1   . TRP A 1 67  ? -0.026  -3.898  -2.705  1.00 61.00  ? 73  TRP B NE1   1 
ATOM   358  C CE2   . TRP A 1 67  ? -1.066  -4.282  -3.510  1.00 61.61  ? 73  TRP B CE2   1 
ATOM   359  C CE3   . TRP A 1 67  ? -1.713  -4.025  -5.826  1.00 61.68  ? 73  TRP B CE3   1 
ATOM   360  C CZ2   . TRP A 1 67  ? -2.222  -5.041  -3.217  1.00 62.16  ? 73  TRP B CZ2   1 
ATOM   361  C CZ3   . TRP A 1 67  ? -2.856  -4.777  -5.542  1.00 62.03  ? 73  TRP B CZ3   1 
ATOM   362  C CH2   . TRP A 1 67  ? -3.099  -5.275  -4.239  1.00 61.27  ? 73  TRP B CH2   1 
ATOM   363  N N     . LEU A 1 68  ? 0.478   0.369   -4.271  1.00 56.31  ? 74  LEU B N     1 
ATOM   364  C CA    . LEU A 1 68  ? -0.048  1.035   -3.082  1.00 56.91  ? 74  LEU B CA    1 
ATOM   365  C C     . LEU A 1 68  ? -1.177  1.951   -3.467  1.00 58.03  ? 74  LEU B C     1 
ATOM   366  O O     . LEU A 1 68  ? -2.159  2.063   -2.734  1.00 57.97  ? 74  LEU B O     1 
ATOM   367  C CB    . LEU A 1 68  ? 1.045   1.830   -2.375  1.00 56.17  ? 74  LEU B CB    1 
ATOM   368  C CG    . LEU A 1 68  ? 1.852   1.064   -1.332  1.00 53.55  ? 74  LEU B CG    1 
ATOM   369  C CD1   . LEU A 1 68  ? 3.188   1.698   -1.278  1.00 53.63  ? 74  LEU B CD1   1 
ATOM   370  C CD2   . LEU A 1 68  ? 1.194   1.107   0.045   1.00 51.63  ? 74  LEU B CD2   1 
ATOM   371  N N     . ILE A 1 69  ? -1.015  2.609   -4.618  1.00 58.99  ? 75  ILE B N     1 
ATOM   372  C CA    . ILE A 1 69  ? -2.019  3.505   -5.168  1.00 59.14  ? 75  ILE B CA    1 
ATOM   373  C C     . ILE A 1 69  ? -3.227  2.650   -5.558  1.00 59.38  ? 75  ILE B C     1 
ATOM   374  O O     . ILE A 1 69  ? -4.347  2.945   -5.158  1.00 59.46  ? 75  ILE B O     1 
ATOM   375  C CB    . ILE A 1 69  ? -1.523  4.219   -6.455  1.00 59.53  ? 75  ILE B CB    1 
ATOM   376  C CG1   . ILE A 1 69  ? -0.248  5.029   -6.177  1.00 59.28  ? 75  ILE B CG1   1 
ATOM   377  C CG2   . ILE A 1 69  ? -2.644  5.097   -7.019  1.00 58.08  ? 75  ILE B CG2   1 
ATOM   378  C CD1   . ILE A 1 69  ? -0.463  6.480   -5.775  1.00 58.57  ? 75  ILE B CD1   1 
ATOM   379  N N     . LEU A 1 70  ? -2.995  1.592   -6.343  1.00 59.69  ? 76  LEU B N     1 
ATOM   380  C CA    . LEU A 1 70  ? -4.077  0.719   -6.776  1.00 59.34  ? 76  LEU B CA    1 
ATOM   381  C C     . LEU A 1 70  ? -4.914  0.308   -5.597  1.00 59.93  ? 76  LEU B C     1 
ATOM   382  O O     . LEU A 1 70  ? -6.139  0.362   -5.646  1.00 59.56  ? 76  LEU B O     1 
ATOM   383  C CB    . LEU A 1 70  ? -3.550  -0.545  -7.465  1.00 59.74  ? 76  LEU B CB    1 
ATOM   384  C CG    . LEU A 1 70  ? -4.587  -1.528  -8.069  1.00 60.13  ? 76  LEU B CG    1 
ATOM   385  C CD1   . LEU A 1 70  ? -5.351  -0.853  -9.172  1.00 60.02  ? 76  LEU B CD1   1 
ATOM   386  C CD2   . LEU A 1 70  ? -3.905  -2.749  -8.648  1.00 58.95  ? 76  LEU B CD2   1 
ATOM   387  N N     . ARG A 1 71  ? -4.256  -0.097  -4.522  1.00 60.06  ? 77  ARG B N     1 
ATOM   388  C CA    . ARG A 1 71  ? -4.986  -0.526  -3.341  1.00 60.10  ? 77  ARG B CA    1 
ATOM   389  C C     . ARG A 1 71  ? -5.759  0.614   -2.695  1.00 58.93  ? 77  ARG B C     1 
ATOM   390  O O     . ARG A 1 71  ? -6.825  0.410   -2.133  1.00 59.42  ? 77  ARG B O     1 
ATOM   391  C CB    . ARG A 1 71  ? -4.032  -1.142  -2.322  1.00 61.27  ? 77  ARG B CB    1 
ATOM   392  C CG    . ARG A 1 71  ? -4.762  -1.843  -1.200  1.00 64.25  ? 77  ARG B CG    1 
ATOM   393  C CD    . ARG A 1 71  ? -3.824  -2.204  -0.085  1.00 65.96  ? 77  ARG B CD    1 
ATOM   394  N NE    . ARG A 1 71  ? -3.167  -1.024  0.453   1.00 68.95  ? 77  ARG B NE    1 
ATOM   395  C CZ    . ARG A 1 71  ? -2.256  -1.068  1.414   1.00 69.89  ? 77  ARG B CZ    1 
ATOM   396  N NH1   . ARG A 1 71  ? -1.913  -2.244  1.925   1.00 69.07  ? 77  ARG B NH1   1 
ATOM   397  N NH2   . ARG A 1 71  ? -1.689  0.056   1.857   1.00 69.39  ? 77  ARG B NH2   1 
ATOM   398  N N     . ASP A 1 72  ? -5.221  1.820   -2.769  1.00 58.77  ? 78  ASP B N     1 
ATOM   399  C CA    . ASP A 1 72  ? -5.897  2.952   -2.166  1.00 58.20  ? 78  ASP B CA    1 
ATOM   400  C C     . ASP A 1 72  ? -7.178  3.243   -2.931  1.00 57.90  ? 78  ASP B C     1 
ATOM   401  O O     . ASP A 1 72  ? -8.222  3.455   -2.334  1.00 56.70  ? 78  ASP B O     1 
ATOM   402  C CB    . ASP A 1 72  ? -4.981  4.174   -2.136  1.00 57.07  ? 78  ASP B CB    1 
ATOM   403  C CG    . ASP A 1 72  ? -5.467  5.217   -1.154  1.00 57.78  ? 78  ASP B CG    1 
ATOM   404  O OD1   . ASP A 1 72  ? -6.120  6.197   -1.571  1.00 53.98  ? 78  ASP B OD1   1 
ATOM   405  O OD2   . ASP A 1 72  ? -5.210  5.035   0.055   1.00 60.04  ? 78  ASP B OD2   1 
ATOM   406  N N     . ILE A 1 73  ? -7.098  3.253   -4.254  1.00 59.35  ? 79  ILE B N     1 
ATOM   407  C CA    . ILE A 1 73  ? -8.286  3.465   -5.071  1.00 61.11  ? 79  ILE B CA    1 
ATOM   408  C C     . ILE A 1 73  ? -9.339  2.398   -4.730  1.00 63.18  ? 79  ILE B C     1 
ATOM   409  O O     . ILE A 1 73  ? -10.525 2.703   -4.622  1.00 63.64  ? 79  ILE B O     1 
ATOM   410  C CB    . ILE A 1 73  ? -7.966  3.369   -6.583  1.00 60.83  ? 79  ILE B CB    1 
ATOM   411  C CG1   . ILE A 1 73  ? -7.114  4.567   -7.016  1.00 60.77  ? 79  ILE B CG1   1 
ATOM   412  C CG2   . ILE A 1 73  ? -9.256  3.301   -7.379  1.00 60.57  ? 79  ILE B CG2   1 
ATOM   413  C CD1   . ILE A 1 73  ? -6.826  4.648   -8.502  1.00 58.97  ? 79  ILE B CD1   1 
ATOM   414  N N     . ALA A 1 74  ? -8.896  1.153   -4.554  1.00 64.02  ? 80  ALA B N     1 
ATOM   415  C CA    . ALA A 1 74  ? -9.788  0.045   -4.230  1.00 64.97  ? 80  ALA B CA    1 
ATOM   416  C C     . ALA A 1 74  ? -10.479 0.172   -2.887  1.00 67.33  ? 80  ALA B C     1 
ATOM   417  O O     . ALA A 1 74  ? -11.648 -0.194  -2.752  1.00 68.79  ? 80  ALA B O     1 
ATOM   418  C CB    . ALA A 1 74  ? -9.035  -1.236  -4.264  1.00 63.56  ? 80  ALA B CB    1 
ATOM   419  N N     . LYS A 1 75  ? -9.766  0.675   -1.888  1.00 68.69  ? 81  LYS B N     1 
ATOM   420  C CA    . LYS A 1 75  ? -10.361 0.814   -0.567  1.00 70.84  ? 81  LYS B CA    1 
ATOM   421  C C     . LYS A 1 75  ? -11.218 2.063   -0.421  1.00 71.32  ? 81  LYS B C     1 
ATOM   422  O O     . LYS A 1 75  ? -12.008 2.162   0.516   1.00 71.37  ? 81  LYS B O     1 
ATOM   423  C CB    . LYS A 1 75  ? -9.287  0.828   0.531   1.00 72.60  ? 81  LYS B CB    1 
ATOM   424  C CG    . LYS A 1 75  ? -8.492  -0.471  0.683   1.00 75.33  ? 81  LYS B CG    1 
ATOM   425  C CD    . LYS A 1 75  ? -7.798  -0.533  2.050   1.00 78.02  ? 81  LYS B CD    1 
ATOM   426  C CE    . LYS A 1 75  ? -7.017  -1.841  2.255   1.00 80.43  ? 81  LYS B CE    1 
ATOM   427  N NZ    . LYS A 1 75  ? -6.568  -2.062  3.686   1.00 82.23  ? 81  LYS B NZ    1 
ATOM   428  N N     . HIS A 1 76  ? -11.082 3.006   -1.350  1.00 72.54  ? 82  HIS B N     1 
ATOM   429  C CA    . HIS A 1 76  ? -11.824 4.262   -1.239  1.00 72.85  ? 82  HIS B CA    1 
ATOM   430  C C     . HIS A 1 76  ? -12.430 4.793   -2.534  1.00 72.93  ? 82  HIS B C     1 
ATOM   431  O O     . HIS A 1 76  ? -12.716 5.985   -2.632  1.00 73.76  ? 82  HIS B O     1 
ATOM   432  C CB    . HIS A 1 76  ? -10.914 5.356   -0.647  1.00 72.29  ? 82  HIS B CB    1 
ATOM   433  C CG    . HIS A 1 76  ? -10.064 4.900   0.503   1.00 73.07  ? 82  HIS B CG    1 
ATOM   434  N ND1   . HIS A 1 76  ? -8.783  4.413   0.338   1.00 73.45  ? 82  HIS B ND1   1 
ATOM   435  C CD2   . HIS A 1 76  ? -10.319 4.838   1.832   1.00 72.90  ? 82  HIS B CD2   1 
ATOM   436  C CE1   . HIS A 1 76  ? -8.287  4.070   1.515   1.00 73.44  ? 82  HIS B CE1   1 
ATOM   437  N NE2   . HIS A 1 76  ? -9.198  4.318   2.437   1.00 73.39  ? 82  HIS B NE2   1 
ATOM   438  N N     . GLN A 1 77  ? -12.623 3.944   -3.532  1.00 73.03  ? 83  GLN B N     1 
ATOM   439  C CA    . GLN A 1 77  ? -13.204 4.429   -4.780  1.00 73.25  ? 83  GLN B CA    1 
ATOM   440  C C     . GLN A 1 77  ? -14.710 4.577   -4.610  1.00 72.73  ? 83  GLN B C     1 
ATOM   441  O O     . GLN A 1 77  ? -15.327 3.868   -3.822  1.00 73.84  ? 83  GLN B O     1 
ATOM   442  C CB    . GLN A 1 77  ? -12.885 3.475   -5.945  1.00 73.47  ? 83  GLN B CB    1 
ATOM   443  C CG    . GLN A 1 77  ? -13.791 2.252   -6.061  1.00 73.83  ? 83  GLN B CG    1 
ATOM   444  C CD    . GLN A 1 77  ? -13.296 1.252   -7.089  1.00 73.60  ? 83  GLN B CD    1 
ATOM   445  O OE1   . GLN A 1 77  ? -12.941 1.611   -8.205  1.00 74.95  ? 83  GLN B OE1   1 
ATOM   446  N NE2   . GLN A 1 77  ? -13.281 -0.014  -6.714  1.00 74.04  ? 83  GLN B NE2   1 
ATOM   447  N N     . PRO A 1 78  ? -15.311 5.540   -5.304  1.00 72.24  ? 84  PRO B N     1 
ATOM   448  C CA    . PRO A 1 78  ? -14.622 6.461   -6.207  1.00 72.99  ? 84  PRO B CA    1 
ATOM   449  C C     . PRO A 1 78  ? -13.764 7.472   -5.425  1.00 73.43  ? 84  PRO B C     1 
ATOM   450  O O     . PRO A 1 78  ? -14.191 8.007   -4.397  1.00 74.11  ? 84  PRO B O     1 
ATOM   451  C CB    . PRO A 1 78  ? -15.771 7.144   -6.944  1.00 72.90  ? 84  PRO B CB    1 
ATOM   452  C CG    . PRO A 1 78  ? -16.879 6.164   -6.843  1.00 72.90  ? 84  PRO B CG    1 
ATOM   453  C CD    . PRO A 1 78  ? -16.765 5.666   -5.445  1.00 71.94  ? 84  PRO B CD    1 
ATOM   454  N N     . THR A 1 79  ? -12.549 7.723   -5.893  1.00 73.16  ? 85  THR B N     1 
ATOM   455  C CA    . THR A 1 79  ? -11.704 8.691   -5.227  1.00 73.80  ? 85  THR B CA    1 
ATOM   456  C C     . THR A 1 79  ? -11.037 9.534   -6.293  1.00 74.12  ? 85  THR B C     1 
ATOM   457  O O     . THR A 1 79  ? -11.159 9.247   -7.487  1.00 73.55  ? 85  THR B O     1 
ATOM   458  C CB    . THR A 1 79  ? -10.647 8.020   -4.345  1.00 73.23  ? 85  THR B CB    1 
ATOM   459  O OG1   . THR A 1 79  ? -10.033 9.016   -3.516  1.00 72.29  ? 85  THR B OG1   1 
ATOM   460  C CG2   . THR A 1 79  ? -9.591  7.336   -5.192  1.00 71.94  ? 85  THR B CG2   1 
ATOM   461  N N     . THR A 1 80  ? -10.335 10.575  -5.863  1.00 75.19  ? 86  THR B N     1 
ATOM   462  C CA    . THR A 1 80  ? -9.672  11.479  -6.797  1.00 76.23  ? 86  THR B CA    1 
ATOM   463  C C     . THR A 1 80  ? -8.238  11.722  -6.393  1.00 76.06  ? 86  THR B C     1 
ATOM   464  O O     . THR A 1 80  ? -7.888  11.575  -5.221  1.00 75.86  ? 86  THR B O     1 
ATOM   465  C CB    . THR A 1 80  ? -10.360 12.836  -6.821  1.00 76.55  ? 86  THR B CB    1 
ATOM   466  O OG1   . THR A 1 80  ? -10.307 13.404  -5.504  1.00 76.62  ? 86  THR B OG1   1 
ATOM   467  C CG2   . THR A 1 80  ? -11.807 12.691  -7.254  1.00 76.25  ? 86  THR B CG2   1 
ATOM   468  N N     . LEU A 1 81  ? -7.423  12.107  -7.376  1.00 76.47  ? 87  LEU B N     1 
ATOM   469  C CA    . LEU A 1 81  ? -6.008  12.393  -7.147  1.00 75.49  ? 87  LEU B CA    1 
ATOM   470  C C     . LEU A 1 81  ? -5.837  13.205  -5.865  1.00 74.29  ? 87  LEU B C     1 
ATOM   471  O O     . LEU A 1 81  ? -5.027  12.858  -5.010  1.00 73.46  ? 87  LEU B O     1 
ATOM   472  C CB    . LEU A 1 81  ? -5.423  13.165  -8.337  1.00 76.66  ? 87  LEU B CB    1 
ATOM   473  C CG    . LEU A 1 81  ? -4.021  13.794  -8.193  1.00 77.89  ? 87  LEU B CG    1 
ATOM   474  C CD1   . LEU A 1 81  ? -3.001  12.730  -7.838  1.00 78.60  ? 87  LEU B CD1   1 
ATOM   475  C CD2   . LEU A 1 81  ? -3.616  14.496  -9.485  1.00 77.70  ? 87  LEU B CD2   1 
ATOM   476  N N     . ILE A 1 82  ? -6.601  14.284  -5.730  1.00 72.80  ? 88  ILE B N     1 
ATOM   477  C CA    . ILE A 1 82  ? -6.499  15.106  -4.536  1.00 72.42  ? 88  ILE B CA    1 
ATOM   478  C C     . ILE A 1 82  ? -6.598  14.213  -3.314  1.00 72.58  ? 88  ILE B C     1 
ATOM   479  O O     . ILE A 1 82  ? -5.677  14.109  -2.509  1.00 71.89  ? 88  ILE B O     1 
ATOM   480  C CB    . ILE A 1 82  ? -7.645  16.127  -4.452  1.00 72.50  ? 88  ILE B CB    1 
ATOM   481  C CG1   . ILE A 1 82  ? -7.681  16.996  -5.714  1.00 72.84  ? 88  ILE B CG1   1 
ATOM   482  C CG2   . ILE A 1 82  ? -7.492  16.966  -3.193  1.00 72.37  ? 88  ILE B CG2   1 
ATOM   483  C CD1   . ILE A 1 82  ? -6.441  17.881  -5.927  1.00 71.91  ? 88  ILE B CD1   1 
ATOM   484  N N     . GLU A 1 83  ? -7.748  13.562  -3.204  1.00 72.91  ? 89  GLU B N     1 
ATOM   485  C CA    . GLU A 1 83  ? -8.056  12.677  -2.095  1.00 72.06  ? 89  GLU B CA    1 
ATOM   486  C C     . GLU A 1 83  ? -6.979  11.625  -1.844  1.00 71.83  ? 89  GLU B C     1 
ATOM   487  O O     . GLU A 1 83  ? -6.611  11.363  -0.696  1.00 70.98  ? 89  GLU B O     1 
ATOM   488  C CB    . GLU A 1 83  ? -9.387  12.004  -2.375  1.00 72.65  ? 89  GLU B CB    1 
ATOM   489  C CG    . GLU A 1 83  ? -10.400 12.172  -1.283  1.00 73.38  ? 89  GLU B CG    1 
ATOM   490  C CD    . GLU A 1 83  ? -11.647 11.384  -1.570  1.00 74.45  ? 89  GLU B CD    1 
ATOM   491  O OE1   . GLU A 1 83  ? -11.516 10.165  -1.815  1.00 75.87  ? 89  GLU B OE1   1 
ATOM   492  O OE2   . GLU A 1 83  ? -12.749 11.974  -1.557  1.00 74.13  ? 89  GLU B OE2   1 
ATOM   493  N N     . ILE A 1 84  ? -6.492  11.032  -2.932  1.00 71.42  ? 90  ILE B N     1 
ATOM   494  C CA    . ILE A 1 84  ? -5.467  9.998   -2.880  1.00 72.02  ? 90  ILE B CA    1 
ATOM   495  C C     . ILE A 1 84  ? -4.134  10.539  -2.370  1.00 72.71  ? 90  ILE B C     1 
ATOM   496  O O     . ILE A 1 84  ? -3.507  9.927   -1.510  1.00 72.25  ? 90  ILE B O     1 
ATOM   497  C CB    . ILE A 1 84  ? -5.226  9.354   -4.277  1.00 71.74  ? 90  ILE B CB    1 
ATOM   498  C CG1   . ILE A 1 84  ? -6.553  8.970   -4.927  1.00 71.36  ? 90  ILE B CG1   1 
ATOM   499  C CG2   . ILE A 1 84  ? -4.373  8.093   -4.128  1.00 70.49  ? 90  ILE B CG2   1 
ATOM   500  C CD1   . ILE A 1 84  ? -6.385  8.316   -6.265  1.00 71.16  ? 90  ILE B CD1   1 
ATOM   501  N N     . SER A 1 85  ? -3.697  11.676  -2.911  1.00 73.93  ? 91  SER B N     1 
ATOM   502  C CA    . SER A 1 85  ? -2.436  12.294  -2.495  1.00 75.42  ? 91  SER B CA    1 
ATOM   503  C C     . SER A 1 85  ? -2.465  12.480  -0.983  1.00 76.16  ? 91  SER B C     1 
ATOM   504  O O     . SER A 1 85  ? -1.610  11.963  -0.253  1.00 75.89  ? 91  SER B O     1 
ATOM   505  C CB    . SER A 1 85  ? -2.255  13.663  -3.157  1.00 75.84  ? 91  SER B CB    1 
ATOM   506  O OG    . SER A 1 85  ? -2.407  13.587  -4.566  1.00 77.91  ? 91  SER B OG    1 
ATOM   507  N N     . HIS A 1 86  ? -3.472  13.214  -0.522  1.00 76.10  ? 92  HIS B N     1 
ATOM   508  C CA    . HIS A 1 86  ? -3.631  13.477  0.892   1.00 76.53  ? 92  HIS B CA    1 
ATOM   509  C C     . HIS A 1 86  ? -3.604  12.194  1.728   1.00 75.94  ? 92  HIS B C     1 
ATOM   510  O O     . HIS A 1 86  ? -2.747  12.026  2.593   1.00 76.49  ? 92  HIS B O     1 
ATOM   511  C CB    . HIS A 1 86  ? -4.933  14.237  1.136   1.00 78.12  ? 92  HIS B CB    1 
ATOM   512  C CG    . HIS A 1 86  ? -5.163  14.580  2.575   1.00 81.01  ? 92  HIS B CG    1 
ATOM   513  N ND1   . HIS A 1 86  ? -5.413  13.625  3.537   1.00 81.83  ? 92  HIS B ND1   1 
ATOM   514  C CD2   . HIS A 1 86  ? -5.120  15.768  3.226   1.00 82.39  ? 92  HIS B CD2   1 
ATOM   515  C CE1   . HIS A 1 86  ? -5.511  14.209  4.719   1.00 82.88  ? 92  HIS B CE1   1 
ATOM   516  N NE2   . HIS A 1 86  ? -5.337  15.509  4.559   1.00 83.11  ? 92  HIS B NE2   1 
ATOM   517  N N     . ARG A 1 87  ? -4.543  11.293  1.465   1.00 74.97  ? 93  ARG B N     1 
ATOM   518  C CA    . ARG A 1 87  ? -4.639  10.028  2.196   1.00 73.52  ? 93  ARG B CA    1 
ATOM   519  C C     . ARG A 1 87  ? -3.319  9.244   2.221   1.00 72.39  ? 93  ARG B C     1 
ATOM   520  O O     . ARG A 1 87  ? -2.850  8.828   3.280   1.00 71.02  ? 93  ARG B O     1 
ATOM   521  C CB    . ARG A 1 87  ? -5.754  9.182   1.575   1.00 72.93  ? 93  ARG B CB    1 
ATOM   522  C CG    . ARG A 1 87  ? -6.147  7.941   2.344   1.00 71.86  ? 93  ARG B CG    1 
ATOM   523  C CD    . ARG A 1 87  ? -7.503  7.426   1.850   1.00 70.76  ? 93  ARG B CD    1 
ATOM   524  N NE    . ARG A 1 87  ? -7.606  7.442   0.386   1.00 67.58  ? 93  ARG B NE    1 
ATOM   525  C CZ    . ARG A 1 87  ? -8.468  8.193   -0.289  1.00 65.73  ? 93  ARG B CZ    1 
ATOM   526  N NH1   . ARG A 1 87  ? -9.299  8.979   0.373   1.00 64.62  ? 93  ARG B NH1   1 
ATOM   527  N NH2   . ARG A 1 87  ? -8.489  8.171   -1.613  1.00 63.62  ? 93  ARG B NH2   1 
ATOM   528  N N     . ARG A 1 88  ? -2.732  9.058   1.044   1.00 72.38  ? 94  ARG B N     1 
ATOM   529  C CA    . ARG A 1 88  ? -1.477  8.328   0.884   1.00 71.88  ? 94  ARG B CA    1 
ATOM   530  C C     . ARG A 1 88  ? -0.280  9.086   1.445   1.00 72.71  ? 94  ARG B C     1 
ATOM   531  O O     . ARG A 1 88  ? 0.748   8.475   1.791   1.00 71.65  ? 94  ARG B O     1 
ATOM   532  C CB    . ARG A 1 88  ? -1.236  8.056   -0.601  1.00 70.88  ? 94  ARG B CB    1 
ATOM   533  C CG    . ARG A 1 88  ? -1.917  6.825   -1.159  1.00 67.69  ? 94  ARG B CG    1 
ATOM   534  C CD    . ARG A 1 88  ? -1.197  5.602   -0.667  1.00 65.39  ? 94  ARG B CD    1 
ATOM   535  N NE    . ARG A 1 88  ? -1.605  5.240   0.683   1.00 63.66  ? 94  ARG B NE    1 
ATOM   536  C CZ    . ARG A 1 88  ? -0.861  4.520   1.514   1.00 63.14  ? 94  ARG B CZ    1 
ATOM   537  N NH1   . ARG A 1 88  ? 0.341   4.101   1.131   1.00 60.11  ? 94  ARG B NH1   1 
ATOM   538  N NH2   . ARG A 1 88  ? -1.341  4.196   2.711   1.00 63.65  ? 94  ARG B NH2   1 
ATOM   539  N N     . ALA A 1 89  ? -0.428  10.411  1.513   1.00 74.27  ? 95  ALA B N     1 
ATOM   540  C CA    . ALA A 1 89  ? 0.603   11.324  2.004   1.00 75.53  ? 95  ALA B CA    1 
ATOM   541  C C     . ALA A 1 89  ? 1.791   11.322  1.041   1.00 78.10  ? 95  ALA B C     1 
ATOM   542  O O     . ALA A 1 89  ? 2.865   10.784  1.336   1.00 78.67  ? 95  ALA B O     1 
ATOM   543  C CB    . ALA A 1 89  ? 1.046   10.926  3.399   1.00 74.39  ? 95  ALA B CB    1 
ATOM   544  N N     . ILE A 1 90  ? 1.576   11.917  -0.127  1.00 79.65  ? 96  ILE B N     1 
ATOM   545  C CA    . ILE A 1 90  ? 2.599   12.003  -1.157  1.00 81.16  ? 96  ILE B CA    1 
ATOM   546  C C     . ILE A 1 90  ? 2.465   13.324  -1.893  1.00 82.07  ? 96  ILE B C     1 
ATOM   547  O O     . ILE A 1 90  ? 1.665   14.186  -1.506  1.00 82.84  ? 96  ILE B O     1 
ATOM   548  C CB    . ILE A 1 90  ? 2.474   10.857  -2.184  1.00 81.62  ? 96  ILE B CB    1 
ATOM   549  C CG1   . ILE A 1 90  ? 0.998   10.624  -2.525  1.00 82.48  ? 96  ILE B CG1   1 
ATOM   550  C CG2   . ILE A 1 90  ? 3.121   9.602   -1.649  1.00 80.90  ? 96  ILE B CG2   1 
ATOM   551  C CD1   . ILE A 1 90  ? 0.772   9.530   -3.550  1.00 82.89  ? 96  ILE B CD1   1 
ATOM   552  N N     . GLU A 1 91  ? 3.260   13.482  -2.947  1.00 82.39  ? 97  GLU B N     1 
ATOM   553  C CA    . GLU A 1 91  ? 3.220   14.698  -3.744  1.00 82.95  ? 97  GLU B CA    1 
ATOM   554  C C     . GLU A 1 91  ? 2.523   14.441  -5.075  1.00 82.32  ? 97  GLU B C     1 
ATOM   555  O O     . GLU A 1 91  ? 2.842   13.470  -5.775  1.00 81.60  ? 97  GLU B O     1 
ATOM   556  C CB    . GLU A 1 91  ? 4.637   15.235  -3.984  1.00 84.94  ? 97  GLU B CB    1 
ATOM   557  C CG    . GLU A 1 91  ? 5.240   15.996  -2.785  1.00 86.62  ? 97  GLU B CG    1 
ATOM   558  C CD    . GLU A 1 91  ? 4.410   17.213  -2.358  1.00 87.45  ? 97  GLU B CD    1 
ATOM   559  O OE1   . GLU A 1 91  ? 4.309   18.192  -3.138  1.00 86.59  ? 97  GLU B OE1   1 
ATOM   560  O OE2   . GLU A 1 91  ? 3.859   17.177  -1.231  1.00 88.06  ? 97  GLU B OE2   1 
ATOM   561  N N     . LYS A 1 92  ? 1.581   15.325  -5.405  1.00 81.59  ? 98  LYS B N     1 
ATOM   562  C CA    . LYS A 1 92  ? 0.789   15.244  -6.632  1.00 81.23  ? 98  LYS B CA    1 
ATOM   563  C C     . LYS A 1 92  ? 1.595   14.778  -7.841  1.00 80.53  ? 98  LYS B C     1 
ATOM   564  O O     . LYS A 1 92  ? 1.054   14.095  -8.715  1.00 80.77  ? 98  LYS B O     1 
ATOM   565  C CB    . LYS A 1 92  ? 0.116   16.587  -6.927  1.00 81.65  ? 98  LYS B CB    1 
ATOM   566  C CG    . LYS A 1 92  ? -0.654  17.134  -5.730  1.00 83.42  ? 98  LYS B CG    1 
ATOM   567  C CD    . LYS A 1 92  ? -1.880  17.937  -6.145  1.00 84.39  ? 98  LYS B CD    1 
ATOM   568  C CE    . LYS A 1 92  ? -1.536  19.155  -6.988  1.00 84.96  ? 98  LYS B CE    1 
ATOM   569  N NZ    . LYS A 1 92  ? -2.765  19.889  -7.404  1.00 84.74  ? 98  LYS B NZ    1 
ATOM   570  N N     . PRO A 1 93  ? 2.885   15.171  -7.930  1.00 79.61  ? 99  PRO B N     1 
ATOM   571  C CA    . PRO A 1 93  ? 3.743   14.753  -9.049  1.00 78.50  ? 99  PRO B CA    1 
ATOM   572  C C     . PRO A 1 93  ? 3.970   13.228  -9.145  1.00 78.06  ? 99  PRO B C     1 
ATOM   573  O O     . PRO A 1 93  ? 3.826   12.640  -10.226 1.00 77.72  ? 99  PRO B O     1 
ATOM   574  C CB    . PRO A 1 93  ? 5.046   15.515  -8.794  1.00 78.61  ? 99  PRO B CB    1 
ATOM   575  C CG    . PRO A 1 93  ? 4.899   16.084  -7.385  1.00 78.78  ? 99  PRO B CG    1 
ATOM   576  C CD    . PRO A 1 93  ? 3.448   16.365  -7.281  1.00 78.41  ? 99  PRO B CD    1 
ATOM   577  N N     . THR A 1 94  ? 4.323   12.593  -8.028  1.00 77.01  ? 100 THR B N     1 
ATOM   578  C CA    . THR A 1 94  ? 4.555   11.144  -8.010  1.00 76.53  ? 100 THR B CA    1 
ATOM   579  C C     . THR A 1 94  ? 3.228   10.406  -7.998  1.00 75.23  ? 100 THR B C     1 
ATOM   580  O O     . THR A 1 94  ? 3.094   9.313   -8.545  1.00 74.43  ? 100 THR B O     1 
ATOM   581  C CB    . THR A 1 94  ? 5.352   10.710  -6.771  1.00 76.87  ? 100 THR B CB    1 
ATOM   582  O OG1   . THR A 1 94  ? 4.800   11.351  -5.609  1.00 77.44  ? 100 THR B OG1   1 
ATOM   583  C CG2   . THR A 1 94  ? 6.843   11.072  -6.934  1.00 77.59  ? 100 THR B CG2   1 
ATOM   584  N N     . ALA A 1 95  ? 2.247   11.010  -7.349  1.00 74.39  ? 101 ALA B N     1 
ATOM   585  C CA    . ALA A 1 95  ? 0.931   10.425  -7.293  1.00 73.28  ? 101 ALA B CA    1 
ATOM   586  C C     . ALA A 1 95  ? 0.393   10.472  -8.728  1.00 73.11  ? 101 ALA B C     1 
ATOM   587  O O     . ALA A 1 95  ? -0.075  9.474   -9.271  1.00 73.76  ? 101 ALA B O     1 
ATOM   588  C CB    . ALA A 1 95  ? 0.071   11.229  -6.369  1.00 73.04  ? 101 ALA B CB    1 
ATOM   589  N N     . ARG A 1 96  ? 0.487   11.632  -9.360  1.00 72.73  ? 102 ARG B N     1 
ATOM   590  C CA    . ARG A 1 96  ? 0.012   11.771  -10.726 1.00 72.03  ? 102 ARG B CA    1 
ATOM   591  C C     . ARG A 1 96  ? 0.790   10.909  -11.716 1.00 71.20  ? 102 ARG B C     1 
ATOM   592  O O     . ARG A 1 96  ? 0.182   10.276  -12.570 1.00 71.53  ? 102 ARG B O     1 
ATOM   593  C CB    . ARG A 1 96  ? 0.050   13.244  -11.161 1.00 72.94  ? 102 ARG B CB    1 
ATOM   594  C CG    . ARG A 1 96  ? -0.199  13.503  -12.649 1.00 73.14  ? 102 ARG B CG    1 
ATOM   595  C CD    . ARG A 1 96  ? -1.009  14.784  -12.842 1.00 74.40  ? 102 ARG B CD    1 
ATOM   596  N NE    . ARG A 1 96  ? -0.829  15.736  -11.739 1.00 75.43  ? 102 ARG B NE    1 
ATOM   597  C CZ    . ARG A 1 96  ? -1.521  16.868  -11.595 1.00 75.72  ? 102 ARG B CZ    1 
ATOM   598  N NH1   . ARG A 1 96  ? -2.451  17.207  -12.486 1.00 75.02  ? 102 ARG B NH1   1 
ATOM   599  N NH2   . ARG A 1 96  ? -1.296  17.656  -10.549 1.00 75.58  ? 102 ARG B NH2   1 
ATOM   600  N N     . LYS A 1 97  ? 2.118   10.863  -11.612 1.00 70.08  ? 103 LYS B N     1 
ATOM   601  C CA    . LYS A 1 97  ? 2.886   10.061  -12.558 1.00 69.18  ? 103 LYS B CA    1 
ATOM   602  C C     . LYS A 1 97  ? 2.591   8.570   -12.418 1.00 67.66  ? 103 LYS B C     1 
ATOM   603  O O     . LYS A 1 97  ? 2.629   7.821   -13.404 1.00 66.60  ? 103 LYS B O     1 
ATOM   604  C CB    . LYS A 1 97  ? 4.383   10.299  -12.389 1.00 71.33  ? 103 LYS B CB    1 
ATOM   605  C CG    . LYS A 1 97  ? 5.163   10.151  -13.714 1.00 73.54  ? 103 LYS B CG    1 
ATOM   606  C CD    . LYS A 1 97  ? 6.681   10.215  -13.532 1.00 75.15  ? 103 LYS B CD    1 
ATOM   607  C CE    . LYS A 1 97  ? 7.401   10.094  -14.873 1.00 76.02  ? 103 LYS B CE    1 
ATOM   608  N NZ    . LYS A 1 97  ? 8.834   9.671   -14.719 1.00 76.53  ? 103 LYS B NZ    1 
ATOM   609  N N     . THR A 1 98  ? 2.285   8.153   -11.188 1.00 66.06  ? 104 THR B N     1 
ATOM   610  C CA    . THR A 1 98  ? 1.960   6.761   -10.875 1.00 63.96  ? 104 THR B CA    1 
ATOM   611  C C     . THR A 1 98  ? 0.546   6.411   -11.333 1.00 62.72  ? 104 THR B C     1 
ATOM   612  O O     . THR A 1 98  ? 0.309   5.319   -11.853 1.00 60.42  ? 104 THR B O     1 
ATOM   613  C CB    . THR A 1 98  ? 2.106   6.507   -9.368  1.00 63.28  ? 104 THR B CB    1 
ATOM   614  O OG1   . THR A 1 98  ? 3.493   6.483   -9.045  1.00 62.99  ? 104 THR B OG1   1 
ATOM   615  C CG2   . THR A 1 98  ? 1.482   5.180   -8.963  1.00 64.23  ? 104 THR B CG2   1 
ATOM   616  N N     . LEU A 1 99  ? -0.378  7.350   -11.134 1.00 61.57  ? 105 LEU B N     1 
ATOM   617  C CA    . LEU A 1 99  ? -1.765  7.191   -11.548 1.00 61.70  ? 105 LEU B CA    1 
ATOM   618  C C     . LEU A 1 99  ? -1.833  6.992   -13.045 1.00 61.83  ? 105 LEU B C     1 
ATOM   619  O O     . LEU A 1 99  ? -2.601  6.175   -13.534 1.00 62.22  ? 105 LEU B O     1 
ATOM   620  C CB    . LEU A 1 99  ? -2.576  8.431   -11.202 1.00 62.91  ? 105 LEU B CB    1 
ATOM   621  C CG    . LEU A 1 99  ? -3.139  8.612   -9.789  1.00 63.76  ? 105 LEU B CG    1 
ATOM   622  C CD1   . LEU A 1 99  ? -3.429  10.102  -9.571  1.00 63.22  ? 105 LEU B CD1   1 
ATOM   623  C CD2   . LEU A 1 99  ? -4.396  7.746   -9.596  1.00 62.89  ? 105 LEU B CD2   1 
ATOM   624  N N     . LYS A 1 100 ? -1.030  7.744   -13.780 1.00 61.38  ? 106 LYS B N     1 
ATOM   625  C CA    . LYS A 1 100 ? -1.022  7.628   -15.228 1.00 61.56  ? 106 LYS B CA    1 
ATOM   626  C C     . LYS A 1 100 ? -0.646  6.222   -15.676 1.00 60.35  ? 106 LYS B C     1 
ATOM   627  O O     . LYS A 1 100 ? -1.264  5.689   -16.578 1.00 60.82  ? 106 LYS B O     1 
ATOM   628  C CB    . LYS A 1 100 ? -0.051  8.640   -15.823 1.00 64.33  ? 106 LYS B CB    1 
ATOM   629  C CG    . LYS A 1 100 ? -0.131  9.998   -15.156 1.00 67.48  ? 106 LYS B CG    1 
ATOM   630  C CD    . LYS A 1 100 ? 0.932   10.948  -15.657 1.00 70.51  ? 106 LYS B CD    1 
ATOM   631  C CE    . LYS A 1 100 ? 0.615   11.439  -17.061 1.00 72.05  ? 106 LYS B CE    1 
ATOM   632  N NZ    . LYS A 1 100 ? -0.602  12.306  -17.071 1.00 73.83  ? 106 LYS B NZ    1 
ATOM   633  N N     . ALA A 1 101 ? 0.369   5.625   -15.057 1.00 59.37  ? 107 ALA B N     1 
ATOM   634  C CA    . ALA A 1 101 ? 0.788   4.270   -15.424 1.00 58.93  ? 107 ALA B CA    1 
ATOM   635  C C     . ALA A 1 101 ? -0.321  3.264   -15.116 1.00 58.90  ? 107 ALA B C     1 
ATOM   636  O O     . ALA A 1 101 ? -0.635  2.381   -15.924 1.00 57.38  ? 107 ALA B O     1 
ATOM   637  C CB    . ALA A 1 101 ? 2.049   3.897   -14.680 1.00 58.01  ? 107 ALA B CB    1 
ATOM   638  N N     . LEU A 1 102 ? -0.906  3.397   -13.933 1.00 59.49  ? 108 LEU B N     1 
ATOM   639  C CA    . LEU A 1 102 ? -1.998  2.524   -13.539 1.00 60.16  ? 108 LEU B CA    1 
ATOM   640  C C     . LEU A 1 102 ? -3.075  2.606   -14.613 1.00 60.81  ? 108 LEU B C     1 
ATOM   641  O O     . LEU A 1 102 ? -3.651  1.592   -15.013 1.00 59.88  ? 108 LEU B O     1 
ATOM   642  C CB    . LEU A 1 102 ? -2.542  2.957   -12.176 1.00 60.41  ? 108 LEU B CB    1 
ATOM   643  C CG    . LEU A 1 102 ? -1.708  2.400   -11.013 1.00 61.72  ? 108 LEU B CG    1 
ATOM   644  C CD1   . LEU A 1 102 ? -2.081  3.084   -9.700  1.00 62.00  ? 108 LEU B CD1   1 
ATOM   645  C CD2   . LEU A 1 102 ? -1.927  0.881   -10.927 1.00 61.11  ? 108 LEU B CD2   1 
ATOM   646  N N     . ILE A 1 103 ? -3.318  3.833   -15.083 1.00 60.98  ? 109 ILE B N     1 
ATOM   647  C CA    . ILE A 1 103 ? -4.299  4.122   -16.134 1.00 60.81  ? 109 ILE B CA    1 
ATOM   648  C C     . ILE A 1 103 ? -3.788  3.541   -17.441 1.00 61.47  ? 109 ILE B C     1 
ATOM   649  O O     . ILE A 1 103 ? -4.461  2.755   -18.110 1.00 61.26  ? 109 ILE B O     1 
ATOM   650  C CB    . ILE A 1 103 ? -4.453  5.637   -16.345 1.00 59.32  ? 109 ILE B CB    1 
ATOM   651  C CG1   . ILE A 1 103 ? -5.289  6.256   -15.225 1.00 59.39  ? 109 ILE B CG1   1 
ATOM   652  C CG2   . ILE A 1 103 ? -5.058  5.911   -17.702 1.00 58.59  ? 109 ILE B CG2   1 
ATOM   653  C CD1   . ILE A 1 103 ? -5.222  7.807   -15.203 1.00 57.59  ? 109 ILE B CD1   1 
ATOM   654  N N     . GLU A 1 104 ? -2.586  3.978   -17.791 1.00 62.63  ? 110 GLU B N     1 
ATOM   655  C CA    . GLU A 1 104 ? -1.880  3.552   -18.978 1.00 63.91  ? 110 GLU B CA    1 
ATOM   656  C C     . GLU A 1 104 ? -2.012  2.031   -19.110 1.00 64.95  ? 110 GLU B C     1 
ATOM   657  O O     . GLU A 1 104 ? -2.125  1.494   -20.218 1.00 64.50  ? 110 GLU B O     1 
ATOM   658  C CB    . GLU A 1 104 ? -0.425  3.982   -18.830 1.00 64.88  ? 110 GLU B CB    1 
ATOM   659  C CG    . GLU A 1 104 ? 0.601   3.058   -19.447 1.00 68.96  ? 110 GLU B CG    1 
ATOM   660  C CD    . GLU A 1 104 ? 0.430   2.933   -20.935 1.00 71.61  ? 110 GLU B CD    1 
ATOM   661  O OE1   . GLU A 1 104 ? 0.149   3.973   -21.571 1.00 73.77  ? 110 GLU B OE1   1 
ATOM   662  O OE2   . GLU A 1 104 ? 0.584   1.811   -21.467 1.00 71.69  ? 110 GLU B OE2   1 
ATOM   663  N N     . ASN A 1 105 ? -2.010  1.347   -17.968 1.00 65.63  ? 111 ASN B N     1 
ATOM   664  C CA    . ASN A 1 105 ? -2.139  -0.102  -17.940 1.00 65.99  ? 111 ASN B CA    1 
ATOM   665  C C     . ASN A 1 105 ? -3.553  -0.591  -17.702 1.00 65.33  ? 111 ASN B C     1 
ATOM   666  O O     . ASN A 1 105 ? -3.771  -1.718  -17.276 1.00 65.12  ? 111 ASN B O     1 
ATOM   667  C CB    . ASN A 1 105 ? -1.212  -0.682  -16.895 1.00 67.53  ? 111 ASN B CB    1 
ATOM   668  C CG    . ASN A 1 105 ? 0.199   -0.782  -17.395 1.00 69.36  ? 111 ASN B CG    1 
ATOM   669  O OD1   . ASN A 1 105 ? 0.795   0.215   -17.822 1.00 69.78  ? 111 ASN B OD1   1 
ATOM   670  N ND2   . ASN A 1 105 ? 0.749   -1.994  -17.361 1.00 70.03  ? 111 ASN B ND2   1 
ATOM   671  N N     . ASP A 1 106 ? -4.517  0.278   -17.943 1.00 64.98  ? 112 ASP B N     1 
ATOM   672  C CA    . ASP A 1 106 ? -5.903  -0.109  -17.827 1.00 65.06  ? 112 ASP B CA    1 
ATOM   673  C C     . ASP A 1 106 ? -6.275  -0.848  -16.527 1.00 64.14  ? 112 ASP B C     1 
ATOM   674  O O     . ASP A 1 106 ? -6.932  -1.889  -16.573 1.00 64.23  ? 112 ASP B O     1 
ATOM   675  C CB    . ASP A 1 106 ? -6.236  -0.964  -19.061 1.00 66.29  ? 112 ASP B CB    1 
ATOM   676  C CG    . ASP A 1 106 ? -7.713  -1.219  -19.218 1.00 67.80  ? 112 ASP B CG    1 
ATOM   677  O OD1   . ASP A 1 106 ? -8.465  -0.242  -19.437 1.00 69.32  ? 112 ASP B OD1   1 
ATOM   678  O OD2   . ASP A 1 106 ? -8.120  -2.397  -19.126 1.00 67.39  ? 112 ASP B OD2   1 
ATOM   679  N N     . LEU A 1 107 ? -5.875  -0.307  -15.374 1.00 63.44  ? 113 LEU B N     1 
ATOM   680  C CA    . LEU A 1 107 ? -6.197  -0.921  -14.076 1.00 61.26  ? 113 LEU B CA    1 
ATOM   681  C C     . LEU A 1 107 ? -7.140  -0.051  -13.255 1.00 61.20  ? 113 LEU B C     1 
ATOM   682  O O     . LEU A 1 107 ? -7.646  -0.474  -12.219 1.00 60.09  ? 113 LEU B O     1 
ATOM   683  C CB    . LEU A 1 107 ? -4.937  -1.160  -13.249 1.00 59.23  ? 113 LEU B CB    1 
ATOM   684  C CG    . LEU A 1 107 ? -3.767  -1.899  -13.878 1.00 58.21  ? 113 LEU B CG    1 
ATOM   685  C CD1   . LEU A 1 107 ? -2.655  -1.934  -12.860 1.00 58.52  ? 113 LEU B CD1   1 
ATOM   686  C CD2   . LEU A 1 107 ? -4.155  -3.296  -14.303 1.00 55.46  ? 113 LEU B CD2   1 
ATOM   687  N N     . ILE A 1 108 ? -7.338  1.179   -13.702 1.00 61.68  ? 114 ILE B N     1 
ATOM   688  C CA    . ILE A 1 108 ? -8.237  2.105   -13.032 1.00 63.24  ? 114 ILE B CA    1 
ATOM   689  C C     . ILE A 1 108 ? -8.776  3.053   -14.090 1.00 64.42  ? 114 ILE B C     1 
ATOM   690  O O     . ILE A 1 108 ? -8.076  3.365   -15.061 1.00 63.57  ? 114 ILE B O     1 
ATOM   691  C CB    . ILE A 1 108 ? -7.527  2.939   -11.947 1.00 63.05  ? 114 ILE B CB    1 
ATOM   692  C CG1   . ILE A 1 108 ? -6.348  3.690   -12.559 1.00 63.49  ? 114 ILE B CG1   1 
ATOM   693  C CG2   . ILE A 1 108 ? -7.055  2.051   -10.824 1.00 62.89  ? 114 ILE B CG2   1 
ATOM   694  C CD1   . ILE A 1 108 ? -6.298  5.147   -12.162 1.00 63.78  ? 114 ILE B CD1   1 
ATOM   695  N N     . THR A 1 109 ? -10.017 3.499   -13.899 1.00 65.66  ? 115 THR B N     1 
ATOM   696  C CA    . THR A 1 109 ? -10.672 4.409   -14.840 1.00 67.91  ? 115 THR B CA    1 
ATOM   697  C C     . THR A 1 109 ? -10.879 5.826   -14.296 1.00 69.36  ? 115 THR B C     1 
ATOM   698  O O     . THR A 1 109 ? -10.796 6.071   -13.092 1.00 68.29  ? 115 THR B O     1 
ATOM   699  C CB    . THR A 1 109 ? -12.054 3.866   -15.294 1.00 67.28  ? 115 THR B CB    1 
ATOM   700  O OG1   . THR A 1 109 ? -12.950 3.823   -14.175 1.00 65.68  ? 115 THR B OG1   1 
ATOM   701  C CG2   . THR A 1 109 ? -11.914 2.469   -15.889 1.00 66.81  ? 115 THR B CG2   1 
ATOM   702  N N     . VAL A 1 110 ? -11.154 6.747   -15.212 1.00 71.94  ? 116 VAL B N     1 
ATOM   703  C CA    . VAL A 1 110 ? -11.389 8.143   -14.872 1.00 75.27  ? 116 VAL B CA    1 
ATOM   704  C C     . VAL A 1 110 ? -12.773 8.578   -15.391 1.00 78.22  ? 116 VAL B C     1 
ATOM   705  O O     . VAL A 1 110 ? -13.049 8.473   -16.596 1.00 79.23  ? 116 VAL B O     1 
ATOM   706  C CB    . VAL A 1 110 ? -10.313 9.039   -15.528 1.00 75.10  ? 116 VAL B CB    1 
ATOM   707  C CG1   . VAL A 1 110 ? -10.265 10.394  -14.838 1.00 75.49  ? 116 VAL B CG1   1 
ATOM   708  C CG2   . VAL A 1 110 ? -8.963  8.350   -15.479 1.00 74.32  ? 116 VAL B CG2   1 
ATOM   709  N N     . GLU A 1 111 ? -13.647 9.049   -14.495 1.00 81.14  ? 117 GLU B N     1 
ATOM   710  C CA    . GLU A 1 111 ? -14.981 9.503   -14.917 1.00 84.07  ? 117 GLU B CA    1 
ATOM   711  C C     . GLU A 1 111 ? -14.770 10.594  -15.960 1.00 86.44  ? 117 GLU B C     1 
ATOM   712  O O     . GLU A 1 111 ? -14.283 11.683  -15.628 1.00 86.47  ? 117 GLU B O     1 
ATOM   713  C CB    . GLU A 1 111 ? -15.763 10.085  -13.739 1.00 83.56  ? 117 GLU B CB    1 
ATOM   714  C CG    . GLU A 1 111 ? -15.089 11.266  -13.063 1.00 83.99  ? 117 GLU B CG    1 
ATOM   715  C CD    . GLU A 1 111 ? -16.003 12.476  -12.916 1.00 84.25  ? 117 GLU B CD    1 
ATOM   716  O OE1   . GLU A 1 111 ? -16.552 12.954  -13.939 1.00 83.22  ? 117 GLU B OE1   1 
ATOM   717  O OE2   . GLU A 1 111 ? -16.166 12.953  -11.771 1.00 84.31  ? 117 GLU B OE2   1 
ATOM   718  N N     . ASN A 1 112 ? -15.123 10.318  -17.217 1.00 88.82  ? 118 ASN B N     1 
ATOM   719  C CA    . ASN A 1 112 ? -14.908 11.324  -18.251 1.00 90.74  ? 118 ASN B CA    1 
ATOM   720  C C     . ASN A 1 112 ? -15.831 12.536  -18.133 1.00 90.90  ? 118 ASN B C     1 
ATOM   721  O O     . ASN A 1 112 ? -17.044 12.464  -18.355 1.00 90.39  ? 118 ASN B O     1 
ATOM   722  C CB    . ASN A 1 112 ? -14.963 10.709  -19.671 1.00 92.12  ? 118 ASN B CB    1 
ATOM   723  C CG    . ASN A 1 112 ? -16.297 10.042  -20.004 1.00 94.02  ? 118 ASN B CG    1 
ATOM   724  O OD1   . ASN A 1 112 ? -16.430 9.408   -21.061 1.00 94.07  ? 118 ASN B OD1   1 
ATOM   725  N ND2   . ASN A 1 112 ? -17.284 10.176  -19.115 1.00 95.04  ? 118 ASN B ND2   1 
ATOM   726  N N     . SER A 1 113 ? -15.217 13.642  -17.731 1.00 90.95  ? 119 SER B N     1 
ATOM   727  C CA    . SER A 1 113 ? -15.898 14.915  -17.572 1.00 91.39  ? 119 SER B CA    1 
ATOM   728  C C     . SER A 1 113 ? -14.947 15.892  -18.236 1.00 91.94  ? 119 SER B C     1 
ATOM   729  O O     . SER A 1 113 ? -14.056 15.475  -18.981 1.00 92.24  ? 119 SER B O     1 
ATOM   730  C CB    . SER A 1 113 ? -16.067 15.260  -16.089 1.00 90.48  ? 119 SER B CB    1 
ATOM   731  O OG    . SER A 1 113 ? -14.882 15.822  -15.551 1.00 88.53  ? 119 SER B OG    1 
ATOM   732  N N     . LEU A 1 114 ? -15.137 17.182  -17.997 1.00 92.39  ? 120 LEU B N     1 
ATOM   733  C CA    . LEU A 1 114 ? -14.226 18.164  -18.565 1.00 92.90  ? 120 LEU B CA    1 
ATOM   734  C C     . LEU A 1 114 ? -13.693 19.102  -17.507 1.00 92.70  ? 120 LEU B C     1 
ATOM   735  O O     . LEU A 1 114 ? -13.557 20.308  -17.723 1.00 92.80  ? 120 LEU B O     1 
ATOM   736  C CB    . LEU A 1 114 ? -14.866 18.963  -19.707 1.00 93.66  ? 120 LEU B CB    1 
ATOM   737  C CG    . LEU A 1 114 ? -14.425 18.478  -21.100 1.00 93.22  ? 120 LEU B CG    1 
ATOM   738  C CD1   . LEU A 1 114 ? -14.425 19.665  -22.042 1.00 92.41  ? 120 LEU B CD1   1 
ATOM   739  C CD2   . LEU A 1 114 ? -13.023 17.834  -21.062 1.00 93.26  ? 120 LEU B CD2   1 
ATOM   740  N N     . GLU A 1 115 ? -13.420 18.525  -16.343 1.00 92.43  ? 121 GLU B N     1 
ATOM   741  C CA    . GLU A 1 115 ? -12.842 19.248  -15.232 1.00 91.30  ? 121 GLU B CA    1 
ATOM   742  C C     . GLU A 1 115 ? -11.330 19.011  -15.337 1.00 90.80  ? 121 GLU B C     1 
ATOM   743  O O     . GLU A 1 115 ? -10.827 18.604  -16.394 1.00 90.06  ? 121 GLU B O     1 
ATOM   744  C CB    . GLU A 1 115 ? -13.368 18.697  -13.910 1.00 91.02  ? 121 GLU B CB    1 
ATOM   745  C CG    . GLU A 1 115 ? -14.673 19.300  -13.471 1.00 91.05  ? 121 GLU B CG    1 
ATOM   746  C CD    . GLU A 1 115 ? -14.791 19.343  -11.960 1.00 91.63  ? 121 GLU B CD    1 
ATOM   747  O OE1   . GLU A 1 115 ? -13.737 19.397  -11.286 1.00 91.47  ? 121 GLU B OE1   1 
ATOM   748  O OE2   . GLU A 1 115 ? -15.929 19.342  -11.444 1.00 91.27  ? 121 GLU B OE2   1 
ATOM   749  N N     . ASP A 1 116 ? -10.610 19.257  -14.247 1.00 90.27  ? 122 ASP B N     1 
ATOM   750  C CA    . ASP A 1 116 ? -9.171  19.046  -14.244 1.00 90.11  ? 122 ASP B CA    1 
ATOM   751  C C     . ASP A 1 116 ? -8.838  17.667  -13.682 1.00 89.62  ? 122 ASP B C     1 
ATOM   752  O O     . ASP A 1 116 ? -9.401  17.256  -12.662 1.00 89.98  ? 122 ASP B O     1 
ATOM   753  C CB    . ASP A 1 116 ? -8.482  20.144  -13.431 1.00 90.52  ? 122 ASP B CB    1 
ATOM   754  C CG    . ASP A 1 116 ? -8.518  21.495  -14.134 1.00 90.49  ? 122 ASP B CG    1 
ATOM   755  O OD1   . ASP A 1 116 ? -8.027  21.589  -15.279 1.00 90.15  ? 122 ASP B OD1   1 
ATOM   756  O OD2   . ASP A 1 116 ? -9.039  22.462  -13.545 1.00 91.30  ? 122 ASP B OD2   1 
ATOM   757  N N     . LYS A 1 117 ? -7.935  16.964  -14.369 1.00 88.63  ? 123 LYS B N     1 
ATOM   758  C CA    . LYS A 1 117 ? -7.494  15.611  -14.004 1.00 87.55  ? 123 LYS B CA    1 
ATOM   759  C C     . LYS A 1 117 ? -7.413  15.364  -12.504 1.00 87.43  ? 123 LYS B C     1 
ATOM   760  O O     . LYS A 1 117 ? -7.888  14.346  -12.001 1.00 87.03  ? 123 LYS B O     1 
ATOM   761  C CB    . LYS A 1 117 ? -6.128  15.331  -14.635 1.00 86.93  ? 123 LYS B CB    1 
ATOM   762  C CG    . LYS A 1 117 ? -6.132  15.326  -16.165 1.00 86.00  ? 123 LYS B CG    1 
ATOM   763  C CD    . LYS A 1 117 ? -4.716  15.311  -16.708 1.00 85.02  ? 123 LYS B CD    1 
ATOM   764  C CE    . LYS A 1 117 ? -4.688  15.288  -18.214 1.00 83.41  ? 123 LYS B CE    1 
ATOM   765  N NZ    . LYS A 1 117 ? -5.179  14.006  -18.762 1.00 82.42  ? 123 LYS B NZ    1 
ATOM   766  N N     . ARG A 1 118 ? -6.796  16.301  -11.799 1.00 87.01  ? 124 ARG B N     1 
ATOM   767  C CA    . ARG A 1 118 ? -6.645  16.219  -10.353 1.00 86.91  ? 124 ARG B CA    1 
ATOM   768  C C     . ARG A 1 118 ? -7.965  16.058  -9.579  1.00 85.98  ? 124 ARG B C     1 
ATOM   769  O O     . ARG A 1 118 ? -7.990  15.451  -8.502  1.00 84.98  ? 124 ARG B O     1 
ATOM   770  C CB    . ARG A 1 118 ? -5.889  17.464  -9.860  1.00 87.87  ? 124 ARG B CB    1 
ATOM   771  C CG    . ARG A 1 118 ? -6.167  18.763  -10.659 1.00 88.64  ? 124 ARG B CG    1 
ATOM   772  C CD    . ARG A 1 118 ? -5.079  19.053  -11.715 1.00 88.67  ? 124 ARG B CD    1 
ATOM   773  N NE    . ARG A 1 118 ? -5.588  19.044  -13.088 1.00 87.76  ? 124 ARG B NE    1 
ATOM   774  C CZ    . ARG A 1 118 ? -4.813  19.076  -14.170 1.00 87.41  ? 124 ARG B CZ    1 
ATOM   775  N NH1   . ARG A 1 118 ? -3.500  19.119  -14.029 1.00 87.72  ? 124 ARG B NH1   1 
ATOM   776  N NH2   . ARG A 1 118 ? -5.341  19.052  -15.391 1.00 86.25  ? 124 ARG B NH2   1 
ATOM   777  N N     . GLN A 1 119 ? -9.048  16.600  -10.138 1.00 85.96  ? 125 GLN B N     1 
ATOM   778  C CA    . GLN A 1 119 ? -10.393 16.561  -9.526  1.00 86.25  ? 125 GLN B CA    1 
ATOM   779  C C     . GLN A 1 119 ? -11.274 15.360  -9.905  1.00 85.35  ? 125 GLN B C     1 
ATOM   780  O O     . GLN A 1 119 ? -12.162 14.977  -9.140  1.00 85.10  ? 125 GLN B O     1 
ATOM   781  C CB    . GLN A 1 119 ? -11.167 17.845  -9.871  1.00 86.78  ? 125 GLN B CB    1 
ATOM   782  C CG    . GLN A 1 119 ? -10.773 19.070  -9.049  1.00 88.32  ? 125 GLN B CG    1 
ATOM   783  C CD    . GLN A 1 119 ? -11.235 18.994  -7.598  1.00 88.73  ? 125 GLN B CD    1 
ATOM   784  O OE1   . GLN A 1 119 ? -12.434 18.941  -7.319  1.00 89.37  ? 125 GLN B OE1   1 
ATOM   785  N NE2   . GLN A 1 119 ? -10.282 18.995  -6.671  1.00 88.04  ? 125 GLN B NE2   1 
ATOM   786  N N     . LYS A 1 120 ? -11.026 14.794  -11.087 1.00 84.19  ? 126 LYS B N     1 
ATOM   787  C CA    . LYS A 1 120 ? -11.785 13.656  -11.605 1.00 82.00  ? 126 LYS B CA    1 
ATOM   788  C C     . LYS A 1 120 ? -11.788 12.426  -10.700 1.00 80.80  ? 126 LYS B C     1 
ATOM   789  O O     . LYS A 1 120 ? -10.928 12.282  -9.819  1.00 81.08  ? 126 LYS B O     1 
ATOM   790  C CB    . LYS A 1 120 ? -11.254 13.281  -12.988 1.00 81.50  ? 126 LYS B CB    1 
ATOM   791  C CG    . LYS A 1 120 ? -11.278 14.458  -13.944 1.00 81.57  ? 126 LYS B CG    1 
ATOM   792  C CD    . LYS A 1 120 ? -10.784 14.093  -15.333 1.00 82.36  ? 126 LYS B CD    1 
ATOM   793  C CE    . LYS A 1 120 ? -10.934 15.266  -16.298 1.00 81.42  ? 126 LYS B CE    1 
ATOM   794  N NZ    . LYS A 1 120 ? -10.592 14.872  -17.694 1.00 81.70  ? 126 LYS B NZ    1 
ATOM   795  N N     . PHE A 1 121 ? -12.767 11.547  -10.934 1.00 78.66  ? 127 PHE B N     1 
ATOM   796  C CA    . PHE A 1 121 ? -12.937 10.312  -10.160 1.00 75.50  ? 127 PHE B CA    1 
ATOM   797  C C     . PHE A 1 121 ? -12.222 9.088   -10.709 1.00 73.26  ? 127 PHE B C     1 
ATOM   798  O O     . PHE A 1 121 ? -12.249 8.801   -11.917 1.00 73.11  ? 127 PHE B O     1 
ATOM   799  C CB    . PHE A 1 121 ? -14.420 9.985   -9.989  1.00 74.29  ? 127 PHE B CB    1 
ATOM   800  C CG    . PHE A 1 121 ? -15.089 10.841  -8.982  1.00 74.16  ? 127 PHE B CG    1 
ATOM   801  C CD1   . PHE A 1 121 ? -14.694 10.784  -7.648  1.00 74.11  ? 127 PHE B CD1   1 
ATOM   802  C CD2   . PHE A 1 121 ? -16.044 11.777  -9.370  1.00 73.25  ? 127 PHE B CD2   1 
ATOM   803  C CE1   . PHE A 1 121 ? -15.232 11.657  -6.710  1.00 73.75  ? 127 PHE B CE1   1 
ATOM   804  C CE2   . PHE A 1 121 ? -16.584 12.648  -8.454  1.00 73.16  ? 127 PHE B CE2   1 
ATOM   805  C CZ    . PHE A 1 121 ? -16.175 12.591  -7.114  1.00 73.80  ? 127 PHE B CZ    1 
ATOM   806  N N     . LEU A 1 122 ? -11.617 8.355   -9.783  1.00 69.90  ? 128 LEU B N     1 
ATOM   807  C CA    . LEU A 1 122 ? -10.863 7.167   -10.103 1.00 66.77  ? 128 LEU B CA    1 
ATOM   808  C C     . LEU A 1 122 ? -11.542 5.887   -9.609  1.00 65.38  ? 128 LEU B C     1 
ATOM   809  O O     . LEU A 1 122 ? -12.115 5.849   -8.525  1.00 64.49  ? 128 LEU B O     1 
ATOM   810  C CB    . LEU A 1 122 ? -9.466  7.344   -9.511  1.00 65.67  ? 128 LEU B CB    1 
ATOM   811  C CG    . LEU A 1 122 ? -8.934  8.715   -9.951  1.00 64.01  ? 128 LEU B CG    1 
ATOM   812  C CD1   . LEU A 1 122 ? -7.757  9.152   -9.113  1.00 63.12  ? 128 LEU B CD1   1 
ATOM   813  C CD2   . LEU A 1 122 ? -8.551  8.642   -11.413 1.00 62.29  ? 128 LEU B CD2   1 
ATOM   814  N N     . THR A 1 123 ? -11.485 4.844   -10.429 1.00 64.23  ? 129 THR B N     1 
ATOM   815  C CA    . THR A 1 123 ? -12.080 3.554   -10.092 1.00 62.74  ? 129 THR B CA    1 
ATOM   816  C C     . THR A 1 123 ? -11.322 2.394   -10.745 1.00 61.13  ? 129 THR B C     1 
ATOM   817  O O     . THR A 1 123 ? -10.842 2.497   -11.877 1.00 60.33  ? 129 THR B O     1 
ATOM   818  C CB    . THR A 1 123 ? -13.563 3.470   -10.538 1.00 63.69  ? 129 THR B CB    1 
ATOM   819  O OG1   . THR A 1 123 ? -13.788 4.373   -11.628 1.00 65.74  ? 129 THR B OG1   1 
ATOM   820  C CG2   . THR A 1 123 ? -14.495 3.809   -9.399  1.00 64.74  ? 129 THR B CG2   1 
ATOM   821  N N     . LEU A 1 124 ? -11.216 1.279   -10.035 1.00 59.61  ? 130 LEU B N     1 
ATOM   822  C CA    . LEU A 1 124 ? -10.511 0.148   -10.603 1.00 58.69  ? 130 LEU B CA    1 
ATOM   823  C C     . LEU A 1 124 ? -11.260 -0.386  -11.797 1.00 57.71  ? 130 LEU B C     1 
ATOM   824  O O     . LEU A 1 124 ? -12.482 -0.339  -11.834 1.00 59.17  ? 130 LEU B O     1 
ATOM   825  C CB    . LEU A 1 124 ? -10.342 -0.976  -9.578  1.00 58.46  ? 130 LEU B CB    1 
ATOM   826  C CG    . LEU A 1 124 ? -9.567  -0.743  -8.279  1.00 58.13  ? 130 LEU B CG    1 
ATOM   827  C CD1   . LEU A 1 124 ? -9.042  -2.074  -7.788  1.00 55.01  ? 130 LEU B CD1   1 
ATOM   828  C CD2   . LEU A 1 124 ? -8.416  0.215   -8.498  1.00 57.42  ? 130 LEU B CD2   1 
ATOM   829  N N     . THR A 1 125 ? -10.525 -0.868  -12.790 1.00 56.60  ? 131 THR B N     1 
ATOM   830  C CA    . THR A 1 125 ? -11.143 -1.464  -13.954 1.00 53.56  ? 131 THR B CA    1 
ATOM   831  C C     . THR A 1 125 ? -11.296 -2.922  -13.534 1.00 54.36  ? 131 THR B C     1 
ATOM   832  O O     . THR A 1 125 ? -10.683 -3.361  -12.546 1.00 53.05  ? 131 THR B O     1 
ATOM   833  C CB    . THR A 1 125 ? -10.229 -1.412  -15.194 1.00 51.61  ? 131 THR B CB    1 
ATOM   834  O OG1   . THR A 1 125 ? -8.967  -2.010  -14.892 1.00 51.45  ? 131 THR B OG1   1 
ATOM   835  C CG2   . THR A 1 125 ? -9.994  0.002   -15.626 1.00 50.99  ? 131 THR B CG2   1 
ATOM   836  N N     . PRO A 1 126 ? -12.151 -3.682  -14.242 1.00 54.77  ? 132 PRO B N     1 
ATOM   837  C CA    . PRO A 1 126 ? -12.321 -5.092  -13.884 1.00 54.47  ? 132 PRO B CA    1 
ATOM   838  C C     . PRO A 1 126 ? -10.963 -5.788  -13.824 1.00 54.96  ? 132 PRO B C     1 
ATOM   839  O O     . PRO A 1 126 ? -10.733 -6.668  -12.987 1.00 55.81  ? 132 PRO B O     1 
ATOM   840  C CB    . PRO A 1 126 ? -13.213 -5.600  -14.999 1.00 53.62  ? 132 PRO B CB    1 
ATOM   841  C CG    . PRO A 1 126 ? -14.149 -4.448  -15.160 1.00 53.85  ? 132 PRO B CG    1 
ATOM   842  C CD    . PRO A 1 126 ? -13.215 -3.251  -15.169 1.00 53.84  ? 132 PRO B CD    1 
ATOM   843  N N     . LYS A 1 127 ? -10.070 -5.381  -14.721 1.00 54.92  ? 133 LYS B N     1 
ATOM   844  C CA    . LYS A 1 127 ? -8.728  -5.927  -14.761 1.00 54.37  ? 133 LYS B CA    1 
ATOM   845  C C     . LYS A 1 127 ? -8.122  -5.666  -13.400 1.00 55.04  ? 133 LYS B C     1 
ATOM   846  O O     . LYS A 1 127 ? -7.737  -6.593  -12.700 1.00 55.83  ? 133 LYS B O     1 
ATOM   847  C CB    . LYS A 1 127 ? -7.894  -5.226  -15.835 1.00 53.10  ? 133 LYS B CB    1 
ATOM   848  C CG    . LYS A 1 127 ? -6.426  -5.641  -15.848 1.00 53.02  ? 133 LYS B CG    1 
ATOM   849  C CD    . LYS A 1 127 ? -5.703  -5.072  -17.060 1.00 51.65  ? 133 LYS B CD    1 
ATOM   850  C CE    . LYS A 1 127 ? -4.200  -5.322  -16.989 1.00 52.55  ? 133 LYS B CE    1 
ATOM   851  N NZ    . LYS A 1 127 ? -3.442  -4.857  -18.176 1.00 50.32  ? 133 LYS B NZ    1 
ATOM   852  N N     . GLY A 1 128 ? -8.069  -4.388  -13.030 1.00 54.09  ? 134 GLY B N     1 
ATOM   853  C CA    . GLY A 1 128 ? -7.504  -3.987  -11.756 1.00 54.05  ? 134 GLY B CA    1 
ATOM   854  C C     . GLY A 1 128 ? -8.049  -4.697  -10.531 1.00 54.37  ? 134 GLY B C     1 
ATOM   855  O O     . GLY A 1 128 ? -7.310  -4.920  -9.570  1.00 54.19  ? 134 GLY B O     1 
ATOM   856  N N     . HIS A 1 129 ? -9.333  -5.039  -10.537 1.00 53.55  ? 135 HIS B N     1 
ATOM   857  C CA    . HIS A 1 129 ? -9.909  -5.737  -9.397  1.00 52.26  ? 135 HIS B CA    1 
ATOM   858  C C     . HIS A 1 129 ? -9.344  -7.147  -9.378  1.00 51.59  ? 135 HIS B C     1 
ATOM   859  O O     . HIS A 1 129 ? -9.033  -7.698  -8.328  1.00 51.79  ? 135 HIS B O     1 
ATOM   860  C CB    . HIS A 1 129 ? -11.424 -5.800  -9.520  1.00 52.87  ? 135 HIS B CB    1 
ATOM   861  C CG    . HIS A 1 129 ? -12.130 -4.540  -9.112  1.00 55.14  ? 135 HIS B CG    1 
ATOM   862  N ND1   . HIS A 1 129 ? -12.279 -4.162  -7.794  1.00 56.21  ? 135 HIS B ND1   1 
ATOM   863  C CD2   . HIS A 1 129 ? -12.775 -3.601  -9.846  1.00 54.76  ? 135 HIS B CD2   1 
ATOM   864  C CE1   . HIS A 1 129 ? -12.988 -3.047  -7.735  1.00 56.43  ? 135 HIS B CE1   1 
ATOM   865  N NE2   . HIS A 1 129 ? -13.301 -2.685  -8.965  1.00 54.94  ? 135 HIS B NE2   1 
ATOM   866  N N     . GLU A 1 130 ? -9.214  -7.726  -10.560 1.00 50.47  ? 136 GLU B N     1 
ATOM   867  C CA    . GLU A 1 130 ? -8.688  -9.072  -10.689 1.00 51.52  ? 136 GLU B CA    1 
ATOM   868  C C     . GLU A 1 130 ? -7.322  -9.120  -10.024 1.00 51.91  ? 136 GLU B C     1 
ATOM   869  O O     . GLU A 1 130 ? -7.076  -9.922  -9.111  1.00 53.12  ? 136 GLU B O     1 
ATOM   870  C CB    . GLU A 1 130 ? -8.557  -9.432  -12.174 1.00 51.54  ? 136 GLU B CB    1 
ATOM   871  C CG    . GLU A 1 130 ? -8.260  -10.899 -12.464 1.00 50.94  ? 136 GLU B CG    1 
ATOM   872  C CD    . GLU A 1 130 ? -9.366  -11.822 -11.970 1.00 51.59  ? 136 GLU B CD    1 
ATOM   873  O OE1   . GLU A 1 130 ? -10.403 -11.300 -11.502 1.00 49.97  ? 136 GLU B OE1   1 
ATOM   874  O OE2   . GLU A 1 130 ? -9.195  -13.066 -12.046 1.00 51.85  ? 136 GLU B OE2   1 
ATOM   875  N N     . LEU A 1 131 ? -6.446  -8.243  -10.507 1.00 51.58  ? 137 LEU B N     1 
ATOM   876  C CA    . LEU A 1 131 ? -5.082  -8.102  -10.037 1.00 50.67  ? 137 LEU B CA    1 
ATOM   877  C C     . LEU A 1 131 ? -5.067  -7.847  -8.542  1.00 50.80  ? 137 LEU B C     1 
ATOM   878  O O     . LEU A 1 131 ? -4.468  -8.586  -7.774  1.00 48.94  ? 137 LEU B O     1 
ATOM   879  C CB    . LEU A 1 131 ? -4.429  -6.940  -10.790 1.00 49.18  ? 137 LEU B CB    1 
ATOM   880  C CG    . LEU A 1 131 ? -2.954  -6.612  -10.586 1.00 47.79  ? 137 LEU B CG    1 
ATOM   881  C CD1   . LEU A 1 131 ? -2.448  -5.905  -11.796 1.00 45.58  ? 137 LEU B CD1   1 
ATOM   882  C CD2   . LEU A 1 131 ? -2.762  -5.776  -9.344  1.00 48.13  ? 137 LEU B CD2   1 
ATOM   883  N N     . TYR A 1 132 ? -5.744  -6.788  -8.142  1.00 52.15  ? 138 TYR B N     1 
ATOM   884  C CA    . TYR A 1 132 ? -5.822  -6.408  -6.750  1.00 55.70  ? 138 TYR B CA    1 
ATOM   885  C C     . TYR A 1 132 ? -6.180  -7.579  -5.860  1.00 56.73  ? 138 TYR B C     1 
ATOM   886  O O     . TYR A 1 132 ? -5.489  -7.854  -4.881  1.00 56.00  ? 138 TYR B O     1 
ATOM   887  C CB    . TYR A 1 132 ? -6.861  -5.310  -6.583  1.00 57.05  ? 138 TYR B CB    1 
ATOM   888  C CG    . TYR A 1 132 ? -7.292  -5.072  -5.151  1.00 58.85  ? 138 TYR B CG    1 
ATOM   889  C CD1   . TYR A 1 132 ? -6.461  -4.409  -4.242  1.00 59.93  ? 138 TYR B CD1   1 
ATOM   890  C CD2   . TYR A 1 132 ? -8.523  -5.534  -4.706  1.00 59.29  ? 138 TYR B CD2   1 
ATOM   891  C CE1   . TYR A 1 132 ? -6.850  -4.221  -2.925  1.00 60.30  ? 138 TYR B CE1   1 
ATOM   892  C CE2   . TYR A 1 132 ? -8.919  -5.354  -3.401  1.00 60.04  ? 138 TYR B CE2   1 
ATOM   893  C CZ    . TYR A 1 132 ? -8.086  -4.702  -2.507  1.00 60.87  ? 138 TYR B CZ    1 
ATOM   894  O OH    . TYR A 1 132 ? -8.516  -4.553  -1.204  1.00 62.08  ? 138 TYR B OH    1 
ATOM   895  N N     . GLU A 1 133 ? -7.269  -8.257  -6.202  1.00 58.39  ? 139 GLU B N     1 
ATOM   896  C CA    . GLU A 1 133 ? -7.738  -9.396  -5.423  1.00 59.61  ? 139 GLU B CA    1 
ATOM   897  C C     . GLU A 1 133 ? -6.780  -10.556 -5.433  1.00 59.62  ? 139 GLU B C     1 
ATOM   898  O O     . GLU A 1 133 ? -6.739  -11.319 -4.479  1.00 59.19  ? 139 GLU B O     1 
ATOM   899  C CB    . GLU A 1 133 ? -9.121  -9.842  -5.899  1.00 61.93  ? 139 GLU B CB    1 
ATOM   900  C CG    . GLU A 1 133 ? -10.235 -9.053  -5.211  1.00 65.10  ? 139 GLU B CG    1 
ATOM   901  C CD    . GLU A 1 133 ? -11.500 -8.970  -6.027  1.00 67.47  ? 139 GLU B CD    1 
ATOM   902  O OE1   . GLU A 1 133 ? -11.927 -10.035 -6.522  1.00 66.81  ? 139 GLU B OE1   1 
ATOM   903  O OE2   . GLU A 1 133 ? -12.059 -7.845  -6.161  1.00 67.97  ? 139 GLU B OE2   1 
ATOM   904  N N     . ILE A 1 134 ? -5.994  -10.677 -6.496  1.00 60.04  ? 140 ILE B N     1 
ATOM   905  C CA    . ILE A 1 134 ? -5.021  -11.763 -6.581  1.00 60.57  ? 140 ILE B CA    1 
ATOM   906  C C     . ILE A 1 134 ? -3.851  -11.477 -5.660  1.00 61.00  ? 140 ILE B C     1 
ATOM   907  O O     . ILE A 1 134 ? -3.357  -12.368 -4.967  1.00 61.98  ? 140 ILE B O     1 
ATOM   908  C CB    . ILE A 1 134 ? -4.472  -11.945 -8.009  1.00 60.01  ? 140 ILE B CB    1 
ATOM   909  C CG1   . ILE A 1 134 ? -5.612  -12.343 -8.949  1.00 60.80  ? 140 ILE B CG1   1 
ATOM   910  C CG2   . ILE A 1 134 ? -3.351  -12.986 -8.004  1.00 58.37  ? 140 ILE B CG2   1 
ATOM   911  C CD1   . ILE A 1 134 ? -5.195  -12.551 -10.376 1.00 61.68  ? 140 ILE B CD1   1 
ATOM   912  N N     . VAL A 1 135 ? -3.412  -10.224 -5.671  1.00 60.68  ? 141 VAL B N     1 
ATOM   913  C CA    . VAL A 1 135 ? -2.302  -9.783  -4.854  1.00 59.91  ? 141 VAL B CA    1 
ATOM   914  C C     . VAL A 1 135 ? -2.729  -9.862  -3.394  1.00 59.70  ? 141 VAL B C     1 
ATOM   915  O O     . VAL A 1 135 ? -2.023  -10.421 -2.560  1.00 57.89  ? 141 VAL B O     1 
ATOM   916  C CB    . VAL A 1 135 ? -1.892  -8.340  -5.260  1.00 60.92  ? 141 VAL B CB    1 
ATOM   917  C CG1   . VAL A 1 135 ? -0.728  -7.835  -4.407  1.00 60.07  ? 141 VAL B CG1   1 
ATOM   918  C CG2   . VAL A 1 135 ? -1.519  -8.328  -6.753  1.00 60.99  ? 141 VAL B CG2   1 
ATOM   919  N N     . CYS A 1 136 ? -3.903  -9.332  -3.082  1.00 59.46  ? 142 CYS B N     1 
ATOM   920  C CA    . CYS A 1 136 ? -4.363  -9.393  -1.706  1.00 60.53  ? 142 CYS B CA    1 
ATOM   921  C C     . CYS A 1 136 ? -4.269  -10.809 -1.185  1.00 61.16  ? 142 CYS B C     1 
ATOM   922  O O     . CYS A 1 136 ? -3.632  -11.066 -0.181  1.00 61.58  ? 142 CYS B O     1 
ATOM   923  C CB    . CYS A 1 136 ? -5.800  -8.931  -1.604  1.00 61.11  ? 142 CYS B CB    1 
ATOM   924  S SG    . CYS A 1 136 ? -6.015  -7.182  -1.850  1.00 65.55  ? 142 CYS B SG    1 
ATOM   925  N N     . LEU A 1 137 ? -4.900  -11.736 -1.886  1.00 61.78  ? 143 LEU B N     1 
ATOM   926  C CA    . LEU A 1 137 ? -4.891  -13.122 -1.456  1.00 61.29  ? 143 LEU B CA    1 
ATOM   927  C C     . LEU A 1 137 ? -3.492  -13.699 -1.237  1.00 59.77  ? 143 LEU B C     1 
ATOM   928  O O     . LEU A 1 137 ? -3.296  -14.522 -0.348  1.00 58.48  ? 143 LEU B O     1 
ATOM   929  C CB    . LEU A 1 137 ? -5.651  -14.001 -2.456  1.00 63.89  ? 143 LEU B CB    1 
ATOM   930  C CG    . LEU A 1 137 ? -5.949  -15.378 -1.838  1.00 64.36  ? 143 LEU B CG    1 
ATOM   931  C CD1   . LEU A 1 137 ? -7.208  -15.260 -1.004  1.00 64.82  ? 143 LEU B CD1   1 
ATOM   932  C CD2   . LEU A 1 137 ? -6.091  -16.468 -2.903  1.00 65.39  ? 143 LEU B CD2   1 
ATOM   933  N N     . ASP A 1 138 ? -2.522  -13.292 -2.044  1.00 59.38  ? 144 ASP B N     1 
ATOM   934  C CA    . ASP A 1 138 ? -1.174  -13.817 -1.869  1.00 59.31  ? 144 ASP B CA    1 
ATOM   935  C C     . ASP A 1 138 ? -0.493  -13.271 -0.653  1.00 58.61  ? 144 ASP B C     1 
ATOM   936  O O     . ASP A 1 138 ? 0.149   -14.003 0.078   1.00 59.00  ? 144 ASP B O     1 
ATOM   937  C CB    . ASP A 1 138 ? -0.302  -13.520 -3.069  1.00 60.10  ? 144 ASP B CB    1 
ATOM   938  C CG    . ASP A 1 138 ? -0.376  -14.597 -4.096  1.00 62.50  ? 144 ASP B CG    1 
ATOM   939  O OD1   . ASP A 1 138 ? 0.382   -14.512 -5.087  1.00 64.99  ? 144 ASP B OD1   1 
ATOM   940  O OD2   . ASP A 1 138 ? -1.191  -15.527 -3.909  1.00 63.66  ? 144 ASP B OD2   1 
ATOM   941  N N     . VAL A 1 139 ? -0.620  -11.972 -0.444  1.00 58.53  ? 145 VAL B N     1 
ATOM   942  C CA    . VAL A 1 139 ? -0.011  -11.334 0.703   1.00 57.55  ? 145 VAL B CA    1 
ATOM   943  C C     . VAL A 1 139 ? -0.563  -11.971 1.962   1.00 57.89  ? 145 VAL B C     1 
ATOM   944  O O     . VAL A 1 139 ? 0.185   -12.420 2.823   1.00 56.05  ? 145 VAL B O     1 
ATOM   945  C CB    . VAL A 1 139 ? -0.284  -9.834  0.681   1.00 57.18  ? 145 VAL B CB    1 
ATOM   946  C CG1   . VAL A 1 139 ? -0.546  -9.330  2.084   1.00 56.95  ? 145 VAL B CG1   1 
ATOM   947  C CG2   . VAL A 1 139 ? 0.904   -9.114  0.033   1.00 54.52  ? 145 VAL B CG2   1 
ATOM   948  N N     . GLN A 1 140 ? -1.880  -12.028 2.058   1.00 60.10  ? 146 GLN B N     1 
ATOM   949  C CA    . GLN A 1 140 ? -2.506  -12.650 3.206   1.00 63.63  ? 146 GLN B CA    1 
ATOM   950  C C     . GLN A 1 140 ? -1.900  -14.043 3.441   1.00 64.71  ? 146 GLN B C     1 
ATOM   951  O O     . GLN A 1 140 ? -1.586  -14.396 4.582   1.00 64.85  ? 146 GLN B O     1 
ATOM   952  C CB    . GLN A 1 140 ? -4.007  -12.749 2.980   1.00 65.30  ? 146 GLN B CB    1 
ATOM   953  C CG    . GLN A 1 140 ? -4.672  -11.402 2.851   1.00 70.79  ? 146 GLN B CG    1 
ATOM   954  C CD    . GLN A 1 140 ? -6.185  -11.511 2.762   1.00 74.21  ? 146 GLN B CD    1 
ATOM   955  O OE1   . GLN A 1 140 ? -6.888  -10.499 2.699   1.00 75.08  ? 146 GLN B OE1   1 
ATOM   956  N NE2   . GLN A 1 140 ? -6.697  -12.750 2.759   1.00 74.89  ? 146 GLN B NE2   1 
ATOM   957  N N     . LYS A 1 141 ? -1.729  -14.816 2.363   1.00 64.52  ? 147 LYS B N     1 
ATOM   958  C CA    . LYS A 1 141 ? -1.149  -16.152 2.437   1.00 64.13  ? 147 LYS B CA    1 
ATOM   959  C C     . LYS A 1 141 ? 0.300   -16.079 2.914   1.00 63.79  ? 147 LYS B C     1 
ATOM   960  O O     . LYS A 1 141 ? 0.710   -16.819 3.817   1.00 64.70  ? 147 LYS B O     1 
ATOM   961  C CB    . LYS A 1 141 ? -1.199  -16.836 1.072   1.00 66.07  ? 147 LYS B CB    1 
ATOM   962  C CG    . LYS A 1 141 ? -2.545  -17.477 0.756   1.00 68.04  ? 147 LYS B CG    1 
ATOM   963  C CD    . LYS A 1 141 ? -2.489  -18.425 -0.457  1.00 69.66  ? 147 LYS B CD    1 
ATOM   964  C CE    . LYS A 1 141 ? -2.129  -17.692 -1.740  1.00 71.39  ? 147 LYS B CE    1 
ATOM   965  N NZ    . LYS A 1 141 ? -3.115  -17.932 -2.836  1.00 71.98  ? 147 LYS B NZ    1 
ATOM   966  N N     . LEU A 1 142 ? 1.082   -15.191 2.305   1.00 62.31  ? 148 LEU B N     1 
ATOM   967  C CA    . LEU A 1 142 ? 2.470   -15.024 2.702   1.00 60.46  ? 148 LEU B CA    1 
ATOM   968  C C     . LEU A 1 142 ? 2.513   -14.667 4.183   1.00 59.67  ? 148 LEU B C     1 
ATOM   969  O O     . LEU A 1 142 ? 3.191   -15.317 4.960   1.00 58.97  ? 148 LEU B O     1 
ATOM   970  C CB    . LEU A 1 142 ? 3.120   -13.929 1.870   1.00 58.36  ? 148 LEU B CB    1 
ATOM   971  C CG    . LEU A 1 142 ? 4.557   -13.540 2.202   1.00 58.47  ? 148 LEU B CG    1 
ATOM   972  C CD1   . LEU A 1 142 ? 5.425   -14.750 2.409   1.00 57.32  ? 148 LEU B CD1   1 
ATOM   973  C CD2   . LEU A 1 142 ? 5.092   -12.702 1.062   1.00 59.58  ? 148 LEU B CD2   1 
ATOM   974  N N     . GLN A 1 143 ? 1.752   -13.654 4.573   1.00 58.91  ? 149 GLN B N     1 
ATOM   975  C CA    . GLN A 1 143 ? 1.712   -13.219 5.961   1.00 59.72  ? 149 GLN B CA    1 
ATOM   976  C C     . GLN A 1 143 ? 1.260   -14.290 6.961   1.00 61.38  ? 149 GLN B C     1 
ATOM   977  O O     . GLN A 1 143 ? 1.839   -14.415 8.039   1.00 61.40  ? 149 GLN B O     1 
ATOM   978  C CB    . GLN A 1 143 ? 0.797   -12.003 6.111   1.00 58.22  ? 149 GLN B CB    1 
ATOM   979  C CG    . GLN A 1 143 ? 1.112   -10.839 5.191   1.00 56.65  ? 149 GLN B CG    1 
ATOM   980  C CD    . GLN A 1 143 ? 0.165   -9.676  5.392   1.00 55.32  ? 149 GLN B CD    1 
ATOM   981  O OE1   . GLN A 1 143 ? -1.035  -9.867  5.573   1.00 54.50  ? 149 GLN B OE1   1 
ATOM   982  N NE2   . GLN A 1 143 ? 0.699   -8.465  5.355   1.00 55.84  ? 149 GLN B NE2   1 
ATOM   983  N N     . GLN A 1 144 ? 0.219   -15.047 6.623   1.00 62.69  ? 150 GLN B N     1 
ATOM   984  C CA    . GLN A 1 144 ? -0.288  -16.084 7.519   1.00 63.27  ? 150 GLN B CA    1 
ATOM   985  C C     . GLN A 1 144 ? 0.771   -17.170 7.711   1.00 63.16  ? 150 GLN B C     1 
ATOM   986  O O     . GLN A 1 144 ? 0.817   -17.853 8.739   1.00 62.09  ? 150 GLN B O     1 
ATOM   987  C CB    . GLN A 1 144 ? -1.550  -16.698 6.929   1.00 65.96  ? 150 GLN B CB    1 
ATOM   988  C CG    . GLN A 1 144 ? -2.358  -17.548 7.890   1.00 69.58  ? 150 GLN B CG    1 
ATOM   989  C CD    . GLN A 1 144 ? -3.638  -16.856 8.325   1.00 73.49  ? 150 GLN B CD    1 
ATOM   990  O OE1   . GLN A 1 144 ? -4.353  -16.276 7.500   1.00 74.69  ? 150 GLN B OE1   1 
ATOM   991  N NE2   . GLN A 1 144 ? -3.944  -16.920 9.620   1.00 74.44  ? 150 GLN B NE2   1 
ATOM   992  N N     . ALA A 1 145 ? 1.621   -17.306 6.697   1.00 63.18  ? 151 ALA B N     1 
ATOM   993  C CA    . ALA A 1 145 ? 2.701   -18.281 6.677   1.00 63.57  ? 151 ALA B CA    1 
ATOM   994  C C     . ALA A 1 145 ? 3.830   -17.889 7.609   1.00 63.35  ? 151 ALA B C     1 
ATOM   995  O O     . ALA A 1 145 ? 4.333   -18.711 8.363   1.00 62.90  ? 151 ALA B O     1 
ATOM   996  C CB    . ALA A 1 145 ? 3.237   -18.428 5.254   1.00 62.95  ? 151 ALA B CB    1 
ATOM   997  N N     . VAL A 1 146 ? 4.242   -16.629 7.535   1.00 64.66  ? 152 VAL B N     1 
ATOM   998  C CA    . VAL A 1 146 ? 5.333   -16.129 8.367   1.00 65.07  ? 152 VAL B CA    1 
ATOM   999  C C     . VAL A 1 146 ? 5.002   -16.284 9.844   1.00 64.38  ? 152 VAL B C     1 
ATOM   1000 O O     . VAL A 1 146 ? 5.853   -16.655 10.640  1.00 63.23  ? 152 VAL B O     1 
ATOM   1001 C CB    . VAL A 1 146 ? 5.658   -14.636 8.049   1.00 64.69  ? 152 VAL B CB    1 
ATOM   1002 C CG1   . VAL A 1 146 ? 6.604   -14.074 9.079   1.00 64.86  ? 152 VAL B CG1   1 
ATOM   1003 C CG2   . VAL A 1 146 ? 6.304   -14.532 6.689   1.00 64.45  ? 152 VAL B CG2   1 
ATOM   1004 N N     . VAL A 1 147 ? 3.755   -16.012 10.198  1.00 63.86  ? 153 VAL B N     1 
ATOM   1005 C CA    . VAL A 1 147 ? 3.325   -16.127 11.579  1.00 65.15  ? 153 VAL B CA    1 
ATOM   1006 C C     . VAL A 1 147 ? 3.352   -17.594 12.004  1.00 65.83  ? 153 VAL B C     1 
ATOM   1007 O O     . VAL A 1 147 ? 3.774   -17.916 13.108  1.00 66.38  ? 153 VAL B O     1 
ATOM   1008 C CB    . VAL A 1 147 ? 1.886   -15.557 11.776  1.00 65.20  ? 153 VAL B CB    1 
ATOM   1009 C CG1   . VAL A 1 147 ? 1.429   -15.787 13.198  1.00 64.26  ? 153 VAL B CG1   1 
ATOM   1010 C CG2   . VAL A 1 147 ? 1.855   -14.061 11.444  1.00 64.60  ? 153 VAL B CG2   1 
ATOM   1011 N N     . ALA A 1 148 ? 2.913   -18.485 11.121  1.00 67.35  ? 154 ALA B N     1 
ATOM   1012 C CA    . ALA A 1 148 ? 2.879   -19.917 11.432  1.00 67.15  ? 154 ALA B CA    1 
ATOM   1013 C C     . ALA A 1 148 ? 4.269   -20.535 11.554  1.00 67.80  ? 154 ALA B C     1 
ATOM   1014 O O     . ALA A 1 148 ? 4.400   -21.733 11.809  1.00 68.54  ? 154 ALA B O     1 
ATOM   1015 C CB    . ALA A 1 148 ? 2.063   -20.665 10.389  1.00 66.12  ? 154 ALA B CB    1 
ATOM   1016 N N     . LYS A 1 149 ? 5.300   -19.716 11.371  1.00 68.13  ? 155 LYS B N     1 
ATOM   1017 C CA    . LYS A 1 149 ? 6.670   -20.182 11.489  1.00 68.84  ? 155 LYS B CA    1 
ATOM   1018 C C     . LYS A 1 149 ? 7.312   -19.589 12.739  1.00 69.98  ? 155 LYS B C     1 
ATOM   1019 O O     . LYS A 1 149 ? 8.510   -19.774 12.979  1.00 69.70  ? 155 LYS B O     1 
ATOM   1020 C CB    . LYS A 1 149 ? 7.487   -19.776 10.273  1.00 69.18  ? 155 LYS B CB    1 
ATOM   1021 C CG    . LYS A 1 149 ? 7.725   -20.870 9.280   1.00 69.80  ? 155 LYS B CG    1 
ATOM   1022 C CD    . LYS A 1 149 ? 9.003   -20.607 8.506   1.00 71.49  ? 155 LYS B CD    1 
ATOM   1023 C CE    . LYS A 1 149 ? 9.250   -21.689 7.462   1.00 72.12  ? 155 LYS B CE    1 
ATOM   1024 N NZ    . LYS A 1 149 ? 8.212   -21.657 6.388   1.00 73.48  ? 155 LYS B NZ    1 
ATOM   1025 N N     . THR A 1 150 ? 6.515   -18.868 13.527  1.00 71.06  ? 156 THR B N     1 
ATOM   1026 C CA    . THR A 1 150 ? 6.996   -18.255 14.765  1.00 73.64  ? 156 THR B CA    1 
ATOM   1027 C C     . THR A 1 150 ? 6.204   -18.758 15.971  1.00 75.14  ? 156 THR B C     1 
ATOM   1028 O O     . THR A 1 150 ? 5.136   -19.373 15.822  1.00 75.09  ? 156 THR B O     1 
ATOM   1029 C CB    . THR A 1 150 ? 6.876   -16.708 14.740  1.00 73.38  ? 156 THR B CB    1 
ATOM   1030 O OG1   . THR A 1 150 ? 5.537   -16.316 15.083  1.00 73.44  ? 156 THR B OG1   1 
ATOM   1031 C CG2   . THR A 1 150 ? 7.234   -16.166 13.361  1.00 72.96  ? 156 THR B CG2   1 
ATOM   1032 N N     . ASN A 1 151 ? 6.735   -18.477 17.162  1.00 76.99  ? 157 ASN B N     1 
ATOM   1033 C CA    . ASN A 1 151 ? 6.112   -18.882 18.422  1.00 78.44  ? 157 ASN B CA    1 
ATOM   1034 C C     . ASN A 1 151 ? 4.975   -17.907 18.809  1.00 79.01  ? 157 ASN B C     1 
ATOM   1035 O O     . ASN A 1 151 ? 4.206   -18.168 19.735  1.00 79.29  ? 157 ASN B O     1 
ATOM   1036 C CB    . ASN A 1 151 ? 7.163   -18.928 19.558  1.00 80.12  ? 157 ASN B CB    1 
ATOM   1037 C CG    . ASN A 1 151 ? 8.491   -19.616 19.148  1.00 81.77  ? 157 ASN B CG    1 
ATOM   1038 O OD1   . ASN A 1 151 ? 8.514   -20.781 18.741  1.00 82.09  ? 157 ASN B OD1   1 
ATOM   1039 N ND2   . ASN A 1 151 ? 9.604   -18.881 19.279  1.00 82.56  ? 157 ASN B ND2   1 
ATOM   1040 N N     . ILE A 1 152 ? 4.864   -16.799 18.080  1.00 79.55  ? 158 ILE B N     1 
ATOM   1041 C CA    . ILE A 1 152 ? 3.850   -15.774 18.344  1.00 80.08  ? 158 ILE B CA    1 
ATOM   1042 C C     . ILE A 1 152 ? 2.381   -16.223 18.410  1.00 80.36  ? 158 ILE B C     1 
ATOM   1043 O O     . ILE A 1 152 ? 1.898   -16.977 17.565  1.00 81.15  ? 158 ILE B O     1 
ATOM   1044 C CB    . ILE A 1 152 ? 3.973   -14.630 17.319  1.00 80.19  ? 158 ILE B CB    1 
ATOM   1045 C CG1   . ILE A 1 152 ? 5.364   -13.989 17.446  1.00 80.78  ? 158 ILE B CG1   1 
ATOM   1046 C CG2   . ILE A 1 152 ? 2.860   -13.603 17.541  1.00 79.60  ? 158 ILE B CG2   1 
ATOM   1047 C CD1   . ILE A 1 152 ? 5.657   -12.907 16.430  1.00 81.74  ? 158 ILE B CD1   1 
ATOM   1048 N N     . SER A 1 153 ? 1.678   -15.729 19.425  1.00 80.55  ? 159 SER B N     1 
ATOM   1049 C CA    . SER A 1 153 ? 0.277   -16.063 19.634  1.00 80.37  ? 159 SER B CA    1 
ATOM   1050 C C     . SER A 1 153 ? -0.666  -14.953 19.214  1.00 80.70  ? 159 SER B C     1 
ATOM   1051 O O     . SER A 1 153 ? -0.278  -13.792 19.094  1.00 79.68  ? 159 SER B O     1 
ATOM   1052 C CB    . SER A 1 153 ? 0.021   -16.382 21.107  1.00 80.39  ? 159 SER B CB    1 
ATOM   1053 O OG    . SER A 1 153 ? 0.071   -15.215 21.912  1.00 79.65  ? 159 SER B OG    1 
ATOM   1054 N N     . GLN A 1 154 ? -1.919  -15.334 19.017  1.00 81.65  ? 160 GLN B N     1 
ATOM   1055 C CA    . GLN A 1 154 ? -2.968  -14.411 18.623  1.00 83.10  ? 160 GLN B CA    1 
ATOM   1056 C C     . GLN A 1 154 ? -3.141  -13.298 19.680  1.00 83.67  ? 160 GLN B C     1 
ATOM   1057 O O     . GLN A 1 154 ? -3.892  -12.336 19.464  1.00 82.87  ? 160 GLN B O     1 
ATOM   1058 C CB    . GLN A 1 154 ? -4.283  -15.176 18.469  1.00 84.23  ? 160 GLN B CB    1 
ATOM   1059 C CG    . GLN A 1 154 ? -4.138  -16.617 17.988  1.00 85.42  ? 160 GLN B CG    1 
ATOM   1060 C CD    . GLN A 1 154 ? -4.646  -16.821 16.563  1.00 86.80  ? 160 GLN B CD    1 
ATOM   1061 O OE1   . GLN A 1 154 ? -5.737  -16.352 16.206  1.00 86.98  ? 160 GLN B OE1   1 
ATOM   1062 N NE2   . GLN A 1 154 ? -3.865  -17.537 15.745  1.00 86.52  ? 160 GLN B NE2   1 
ATOM   1063 N N     . ASP A 1 155 ? -2.473  -13.450 20.826  1.00 84.69  ? 161 ASP B N     1 
ATOM   1064 C CA    . ASP A 1 155 ? -2.532  -12.451 21.906  1.00 85.31  ? 161 ASP B CA    1 
ATOM   1065 C C     . ASP A 1 155 ? -1.438  -11.432 21.626  1.00 84.41  ? 161 ASP B C     1 
ATOM   1066 O O     . ASP A 1 155 ? -1.637  -10.210 21.707  1.00 84.02  ? 161 ASP B O     1 
ATOM   1067 C CB    . ASP A 1 155 ? -2.233  -13.082 23.275  1.00 87.61  ? 161 ASP B CB    1 
ATOM   1068 C CG    . ASP A 1 155 ? -3.423  -13.810 23.875  1.00 89.77  ? 161 ASP B CG    1 
ATOM   1069 O OD1   . ASP A 1 155 ? -4.569  -13.351 23.680  1.00 90.72  ? 161 ASP B OD1   1 
ATOM   1070 O OD2   . ASP A 1 155 ? -3.197  -14.829 24.566  1.00 90.68  ? 161 ASP B OD2   1 
ATOM   1071 N N     . GLN A 1 156 ? -0.265  -11.974 21.312  1.00 83.09  ? 162 GLN B N     1 
ATOM   1072 C CA    . GLN A 1 156 ? 0.897   -11.176 21.009  1.00 81.74  ? 162 GLN B CA    1 
ATOM   1073 C C     . GLN A 1 156 ? 0.609   -10.298 19.799  1.00 81.17  ? 162 GLN B C     1 
ATOM   1074 O O     . GLN A 1 156 ? 1.072   -9.159  19.734  1.00 81.08  ? 162 GLN B O     1 
ATOM   1075 C CB    . GLN A 1 156 ? 2.080   -12.101 20.770  1.00 80.71  ? 162 GLN B CB    1 
ATOM   1076 C CG    . GLN A 1 156 ? 2.330   -13.004 21.961  1.00 80.33  ? 162 GLN B CG    1 
ATOM   1077 C CD    . GLN A 1 156 ? 3.689   -13.663 21.925  1.00 80.65  ? 162 GLN B CD    1 
ATOM   1078 O OE1   . GLN A 1 156 ? 4.000   -14.428 21.014  1.00 81.07  ? 162 GLN B OE1   1 
ATOM   1079 N NE2   . GLN A 1 156 ? 4.512   -13.365 22.922  1.00 81.50  ? 162 GLN B NE2   1 
ATOM   1080 N N     . MET A 1 157 ? -0.178  -10.816 18.856  1.00 79.80  ? 163 MET B N     1 
ATOM   1081 C CA    . MET A 1 157 ? -0.539  -10.049 17.676  1.00 77.92  ? 163 MET B CA    1 
ATOM   1082 C C     . MET A 1 157 ? -1.622  -9.009  17.958  1.00 78.85  ? 163 MET B C     1 
ATOM   1083 O O     . MET A 1 157 ? -1.634  -7.948  17.336  1.00 79.78  ? 163 MET B O     1 
ATOM   1084 C CB    . MET A 1 157 ? -1.031  -10.959 16.577  1.00 75.82  ? 163 MET B CB    1 
ATOM   1085 C CG    . MET A 1 157 ? -0.070  -12.027 16.185  1.00 74.44  ? 163 MET B CG    1 
ATOM   1086 S SD    . MET A 1 157 ? -0.699  -12.831 14.727  1.00 73.68  ? 163 MET B SD    1 
ATOM   1087 C CE    . MET A 1 157 ? -2.404  -12.848 15.046  1.00 73.08  ? 163 MET B CE    1 
ATOM   1088 N N     . GLN A 1 158 ? -2.554  -9.297  18.861  1.00 78.79  ? 164 GLN B N     1 
ATOM   1089 C CA    . GLN A 1 158 ? -3.570  -8.291  19.155  1.00 78.64  ? 164 GLN B CA    1 
ATOM   1090 C C     . GLN A 1 158 ? -2.952  -7.295  20.115  1.00 77.29  ? 164 GLN B C     1 
ATOM   1091 O O     . GLN A 1 158 ? -3.398  -6.151  20.209  1.00 75.23  ? 164 GLN B O     1 
ATOM   1092 C CB    . GLN A 1 158 ? -4.832  -8.904  19.773  1.00 80.46  ? 164 GLN B CB    1 
ATOM   1093 C CG    . GLN A 1 158 ? -5.900  -7.867  20.218  1.00 82.29  ? 164 GLN B CG    1 
ATOM   1094 C CD    . GLN A 1 158 ? -6.298  -6.865  19.125  1.00 83.96  ? 164 GLN B CD    1 
ATOM   1095 O OE1   . GLN A 1 158 ? -6.735  -7.247  18.035  1.00 84.03  ? 164 GLN B OE1   1 
ATOM   1096 N NE2   . GLN A 1 158 ? -6.158  -5.572  19.427  1.00 84.71  ? 164 GLN B NE2   1 
ATOM   1097 N N     . GLU A 1 159 ? -1.916  -7.726  20.826  1.00 76.81  ? 165 GLU B N     1 
ATOM   1098 C CA    . GLU A 1 159 ? -1.260  -6.816  21.745  1.00 77.13  ? 165 GLU B CA    1 
ATOM   1099 C C     . GLU A 1 159 ? -0.196  -5.971  21.042  1.00 75.17  ? 165 GLU B C     1 
ATOM   1100 O O     . GLU A 1 159 ? 0.001   -4.818  21.412  1.00 73.97  ? 165 GLU B O     1 
ATOM   1101 C CB    . GLU A 1 159 ? -0.689  -7.564  22.954  1.00 79.82  ? 165 GLU B CB    1 
ATOM   1102 C CG    . GLU A 1 159 ? -1.362  -7.118  24.259  1.00 84.44  ? 165 GLU B CG    1 
ATOM   1103 C CD    . GLU A 1 159 ? -1.057  -5.641  24.649  1.00 87.83  ? 165 GLU B CD    1 
ATOM   1104 O OE1   . GLU A 1 159 ? -0.850  -4.789  23.742  1.00 88.44  ? 165 GLU B OE1   1 
ATOM   1105 O OE2   . GLU A 1 159 ? -1.044  -5.334  25.875  1.00 88.64  ? 165 GLU B OE2   1 
ATOM   1106 N N     . THR A 1 160 ? 0.476   -6.529  20.034  1.00 73.56  ? 166 THR B N     1 
ATOM   1107 C CA    . THR A 1 160 ? 1.453   -5.751  19.270  1.00 72.04  ? 166 THR B CA    1 
ATOM   1108 C C     . THR A 1 160 ? 0.665   -4.579  18.674  1.00 72.03  ? 166 THR B C     1 
ATOM   1109 O O     . THR A 1 160 ? 1.019   -3.423  18.875  1.00 72.43  ? 166 THR B O     1 
ATOM   1110 C CB    . THR A 1 160 ? 2.097   -6.568  18.106  1.00 70.48  ? 166 THR B CB    1 
ATOM   1111 O OG1   . THR A 1 160 ? 3.167   -7.368  18.610  1.00 71.26  ? 166 THR B OG1   1 
ATOM   1112 C CG2   . THR A 1 160 ? 2.674   -5.662  17.055  1.00 69.94  ? 166 THR B CG2   1 
ATOM   1113 N N     . ILE A 1 161 ? -0.411  -4.888  17.956  1.00 70.63  ? 167 ILE B N     1 
ATOM   1114 C CA    . ILE A 1 161 ? -1.260  -3.884  17.333  1.00 70.54  ? 167 ILE B CA    1 
ATOM   1115 C C     . ILE A 1 161 ? -1.616  -2.720  18.253  1.00 70.99  ? 167 ILE B C     1 
ATOM   1116 O O     . ILE A 1 161 ? -1.748  -1.575  17.808  1.00 69.83  ? 167 ILE B O     1 
ATOM   1117 C CB    . ILE A 1 161 ? -2.582  -4.509  16.869  1.00 70.96  ? 167 ILE B CB    1 
ATOM   1118 C CG1   . ILE A 1 161 ? -2.307  -5.644  15.897  1.00 70.75  ? 167 ILE B CG1   1 
ATOM   1119 C CG2   . ILE A 1 161 ? -3.466  -3.464  16.207  1.00 69.58  ? 167 ILE B CG2   1 
ATOM   1120 C CD1   . ILE A 1 161 ? -3.573  -6.335  15.429  1.00 71.06  ? 167 ILE B CD1   1 
ATOM   1121 N N     . ASN A 1 162 ? -1.787  -3.012  19.541  1.00 71.68  ? 168 ASN B N     1 
ATOM   1122 C CA    . ASN A 1 162 ? -2.166  -1.962  20.486  1.00 71.88  ? 168 ASN B CA    1 
ATOM   1123 C C     . ASN A 1 162 ? -1.012  -1.036  20.849  1.00 70.07  ? 168 ASN B C     1 
ATOM   1124 O O     . ASN A 1 162 ? -1.211  0.167   21.039  1.00 69.35  ? 168 ASN B O     1 
ATOM   1125 C CB    . ASN A 1 162 ? -2.840  -2.578  21.722  1.00 73.24  ? 168 ASN B CB    1 
ATOM   1126 C CG    . ASN A 1 162 ? -4.225  -3.164  21.392  1.00 74.36  ? 168 ASN B CG    1 
ATOM   1127 O OD1   . ASN A 1 162 ? -4.979  -2.598  20.590  1.00 74.71  ? 168 ASN B OD1   1 
ATOM   1128 N ND2   . ASN A 1 162 ? -4.559  -4.290  22.014  1.00 75.04  ? 168 ASN B ND2   1 
ATOM   1129 N N     . VAL A 1 163 ? 0.187   -1.593  20.940  1.00 68.25  ? 169 VAL B N     1 
ATOM   1130 C CA    . VAL A 1 163 ? 1.360   -0.787  21.184  1.00 67.31  ? 169 VAL B CA    1 
ATOM   1131 C C     . VAL A 1 163 ? 1.482   0.033   19.900  1.00 66.99  ? 169 VAL B C     1 
ATOM   1132 O O     . VAL A 1 163 ? 1.413   1.264   19.901  1.00 66.65  ? 169 VAL B O     1 
ATOM   1133 C CB    . VAL A 1 163 ? 2.614   -1.651  21.318  1.00 67.25  ? 169 VAL B CB    1 
ATOM   1134 C CG1   . VAL A 1 163 ? 3.860   -0.798  21.103  1.00 66.41  ? 169 VAL B CG1   1 
ATOM   1135 C CG2   . VAL A 1 163 ? 2.650   -2.305  22.682  1.00 67.44  ? 169 VAL B CG2   1 
ATOM   1136 N N     . MET A 1 164 ? 1.636   -0.677  18.794  1.00 66.76  ? 170 MET B N     1 
ATOM   1137 C CA    . MET A 1 164 ? 1.777   -0.069  17.486  1.00 67.20  ? 170 MET B CA    1 
ATOM   1138 C C     . MET A 1 164 ? 0.811   1.069   17.194  1.00 67.46  ? 170 MET B C     1 
ATOM   1139 O O     . MET A 1 164 ? 1.244   2.173   16.869  1.00 68.40  ? 170 MET B O     1 
ATOM   1140 C CB    . MET A 1 164 ? 1.657   -1.137  16.402  1.00 67.20  ? 170 MET B CB    1 
ATOM   1141 C CG    . MET A 1 164 ? 2.761   -2.171  16.434  1.00 67.73  ? 170 MET B CG    1 
ATOM   1142 S SD    . MET A 1 164 ? 4.400   -1.414  16.392  1.00 70.51  ? 170 MET B SD    1 
ATOM   1143 C CE    . MET A 1 164 ? 4.261   -0.423  14.877  1.00 69.91  ? 170 MET B CE    1 
ATOM   1144 N N     . ASN A 1 165 ? -0.489  0.832   17.304  1.00 67.06  ? 171 ASN B N     1 
ATOM   1145 C CA    . ASN A 1 165 ? -1.436  1.907   16.995  1.00 66.78  ? 171 ASN B CA    1 
ATOM   1146 C C     . ASN A 1 165 ? -1.235  3.173   17.800  1.00 65.81  ? 171 ASN B C     1 
ATOM   1147 O O     . ASN A 1 165 ? -1.413  4.269   17.289  1.00 64.66  ? 171 ASN B O     1 
ATOM   1148 C CB    . ASN A 1 165 ? -2.872  1.430   17.155  1.00 67.44  ? 171 ASN B CB    1 
ATOM   1149 C CG    . ASN A 1 165 ? -3.296  0.532   16.037  1.00 67.77  ? 171 ASN B CG    1 
ATOM   1150 O OD1   . ASN A 1 165 ? -3.115  0.862   14.871  1.00 67.40  ? 171 ASN B OD1   1 
ATOM   1151 N ND2   . ASN A 1 165 ? -3.862  -0.615  16.378  1.00 69.24  ? 171 ASN B ND2   1 
ATOM   1152 N N     . GLN A 1 166 ? -0.868  3.025   19.065  1.00 66.92  ? 172 GLN B N     1 
ATOM   1153 C CA    . GLN A 1 166 ? -0.634  4.187   19.900  1.00 67.53  ? 172 GLN B CA    1 
ATOM   1154 C C     . GLN A 1 166 ? 0.423   5.052   19.224  1.00 68.32  ? 172 GLN B C     1 
ATOM   1155 O O     . GLN A 1 166 ? 0.253   6.269   19.086  1.00 67.93  ? 172 GLN B O     1 
ATOM   1156 C CB    . GLN A 1 166 ? -0.157  3.761   21.282  1.00 67.34  ? 172 GLN B CB    1 
ATOM   1157 C CG    . GLN A 1 166 ? -1.208  3.032   22.109  1.00 66.74  ? 172 GLN B CG    1 
ATOM   1158 C CD    . GLN A 1 166 ? -0.754  2.859   23.536  1.00 66.20  ? 172 GLN B CD    1 
ATOM   1159 O OE1   . GLN A 1 166 ? -0.480  3.838   24.226  1.00 65.87  ? 172 GLN B OE1   1 
ATOM   1160 N NE2   . GLN A 1 166 ? -0.659  1.613   23.987  1.00 64.65  ? 172 GLN B NE2   1 
ATOM   1161 N N     . ILE A 1 167 ? 1.513   4.418   18.795  1.00 68.16  ? 173 ILE B N     1 
ATOM   1162 C CA    . ILE A 1 167 ? 2.562   5.144   18.106  1.00 67.49  ? 173 ILE B CA    1 
ATOM   1163 C C     . ILE A 1 167 ? 2.016   5.739   16.808  1.00 67.72  ? 173 ILE B C     1 
ATOM   1164 O O     . ILE A 1 167 ? 2.064   6.946   16.621  1.00 67.67  ? 173 ILE B O     1 
ATOM   1165 C CB    . ILE A 1 167 ? 3.776   4.249   17.759  1.00 66.76  ? 173 ILE B CB    1 
ATOM   1166 C CG1   . ILE A 1 167 ? 4.390   3.659   19.034  1.00 67.97  ? 173 ILE B CG1   1 
ATOM   1167 C CG2   . ILE A 1 167 ? 4.828   5.077   17.022  1.00 65.43  ? 173 ILE B CG2   1 
ATOM   1168 C CD1   . ILE A 1 167 ? 5.124   4.654   19.911  1.00 69.14  ? 173 ILE B CD1   1 
ATOM   1169 N N     . HIS A 1 168 ? 1.470   4.909   15.925  1.00 67.44  ? 174 HIS B N     1 
ATOM   1170 C CA    . HIS A 1 168 ? 0.981   5.418   14.650  1.00 68.63  ? 174 HIS B CA    1 
ATOM   1171 C C     . HIS A 1 168 ? 0.091   6.655   14.796  1.00 69.44  ? 174 HIS B C     1 
ATOM   1172 O O     . HIS A 1 168 ? -0.007  7.480   13.883  1.00 67.99  ? 174 HIS B O     1 
ATOM   1173 C CB    . HIS A 1 168 ? 0.261   4.303   13.878  1.00 68.97  ? 174 HIS B CB    1 
ATOM   1174 C CG    . HIS A 1 168 ? 0.037   4.619   12.426  1.00 69.54  ? 174 HIS B CG    1 
ATOM   1175 N ND1   . HIS A 1 168 ? -0.380  3.671   11.515  1.00 70.07  ? 174 HIS B ND1   1 
ATOM   1176 C CD2   . HIS A 1 168 ? 0.110   5.789   11.743  1.00 68.19  ? 174 HIS B CD2   1 
ATOM   1177 C CE1   . HIS A 1 168 ? -0.561  4.247   10.338  1.00 69.23  ? 174 HIS B CE1   1 
ATOM   1178 N NE2   . HIS A 1 168 ? -0.271  5.531   10.451  1.00 67.95  ? 174 HIS B NE2   1 
ATOM   1179 N N     . GLU A 1 169 ? -0.525  6.790   15.962  1.00 71.51  ? 175 GLU B N     1 
ATOM   1180 C CA    . GLU A 1 169 ? -1.407  7.911   16.268  1.00 74.18  ? 175 GLU B CA    1 
ATOM   1181 C C     . GLU A 1 169 ? -0.578  9.170   16.556  1.00 75.00  ? 175 GLU B C     1 
ATOM   1182 O O     . GLU A 1 169 ? -0.773  10.207  15.937  1.00 74.99  ? 175 GLU B O     1 
ATOM   1183 C CB    . GLU A 1 169 ? -2.273  7.542   17.477  1.00 76.44  ? 175 GLU B CB    1 
ATOM   1184 C CG    . GLU A 1 169 ? -3.409  8.499   17.798  1.00 79.70  ? 175 GLU B CG    1 
ATOM   1185 C CD    . GLU A 1 169 ? -4.147  8.110   19.082  1.00 82.43  ? 175 GLU B CD    1 
ATOM   1186 O OE1   . GLU A 1 169 ? -4.980  8.922   19.567  1.00 82.63  ? 175 GLU B OE1   1 
ATOM   1187 O OE2   . GLU A 1 169 ? -3.893  6.992   19.604  1.00 82.60  ? 175 GLU B OE2   1 
ATOM   1188 N N     . ILE A 1 170 ? 0.354   9.074   17.494  1.00 75.91  ? 176 ILE B N     1 
ATOM   1189 C CA    . ILE A 1 170 ? 1.221   10.194  17.827  1.00 77.21  ? 176 ILE B CA    1 
ATOM   1190 C C     . ILE A 1 170 ? 1.955   10.711  16.586  1.00 78.93  ? 176 ILE B C     1 
ATOM   1191 O O     . ILE A 1 170 ? 2.316   11.883  16.519  1.00 79.27  ? 176 ILE B O     1 
ATOM   1192 C CB    . ILE A 1 170 ? 2.272   9.782   18.887  1.00 77.10  ? 176 ILE B CB    1 
ATOM   1193 C CG1   . ILE A 1 170 ? 1.649   9.790   20.281  1.00 77.49  ? 176 ILE B CG1   1 
ATOM   1194 C CG2   . ILE A 1 170 ? 3.463   10.706  18.841  1.00 76.69  ? 176 ILE B CG2   1 
ATOM   1195 C CD1   . ILE A 1 170 ? 0.574   8.764   20.487  1.00 78.91  ? 176 ILE B CD1   1 
ATOM   1196 N N     . LEU A 1 171 ? 2.180   9.836   15.610  1.00 80.41  ? 177 LEU B N     1 
ATOM   1197 C CA    . LEU A 1 171 ? 2.878   10.217  14.383  1.00 81.74  ? 177 LEU B CA    1 
ATOM   1198 C C     . LEU A 1 171 ? 1.973   10.998  13.439  1.00 82.77  ? 177 LEU B C     1 
ATOM   1199 O O     . LEU A 1 171 ? 2.402   11.977  12.834  1.00 83.01  ? 177 LEU B O     1 
ATOM   1200 C CB    . LEU A 1 171 ? 3.419   8.983   13.649  1.00 81.35  ? 177 LEU B CB    1 
ATOM   1201 C CG    . LEU A 1 171 ? 4.450   8.081   14.339  1.00 82.15  ? 177 LEU B CG    1 
ATOM   1202 C CD1   . LEU A 1 171 ? 4.887   6.996   13.352  1.00 82.18  ? 177 LEU B CD1   1 
ATOM   1203 C CD2   . LEU A 1 171 ? 5.653   8.884   14.818  1.00 80.81  ? 177 LEU B CD2   1 
ATOM   1204 N N     . LEU A 1 172 ? 0.730   10.551  13.304  1.00 83.77  ? 178 LEU B N     1 
ATOM   1205 C CA    . LEU A 1 172 ? -0.229  11.228  12.438  1.00 85.80  ? 178 LEU B CA    1 
ATOM   1206 C C     . LEU A 1 172 ? -0.772  12.471  13.149  1.00 87.61  ? 178 LEU B C     1 
ATOM   1207 O O     . LEU A 1 172 ? -0.917  13.545  12.548  1.00 87.34  ? 178 LEU B O     1 
ATOM   1208 C CB    . LEU A 1 172 ? -1.385  10.290  12.083  1.00 85.62  ? 178 LEU B CB    1 
ATOM   1209 C CG    . LEU A 1 172 ? -1.099  8.986   11.332  1.00 85.62  ? 178 LEU B CG    1 
ATOM   1210 C CD1   . LEU A 1 172 ? -2.438  8.358   10.946  1.00 85.79  ? 178 LEU B CD1   1 
ATOM   1211 C CD2   . LEU A 1 172 ? -0.268  9.238   10.085  1.00 84.77  ? 178 LEU B CD2   1 
ATOM   1212 N N     . LYS A 1 173 ? -1.115  12.306  14.424  1.00 89.96  ? 179 LYS B N     1 
ATOM   1213 C CA    . LYS A 1 173 ? -1.596  13.427  15.224  1.00 91.59  ? 179 LYS B CA    1 
ATOM   1214 C C     . LYS A 1 173 ? -0.292  14.126  15.585  1.00 92.56  ? 179 LYS B C     1 
ATOM   1215 O O     . LYS A 1 173 ? 0.228   14.006  16.705  1.00 92.83  ? 179 LYS B O     1 
ATOM   1216 C CB    . LYS A 1 173 ? -2.333  12.967  16.503  1.00 91.58  ? 179 LYS B CB    1 
ATOM   1217 C CG    . LYS A 1 173 ? -3.825  12.612  16.331  1.00 91.66  ? 179 LYS B CG    1 
ATOM   1218 C CD    . LYS A 1 173 ? -4.484  12.253  17.683  1.00 91.75  ? 179 LYS B CD    1 
ATOM   1219 C CE    . LYS A 1 173 ? -5.980  11.897  17.564  1.00 91.29  ? 179 LYS B CE    1 
ATOM   1220 N NZ    . LYS A 1 173 ? -6.863  13.081  17.274  1.00 90.87  ? 179 LYS B NZ    1 
ATOM   1221 N N     . GLU A 1 174 ? 0.246   14.821  14.589  1.00 92.83  ? 180 GLU B N     1 
ATOM   1222 C CA    . GLU A 1 174 ? 1.480   15.564  14.731  1.00 93.13  ? 180 GLU B CA    1 
ATOM   1223 C C     . GLU A 1 174 ? 1.806   16.119  13.357  1.00 93.95  ? 180 GLU B C     1 
ATOM   1224 O O     . GLU A 1 174 ? 2.085   17.314  13.204  1.00 94.48  ? 180 GLU B O     1 
ATOM   1225 C CB    . GLU A 1 174 ? 2.596   14.638  15.201  1.00 92.77  ? 180 GLU B CB    1 
ATOM   1226 C CG    . GLU A 1 174 ? 3.847   15.356  15.622  1.00 92.55  ? 180 GLU B CG    1 
ATOM   1227 C CD    . GLU A 1 174 ? 4.402   16.227  14.535  1.00 92.84  ? 180 GLU B CD    1 
ATOM   1228 O OE1   . GLU A 1 174 ? 4.484   15.743  13.382  1.00 92.01  ? 180 GLU B OE1   1 
ATOM   1229 O OE2   . GLU A 1 174 ? 4.757   17.389  14.840  1.00 94.11  ? 180 GLU B OE2   1 
ATOM   1230 N N     . ALA A 1 175 ? 1.759   15.240  12.360  1.00 94.41  ? 181 ALA B N     1 
ATOM   1231 C CA    . ALA A 1 175 ? 2.035   15.590  10.966  1.00 94.76  ? 181 ALA B CA    1 
ATOM   1232 C C     . ALA A 1 175 ? 0.811   16.189  10.266  1.00 94.88  ? 181 ALA B C     1 
ATOM   1233 O O     . ALA A 1 175 ? 1.009   16.978  9.313   1.00 94.55  ? 181 ALA B O     1 
ATOM   1234 C CB    . ALA A 1 175 ? 2.514   14.364  10.202  1.00 94.56  ? 181 ALA B CB    1 
HETATM 1235 C "C1'" . SAL B 2 .   ? -4.775  11.239  -16.884 1.00 78.31  ? 301 SAL B "C1'" 1 
HETATM 1236 O "O1'" . SAL B 2 .   ? -3.735  11.369  -17.561 1.00 79.03  ? 301 SAL B "O1'" 1 
HETATM 1237 O "O2'" . SAL B 2 .   ? -5.889  10.730  -17.464 1.00 76.44  ? 301 SAL B "O2'" 1 
HETATM 1238 C C1    . SAL B 2 .   ? -4.830  11.631  -15.426 1.00 78.21  ? 301 SAL B C1    1 
HETATM 1239 C C2    . SAL B 2 .   ? -3.681  12.194  -14.732 1.00 78.17  ? 301 SAL B C2    1 
HETATM 1240 C C3    . SAL B 2 .   ? -3.793  12.535  -13.364 1.00 77.77  ? 301 SAL B C3    1 
HETATM 1241 C C4    . SAL B 2 .   ? -5.006  12.329  -12.673 1.00 77.38  ? 301 SAL B C4    1 
HETATM 1242 C C5    . SAL B 2 .   ? -6.121  11.790  -13.336 1.00 76.97  ? 301 SAL B C5    1 
HETATM 1243 C C6    . SAL B 2 .   ? -6.048  11.444  -14.697 1.00 77.45  ? 301 SAL B C6    1 
HETATM 1244 O O2    . SAL B 2 .   ? -2.490  12.402  -15.374 1.00 78.75  ? 301 SAL B O2    1 
HETATM 1245 C C1    . KAN C 3 .   ? 3.203   0.998   3.505   1.00 60.21  ? 302 KAN B C1    1 
HETATM 1246 C C2    . KAN C 3 .   ? 1.738   1.022   3.968   1.00 60.93  ? 302 KAN B C2    1 
HETATM 1247 C C3    . KAN C 3 .   ? 0.965   2.304   3.648   1.00 62.37  ? 302 KAN B C3    1 
HETATM 1248 C C4    . KAN C 3 .   ? 1.840   3.523   3.937   1.00 62.54  ? 302 KAN B C4    1 
HETATM 1249 C C5    . KAN C 3 .   ? 2.966   3.381   2.916   1.00 64.79  ? 302 KAN B C5    1 
HETATM 1250 C C6    . KAN C 3 .   ? 3.626   4.752   2.634   1.00 65.59  ? 302 KAN B C6    1 
HETATM 1251 C C7    . KAN C 3 .   ? 3.712   -2.923  0.712   1.00 62.73  ? 302 KAN B C7    1 
HETATM 1252 C C8    . KAN C 3 .   ? 2.208   -3.066  0.939   1.00 61.44  ? 302 KAN B C8    1 
HETATM 1253 C C9    . KAN C 3 .   ? 1.804   -1.607  1.196   1.00 62.03  ? 302 KAN B C9    1 
HETATM 1254 C C10   . KAN C 3 .   ? 2.517   -0.929  2.381   1.00 61.73  ? 302 KAN B C10   1 
HETATM 1255 C C11   . KAN C 3 .   ? 3.222   -2.085  3.062   1.00 62.90  ? 302 KAN B C11   1 
HETATM 1256 C C12   . KAN C 3 .   ? 4.297   -2.602  2.093   1.00 65.00  ? 302 KAN B C12   1 
HETATM 1257 C C13   . KAN C 3 .   ? 1.273   -4.981  -0.383  1.00 59.43  ? 302 KAN B C13   1 
HETATM 1258 C C14   . KAN C 3 .   ? -0.181  -5.211  0.038   1.00 59.47  ? 302 KAN B C14   1 
HETATM 1259 C C15   . KAN C 3 .   ? -0.326  -4.936  1.536   1.00 59.10  ? 302 KAN B C15   1 
HETATM 1260 C C16   . KAN C 3 .   ? 0.570   -5.933  2.267   1.00 57.74  ? 302 KAN B C16   1 
HETATM 1261 C C17   . KAN C 3 .   ? 2.011   -5.863  1.765   1.00 57.53  ? 302 KAN B C17   1 
HETATM 1262 C C18   . KAN C 3 .   ? 2.562   -7.235  2.176   1.00 57.36  ? 302 KAN B C18   1 
HETATM 1263 N N1    . KAN C 3 .   ? 2.696   5.794   2.156   1.00 65.33  ? 302 KAN B N1    1 
HETATM 1264 N N2    . KAN C 3 .   ? 2.110   -3.011  3.338   1.00 60.80  ? 302 KAN B N2    1 
HETATM 1265 N N3    . KAN C 3 .   ? 4.274   -4.186  0.199   1.00 62.40  ? 302 KAN B N3    1 
HETATM 1266 N N4    . KAN C 3 .   ? -1.740  -5.084  1.920   1.00 57.46  ? 302 KAN B N4    1 
HETATM 1267 O O5    . KAN C 3 .   ? 3.804   2.308   3.408   1.00 61.89  ? 302 KAN B O5    1 
HETATM 1268 O O6    . KAN C 3 .   ? 0.988   -0.118  3.516   1.00 60.49  ? 302 KAN B O6    1 
HETATM 1269 O O7    . KAN C 3 .   ? -0.260  2.347   4.395   1.00 63.76  ? 302 KAN B O7    1 
HETATM 1270 O O8    . KAN C 3 .   ? 1.126   4.753   3.754   1.00 60.51  ? 302 KAN B O8    1 
HETATM 1271 O O9    . KAN C 3 .   ? 3.412   0.199   2.313   1.00 60.62  ? 302 KAN B O9    1 
HETATM 1272 O O10   . KAN C 3 .   ? 0.408   -1.645  1.514   1.00 60.64  ? 302 KAN B O10   1 
HETATM 1273 O O11   . KAN C 3 .   ? 1.542   -3.566  -0.232  1.00 62.60  ? 302 KAN B O11   1 
HETATM 1274 O O12   . KAN C 3 .   ? 2.169   -5.851  0.333   1.00 57.67  ? 302 KAN B O12   1 
HETATM 1275 O O13   . KAN C 3 .   ? -1.028  -4.262  -0.620  1.00 61.05  ? 302 KAN B O13   1 
HETATM 1276 O O14   . KAN C 3 .   ? 0.582   -5.624  3.664   1.00 57.79  ? 302 KAN B O14   1 
HETATM 1277 O O15   . KAN C 3 .   ? 1.571   -8.018  2.856   1.00 56.35  ? 302 KAN B O15   1 
HETATM 1278 O O     . HOH D 4 .   ? 20.246  -5.631  20.184  1.00 79.36  ? 701 HOH B O     1 
HETATM 1279 O O     . HOH D 4 .   ? -3.404  0.816   12.499  1.00 49.97  ? 702 HOH B O     1 
HETATM 1280 O O     . HOH D 4 .   ? 8.086   1.551   -7.079  1.00 64.80  ? 703 HOH B O     1 
HETATM 1281 O O     . HOH D 4 .   ? 3.495   4.927   -17.733 1.00 68.67  ? 704 HOH B O     1 
HETATM 1282 O O     . HOH D 4 .   ? -2.729  -14.136 28.733  1.00 67.01  ? 705 HOH B O     1 
HETATM 1283 O O     . HOH D 4 .   ? 2.698   -8.966  23.784  1.00 61.30  ? 706 HOH B O     1 
HETATM 1284 O O     . HOH D 4 .   ? -2.628  -16.177 31.244  1.00 67.50  ? 707 HOH B O     1 
HETATM 1285 O O     . HOH D 4 .   ? 4.968   -0.824  -19.299 1.00 60.13  ? 708 HOH B O     1 
HETATM 1286 O O     . HOH D 4 .   ? -4.409  -15.966 -5.095  1.00 69.84  ? 709 HOH B O     1 
HETATM 1287 O O     . HOH D 4 .   ? 4.354   5.838   -3.555  1.00 61.77  ? 710 HOH B O     1 
HETATM 1288 O O     . HOH D 4 .   ? 11.907  -21.304 12.929  1.00 75.34  ? 711 HOH B O     1 
HETATM 1289 O O     . HOH D 4 .   ? 1.700   15.616  1.570   1.00 92.86  ? 712 HOH B O     1 
HETATM 1290 O O     . HOH D 4 .   ? 4.249   17.945  9.672   1.00 93.73  ? 713 HOH B O     1 
HETATM 1291 O O     . HOH D 4 .   ? 1.985   12.086  8.185   1.00 72.82  ? 714 HOH B O     1 
HETATM 1292 O O     . HOH D 4 .   ? 2.862   20.385  15.149  1.00 86.98  ? 715 HOH B O     1 
HETATM 1293 O O     . HOH D 4 .   ? 11.371  -17.692 21.333  1.00 72.71  ? 716 HOH B O     1 
HETATM 1294 O O     . HOH D 4 .   ? -15.595 21.946  -6.919  1.00 80.45  ? 717 HOH B O     1 
HETATM 1295 O O     . HOH D 4 .   ? -10.920 24.040  -15.522 1.00 59.80  ? 718 HOH B O     1 
HETATM 1296 O O     . HOH D 4 .   ? 3.483   22.430  -2.177  1.00 70.86  ? 719 HOH B O     1 
HETATM 1297 O O     . HOH D 4 .   ? 11.884  -1.923  -18.589 1.00 88.09  ? 720 HOH B O     1 
HETATM 1298 O O     . HOH D 4 .   ? 14.520  -15.701 21.316  1.00 77.64  ? 721 HOH B O     1 
HETATM 1299 O O     . HOH D 4 .   ? -15.264 2.341   -13.400 1.00 73.36  ? 722 HOH B O     1 
HETATM 1300 O O     . HOH D 4 .   ? -5.394  -1.850  13.314  1.00 54.24  ? 723 HOH B O     1 
HETATM 1301 O O     . HOH D 4 .   ? -12.288 -3.860  -1.541  1.00 86.52  ? 724 HOH B O     1 
HETATM 1302 O O     . HOH D 4 .   ? -9.349  -4.398  21.328  1.00 91.70  ? 725 HOH B O     1 
HETATM 1303 O O     . HOH D 4 .   ? 11.193  -21.626 22.953  1.00 91.05  ? 726 HOH B O     1 
HETATM 1304 O O     . HOH D 4 .   ? -7.740  19.980  4.715   1.00 69.07  ? 727 HOH B O     1 
HETATM 1305 O O     . HOH D 4 .   ? 14.089  4.907   27.738  1.00 78.82  ? 728 HOH B O     1 
HETATM 1306 O O     . HOH D 4 .   ? 16.221  -2.106  29.856  1.00 104.12 ? 729 HOH B O     1 
HETATM 1307 O O     . HOH D 4 .   ? -7.304  4.532   5.627   1.00 70.42  ? 730 HOH B O     1 
HETATM 1308 O O     . HOH D 4 .   ? 23.570  -5.689  21.161  1.00 105.44 ? 731 HOH B O     1 
HETATM 1309 O O     . HOH D 4 .   ? -10.544 0.701   5.221   1.00 84.22  ? 732 HOH B O     1 
HETATM 1310 O O     . HOH D 4 .   ? -8.790  -14.301 -5.905  1.00 65.39  ? 733 HOH B O     1 
HETATM 1311 O O     . HOH D 4 .   ? 1.366   -9.698  25.989  1.00 98.71  ? 734 HOH B O     1 
HETATM 1312 O O     . HOH D 4 .   ? -2.954  -18.909 -5.265  1.00 76.47  ? 735 HOH B O     1 
HETATM 1313 O O     . HOH D 4 .   ? -16.289 15.972  -11.186 1.00 83.66  ? 736 HOH B O     1 
HETATM 1314 O O     . HOH D 4 .   ? 1.952   -16.767 24.531  1.00 97.25  ? 737 HOH B O     1 
HETATM 1315 O O     . HOH D 4 .   ? 3.876   11.920  10.733  1.00 87.66  ? 738 HOH B O     1 
HETATM 1316 O O     . HOH D 4 .   ? -8.825  15.093  6.254   1.00 86.61  ? 739 HOH B O     1 
HETATM 1317 O O     . HOH D 4 .   ? -1.956  -20.674 8.989   1.00 86.81  ? 740 HOH B O     1 
HETATM 1318 O O     . HOH D 4 .   ? -9.117  9.622   5.533   1.00 56.28  ? 741 HOH B O     1 
HETATM 1319 O O     . HOH D 4 .   ? -0.646  -20.334 20.750  1.00 68.27  ? 742 HOH B O     1 
HETATM 1320 O O     . HOH D 4 .   ? 15.262  1.184   -20.951 1.00 72.91  ? 743 HOH B O     1 
HETATM 1321 O O     . HOH D 4 .   ? -5.248  2.566   2.122   1.00 72.13  ? 744 HOH B O     1 
HETATM 1322 O O     . HOH D 4 .   ? -14.714 -5.589  0.903   1.00 81.65  ? 745 HOH B O     1 
HETATM 1323 O O     . HOH D 4 .   ? -7.816  7.313   -21.118 1.00 78.96  ? 746 HOH B O     1 
HETATM 1324 O O     . HOH D 4 .   ? -5.340  -18.344 29.685  1.00 73.01  ? 747 HOH B O     1 
HETATM 1325 O O     . HOH D 4 .   ? -12.671 13.708  8.026   1.00 88.98  ? 748 HOH B O     1 
HETATM 1326 O O     . HOH D 4 .   ? -4.177  -20.509 14.130  1.00 86.51  ? 749 HOH B O     1 
HETATM 1327 O O     . HOH D 4 .   ? -9.132  7.413   -23.634 1.00 88.44  ? 750 HOH B O     1 
HETATM 1328 O O     . HOH D 4 .   ? -9.139  13.666  9.159   1.00 84.89  ? 751 HOH B O     1 
HETATM 1329 O O     . HOH D 4 .   ? -10.127 9.245   -26.910 1.00 98.10  ? 752 HOH B O     1 
HETATM 1330 O O     . HOH D 4 .   ? -7.993  15.207  18.358  1.00 61.26  ? 753 HOH B O     1 
HETATM 1331 O O     . HOH D 4 .   ? -7.082  9.404   -19.393 1.00 60.56  ? 754 HOH B O     1 
HETATM 1332 O O     . HOH D 4 .   ? -5.338  -15.439 4.852   1.00 63.08  ? 755 HOH B O     1 
# 
loop_
_pdbx_poly_seq_scheme.asym_id 
_pdbx_poly_seq_scheme.entity_id 
_pdbx_poly_seq_scheme.seq_id 
_pdbx_poly_seq_scheme.mon_id 
_pdbx_poly_seq_scheme.ndb_seq_num 
_pdbx_poly_seq_scheme.pdb_seq_num 
_pdbx_poly_seq_scheme.auth_seq_num 
_pdbx_poly_seq_scheme.pdb_mon_id 
_pdbx_poly_seq_scheme.auth_mon_id 
_pdbx_poly_seq_scheme.pdb_strand_id 
_pdbx_poly_seq_scheme.pdb_ins_code 
_pdbx_poly_seq_scheme.hetero 
A 1 1   THR 1   7   7   THR THR B . n 
A 1 2   ALA 2   8   8   ALA ALA B . n 
A 1 3   ALA 3   9   9   ALA ALA B . n 
A 1 4   ALA 4   10  10  ALA ALA B . n 
A 1 5   LYS 5   11  11  LYS LYS B . n 
A 1 6   PHE 6   12  12  PHE PHE B . n 
A 1 7   GLU 7   13  13  GLU GLU B . n 
A 1 8   ARG 8   14  ?   ?   ?   B . n 
A 1 9   GLN 9   15  ?   ?   ?   B . n 
A 1 10  HIS 10  16  ?   ?   ?   B . n 
A 1 11  MET 11  17  ?   ?   ?   B . n 
A 1 12  ASP 12  18  ?   ?   ?   B . n 
A 1 13  SER 13  19  ?   ?   ?   B . n 
A 1 14  PRO 14  20  ?   ?   ?   B . n 
A 1 15  ASP 15  21  ?   ?   ?   B . n 
A 1 16  LEU 16  22  ?   ?   ?   B . n 
A 1 17  GLY 17  23  ?   ?   ?   B . n 
A 1 18  THR 18  24  ?   ?   ?   B . n 
A 1 19  ASP 19  25  ?   ?   ?   B . n 
A 1 20  ASP 20  26  ?   ?   ?   B . n 
A 1 21  ASP 21  27  ?   ?   ?   B . n 
A 1 22  ASP 22  28  ?   ?   ?   B . n 
A 1 23  LYS 23  29  ?   ?   ?   B . n 
A 1 24  ALA 24  30  ?   ?   ?   B . n 
A 1 25  MET 25  31  ?   ?   ?   B . n 
A 1 26  ALA 26  32  ?   ?   ?   B . n 
A 1 27  ASP 27  33  ?   ?   ?   B . n 
A 1 28  ILE 28  34  ?   ?   ?   B . n 
A 1 29  GLY 29  35  ?   ?   ?   B . n 
A 1 30  SER 30  36  ?   ?   ?   B . n 
A 1 31  ASP 31  37  ?   ?   ?   B . n 
A 1 32  PHE 32  38  ?   ?   ?   B . n 
A 1 33  MET 33  39  39  MET MET B . n 
A 1 34  LEU 34  40  40  LEU LEU B . n 
A 1 35  SER 35  41  41  SER SER B . n 
A 1 36  GLN 36  42  42  GLN GLN B . n 
A 1 37  GLU 37  43  43  GLU GLU B . n 
A 1 38  PHE 38  44  44  PHE PHE B . n 
A 1 39  PHE 39  45  45  PHE PHE B . n 
A 1 40  ASN 40  46  46  ASN ASN B . n 
A 1 41  SER 41  47  47  SER SER B . n 
A 1 42  PHE 42  48  48  PHE PHE B . n 
A 1 43  ILE 43  49  49  ILE ILE B . n 
A 1 44  THR 44  50  50  THR THR B . n 
A 1 45  ILE 45  51  51  ILE ILE B . n 
A 1 46  TYR 46  52  52  TYR TYR B . n 
A 1 47  ARG 47  53  53  ARG ARG B . n 
A 1 48  PRO 48  54  54  PRO PRO B . n 
A 1 49  TYR 49  55  55  TYR TYR B . n 
A 1 50  LEU 50  56  56  LEU LEU B . n 
A 1 51  LYS 51  57  57  LYS LYS B . n 
A 1 52  LEU 52  58  58  LEU LEU B . n 
A 1 53  THR 53  59  59  THR THR B . n 
A 1 54  GLU 54  60  60  GLU GLU B . n 
A 1 55  PRO 55  61  61  PRO PRO B . n 
A 1 56  ILE 56  62  62  ILE ILE B . n 
A 1 57  LEU 57  63  63  LEU LEU B . n 
A 1 58  GLU 58  64  64  GLU GLU B . n 
A 1 59  LYS 59  65  65  LYS LYS B . n 
A 1 60  HIS 60  66  66  HIS HIS B . n 
A 1 61  ASN 61  67  67  ASN ASN B . n 
A 1 62  ILE 62  68  68  ILE ILE B . n 
A 1 63  TYR 63  69  69  TYR TYR B . n 
A 1 64  TYR 64  70  70  TYR TYR B . n 
A 1 65  GLY 65  71  71  GLY GLY B . n 
A 1 66  GLN 66  72  72  GLN GLN B . n 
A 1 67  TRP 67  73  73  TRP TRP B . n 
A 1 68  LEU 68  74  74  LEU LEU B . n 
A 1 69  ILE 69  75  75  ILE ILE B . n 
A 1 70  LEU 70  76  76  LEU LEU B . n 
A 1 71  ARG 71  77  77  ARG ARG B . n 
A 1 72  ASP 72  78  78  ASP ASP B . n 
A 1 73  ILE 73  79  79  ILE ILE B . n 
A 1 74  ALA 74  80  80  ALA ALA B . n 
A 1 75  LYS 75  81  81  LYS LYS B . n 
A 1 76  HIS 76  82  82  HIS HIS B . n 
A 1 77  GLN 77  83  83  GLN GLN B . n 
A 1 78  PRO 78  84  84  PRO PRO B . n 
A 1 79  THR 79  85  85  THR THR B . n 
A 1 80  THR 80  86  86  THR THR B . n 
A 1 81  LEU 81  87  87  LEU LEU B . n 
A 1 82  ILE 82  88  88  ILE ILE B . n 
A 1 83  GLU 83  89  89  GLU GLU B . n 
A 1 84  ILE 84  90  90  ILE ILE B . n 
A 1 85  SER 85  91  91  SER SER B . n 
A 1 86  HIS 86  92  92  HIS HIS B . n 
A 1 87  ARG 87  93  93  ARG ARG B . n 
A 1 88  ARG 88  94  94  ARG ARG B . n 
A 1 89  ALA 89  95  95  ALA ALA B . n 
A 1 90  ILE 90  96  96  ILE ILE B . n 
A 1 91  GLU 91  97  97  GLU GLU B . n 
A 1 92  LYS 92  98  98  LYS LYS B . n 
A 1 93  PRO 93  99  99  PRO PRO B . n 
A 1 94  THR 94  100 100 THR THR B . n 
A 1 95  ALA 95  101 101 ALA ALA B . n 
A 1 96  ARG 96  102 102 ARG ARG B . n 
A 1 97  LYS 97  103 103 LYS LYS B . n 
A 1 98  THR 98  104 104 THR THR B . n 
A 1 99  LEU 99  105 105 LEU LEU B . n 
A 1 100 LYS 100 106 106 LYS LYS B . n 
A 1 101 ALA 101 107 107 ALA ALA B . n 
A 1 102 LEU 102 108 108 LEU LEU B . n 
A 1 103 ILE 103 109 109 ILE ILE B . n 
A 1 104 GLU 104 110 110 GLU GLU B . n 
A 1 105 ASN 105 111 111 ASN ASN B . n 
A 1 106 ASP 106 112 112 ASP ASP B . n 
A 1 107 LEU 107 113 113 LEU LEU B . n 
A 1 108 ILE 108 114 114 ILE ILE B . n 
A 1 109 THR 109 115 115 THR THR B . n 
A 1 110 VAL 110 116 116 VAL VAL B . n 
A 1 111 GLU 111 117 117 GLU GLU B . n 
A 1 112 ASN 112 118 118 ASN ASN B . n 
A 1 113 SER 113 119 119 SER SER B . n 
A 1 114 LEU 114 120 120 LEU LEU B . n 
A 1 115 GLU 115 121 121 GLU GLU B . n 
A 1 116 ASP 116 122 122 ASP ASP B . n 
A 1 117 LYS 117 123 123 LYS LYS B . n 
A 1 118 ARG 118 124 124 ARG ARG B . n 
A 1 119 GLN 119 125 125 GLN GLN B . n 
A 1 120 LYS 120 126 126 LYS LYS B . n 
A 1 121 PHE 121 127 127 PHE PHE B . n 
A 1 122 LEU 122 128 128 LEU LEU B . n 
A 1 123 THR 123 129 129 THR THR B . n 
A 1 124 LEU 124 130 130 LEU LEU B . n 
A 1 125 THR 125 131 131 THR THR B . n 
A 1 126 PRO 126 132 132 PRO PRO B . n 
A 1 127 LYS 127 133 133 LYS LYS B . n 
A 1 128 GLY 128 134 134 GLY GLY B . n 
A 1 129 HIS 129 135 135 HIS HIS B . n 
A 1 130 GLU 130 136 136 GLU GLU B . n 
A 1 131 LEU 131 137 137 LEU LEU B . n 
A 1 132 TYR 132 138 138 TYR TYR B . n 
A 1 133 GLU 133 139 139 GLU GLU B . n 
A 1 134 ILE 134 140 140 ILE ILE B . n 
A 1 135 VAL 135 141 141 VAL VAL B . n 
A 1 136 CYS 136 142 142 CYS CYS B . n 
A 1 137 LEU 137 143 143 LEU LEU B . n 
A 1 138 ASP 138 144 144 ASP ASP B . n 
A 1 139 VAL 139 145 145 VAL VAL B . n 
A 1 140 GLN 140 146 146 GLN GLN B . n 
A 1 141 LYS 141 147 147 LYS LYS B . n 
A 1 142 LEU 142 148 148 LEU LEU B . n 
A 1 143 GLN 143 149 149 GLN GLN B . n 
A 1 144 GLN 144 150 150 GLN GLN B . n 
A 1 145 ALA 145 151 151 ALA ALA B . n 
A 1 146 VAL 146 152 152 VAL VAL B . n 
A 1 147 VAL 147 153 153 VAL VAL B . n 
A 1 148 ALA 148 154 154 ALA ALA B . n 
A 1 149 LYS 149 155 155 LYS LYS B . n 
A 1 150 THR 150 156 156 THR THR B . n 
A 1 151 ASN 151 157 157 ASN ASN B . n 
A 1 152 ILE 152 158 158 ILE ILE B . n 
A 1 153 SER 153 159 159 SER SER B . n 
A 1 154 GLN 154 160 160 GLN GLN B . n 
A 1 155 ASP 155 161 161 ASP ASP B . n 
A 1 156 GLN 156 162 162 GLN GLN B . n 
A 1 157 MET 157 163 163 MET MET B . n 
A 1 158 GLN 158 164 164 GLN GLN B . n 
A 1 159 GLU 159 165 165 GLU GLU B . n 
A 1 160 THR 160 166 166 THR THR B . n 
A 1 161 ILE 161 167 167 ILE ILE B . n 
A 1 162 ASN 162 168 168 ASN ASN B . n 
A 1 163 VAL 163 169 169 VAL VAL B . n 
A 1 164 MET 164 170 170 MET MET B . n 
A 1 165 ASN 165 171 171 ASN ASN B . n 
A 1 166 GLN 166 172 172 GLN GLN B . n 
A 1 167 ILE 167 173 173 ILE ILE B . n 
A 1 168 HIS 168 174 174 HIS HIS B . n 
A 1 169 GLU 169 175 175 GLU GLU B . n 
A 1 170 ILE 170 176 176 ILE ILE B . n 
A 1 171 LEU 171 177 177 LEU LEU B . n 
A 1 172 LEU 172 178 178 LEU LEU B . n 
A 1 173 LYS 173 179 179 LYS LYS B . n 
A 1 174 GLU 174 180 180 GLU GLU B . n 
A 1 175 ALA 175 181 181 ALA ALA B . n 
A 1 176 HIS 176 182 ?   ?   ?   B . n 
A 1 177 ASN 177 183 ?   ?   ?   B . n 
A 1 178 ASP 178 184 ?   ?   ?   B . n 
# 
loop_
_pdbx_nonpoly_scheme.asym_id 
_pdbx_nonpoly_scheme.entity_id 
_pdbx_nonpoly_scheme.mon_id 
_pdbx_nonpoly_scheme.ndb_seq_num 
_pdbx_nonpoly_scheme.pdb_seq_num 
_pdbx_nonpoly_scheme.auth_seq_num 
_pdbx_nonpoly_scheme.pdb_mon_id 
_pdbx_nonpoly_scheme.auth_mon_id 
_pdbx_nonpoly_scheme.pdb_strand_id 
_pdbx_nonpoly_scheme.pdb_ins_code 
B 2 SAL 1  301 301 SAL SAL B . 
C 3 KAN 1  302 401 KAN KAN B . 
D 4 HOH 1  701 701 HOH WAT B . 
D 4 HOH 2  702 702 HOH WAT B . 
D 4 HOH 3  703 703 HOH WAT B . 
D 4 HOH 4  704 704 HOH WAT B . 
D 4 HOH 5  705 705 HOH WAT B . 
D 4 HOH 6  706 706 HOH WAT B . 
D 4 HOH 7  707 707 HOH WAT B . 
D 4 HOH 8  708 708 HOH WAT B . 
D 4 HOH 9  709 709 HOH WAT B . 
D 4 HOH 10 710 710 HOH WAT B . 
D 4 HOH 11 711 711 HOH WAT B . 
D 4 HOH 12 712 712 HOH WAT B . 
D 4 HOH 13 713 713 HOH WAT B . 
D 4 HOH 14 714 714 HOH WAT B . 
D 4 HOH 15 715 715 HOH WAT B . 
D 4 HOH 16 716 716 HOH WAT B . 
D 4 HOH 17 717 717 HOH WAT B . 
D 4 HOH 18 718 718 HOH WAT B . 
D 4 HOH 19 719 719 HOH WAT B . 
D 4 HOH 20 720 720 HOH WAT B . 
D 4 HOH 21 721 721 HOH WAT B . 
D 4 HOH 22 722 722 HOH WAT B . 
D 4 HOH 23 723 723 HOH WAT B . 
D 4 HOH 24 724 724 HOH WAT B . 
D 4 HOH 25 725 725 HOH WAT B . 
D 4 HOH 26 726 726 HOH WAT B . 
D 4 HOH 27 727 727 HOH WAT B . 
D 4 HOH 28 728 729 HOH WAT B . 
D 4 HOH 29 729 732 HOH WAT B . 
D 4 HOH 30 730 734 HOH WAT B . 
D 4 HOH 31 731 735 HOH WAT B . 
D 4 HOH 32 732 736 HOH WAT B . 
D 4 HOH 33 733 737 HOH WAT B . 
D 4 HOH 34 734 738 HOH WAT B . 
D 4 HOH 35 735 739 HOH WAT B . 
D 4 HOH 36 736 740 HOH WAT B . 
D 4 HOH 37 737 741 HOH WAT B . 
D 4 HOH 38 738 742 HOH WAT B . 
D 4 HOH 39 739 743 HOH WAT B . 
D 4 HOH 40 740 745 HOH WAT B . 
D 4 HOH 41 741 746 HOH WAT B . 
D 4 HOH 42 742 747 HOH WAT B . 
D 4 HOH 43 743 748 HOH WAT B . 
D 4 HOH 44 744 749 HOH WAT B . 
D 4 HOH 45 745 750 HOH WAT B . 
D 4 HOH 46 746 751 HOH WAT B . 
D 4 HOH 47 747 752 HOH WAT B . 
D 4 HOH 48 748 753 HOH WAT B . 
D 4 HOH 49 749 754 HOH WAT B . 
D 4 HOH 50 750 755 HOH WAT B . 
D 4 HOH 51 751 756 HOH WAT B . 
D 4 HOH 52 752 757 HOH WAT B . 
D 4 HOH 53 753 759 HOH WAT B . 
D 4 HOH 54 754 760 HOH WAT B . 
D 4 HOH 55 755 761 HOH WAT B . 
# 
loop_
_pdbx_struct_assembly.id 
_pdbx_struct_assembly.details 
_pdbx_struct_assembly.method_details 
_pdbx_struct_assembly.oligomeric_details 
_pdbx_struct_assembly.oligomeric_count 
1 author_defined_assembly   ?    monomeric 1 
2 software_defined_assembly PISA dimeric   2 
# 
loop_
_pdbx_struct_assembly_gen.assembly_id 
_pdbx_struct_assembly_gen.oper_expression 
_pdbx_struct_assembly_gen.asym_id_list 
1 1   A,B,C,D 
2 1,2 A,B,C,D 
# 
loop_
_pdbx_struct_assembly_prop.biol_id 
_pdbx_struct_assembly_prop.type 
_pdbx_struct_assembly_prop.value 
_pdbx_struct_assembly_prop.details 
2 'ABSA (A^2)' 8140  ? 
2 MORE         -34   ? 
2 'SSA (A^2)'  15090 ? 
# 
loop_
_pdbx_struct_oper_list.id 
_pdbx_struct_oper_list.type 
_pdbx_struct_oper_list.name 
_pdbx_struct_oper_list.symmetry_operation 
_pdbx_struct_oper_list.matrix[1][1] 
_pdbx_struct_oper_list.matrix[1][2] 
_pdbx_struct_oper_list.matrix[1][3] 
_pdbx_struct_oper_list.vector[1] 
_pdbx_struct_oper_list.matrix[2][1] 
_pdbx_struct_oper_list.matrix[2][2] 
_pdbx_struct_oper_list.matrix[2][3] 
_pdbx_struct_oper_list.vector[2] 
_pdbx_struct_oper_list.matrix[3][1] 
_pdbx_struct_oper_list.matrix[3][2] 
_pdbx_struct_oper_list.matrix[3][3] 
_pdbx_struct_oper_list.vector[3] 
1 'identity operation'         1_555 x,y,z         1.0000000000  0.0000000000 0.0000000000  0.0000000000  0.0000000000 1.0000000000  0.0000000000  0.0000000000 0.0000000000  0.0000000000  1.0000000000 0.0000000000 
2 'crystal symmetry operation' 5_555 x-y,-y,-z+1/3 -0.8235580588 0.2397198724 -0.5140880338 19.3664535525 0.2397198724 -0.6743086319 -0.6984570508 3.4915180226 -0.5140880338 -0.6984570508 0.4978666907 8.2749269257 
# 
loop_
_pdbx_audit_revision_history.ordinal 
_pdbx_audit_revision_history.data_content_type 
_pdbx_audit_revision_history.major_revision 
_pdbx_audit_revision_history.minor_revision 
_pdbx_audit_revision_history.revision_date 
1 'Structure model' 1 0 2013-04-17 
2 'Structure model' 1 1 2023-11-08 
# 
_pdbx_audit_revision_details.ordinal             1 
_pdbx_audit_revision_details.revision_ordinal    1 
_pdbx_audit_revision_details.data_content_type   'Structure model' 
_pdbx_audit_revision_details.provider            repository 
_pdbx_audit_revision_details.type                'Initial release' 
_pdbx_audit_revision_details.description         ? 
_pdbx_audit_revision_details.details             ? 
# 
loop_
_pdbx_audit_revision_group.ordinal 
_pdbx_audit_revision_group.revision_ordinal 
_pdbx_audit_revision_group.data_content_type 
_pdbx_audit_revision_group.group 
1 2 'Structure model' 'Data collection'        
2 2 'Structure model' 'Database references'    
3 2 'Structure model' 'Derived calculations'   
4 2 'Structure model' 'Refinement description' 
# 
loop_
_pdbx_audit_revision_category.ordinal 
_pdbx_audit_revision_category.revision_ordinal 
_pdbx_audit_revision_category.data_content_type 
_pdbx_audit_revision_category.category 
1 2 'Structure model' chem_comp_atom                
2 2 'Structure model' chem_comp_bond                
3 2 'Structure model' database_2                    
4 2 'Structure model' pdbx_initial_refinement_model 
5 2 'Structure model' struct_ref_seq_dif            
6 2 'Structure model' struct_site                   
# 
loop_
_pdbx_audit_revision_item.ordinal 
_pdbx_audit_revision_item.revision_ordinal 
_pdbx_audit_revision_item.data_content_type 
_pdbx_audit_revision_item.item 
1 2 'Structure model' '_database_2.pdbx_DOI'                
2 2 'Structure model' '_database_2.pdbx_database_accession' 
3 2 'Structure model' '_struct_ref_seq_dif.details'         
4 2 'Structure model' '_struct_site.pdbx_auth_asym_id'      
5 2 'Structure model' '_struct_site.pdbx_auth_comp_id'      
6 2 'Structure model' '_struct_site.pdbx_auth_seq_id'       
# 
loop_
_software.name 
_software.classification 
_software.version 
_software.citation_id 
_software.pdbx_ordinal 
HKL-2000 'data collection' . ? 1 
CNS      refinement        . ? 2 
HKL-2000 'data reduction'  . ? 3 
HKL-2000 'data scaling'    . ? 4 
CNS      phasing           . ? 5 
# 
loop_
_pdbx_validate_torsion.id 
_pdbx_validate_torsion.PDB_model_num 
_pdbx_validate_torsion.auth_comp_id 
_pdbx_validate_torsion.auth_asym_id 
_pdbx_validate_torsion.auth_seq_id 
_pdbx_validate_torsion.PDB_ins_code 
_pdbx_validate_torsion.label_alt_id 
_pdbx_validate_torsion.phi 
_pdbx_validate_torsion.psi 
1 1 ALA B 95  ? ? 66.86  71.29  
2 1 LYS B 98  ? ? -38.50 -35.28 
3 1 ALA B 154 ? ? -68.67 0.22   
4 1 GLN B 160 ? ? -59.84 -9.01  
5 1 GLU B 180 ? ? 175.65 -49.39 
# 
loop_
_pdbx_unobs_or_zero_occ_residues.id 
_pdbx_unobs_or_zero_occ_residues.PDB_model_num 
_pdbx_unobs_or_zero_occ_residues.polymer_flag 
_pdbx_unobs_or_zero_occ_residues.occupancy_flag 
_pdbx_unobs_or_zero_occ_residues.auth_asym_id 
_pdbx_unobs_or_zero_occ_residues.auth_comp_id 
_pdbx_unobs_or_zero_occ_residues.auth_seq_id 
_pdbx_unobs_or_zero_occ_residues.PDB_ins_code 
_pdbx_unobs_or_zero_occ_residues.label_asym_id 
_pdbx_unobs_or_zero_occ_residues.label_comp_id 
_pdbx_unobs_or_zero_occ_residues.label_seq_id 
1  1 Y 1 B ARG 14  ? A ARG 8   
2  1 Y 1 B GLN 15  ? A GLN 9   
3  1 Y 1 B HIS 16  ? A HIS 10  
4  1 Y 1 B MET 17  ? A MET 11  
5  1 Y 1 B ASP 18  ? A ASP 12  
6  1 Y 1 B SER 19  ? A SER 13  
7  1 Y 1 B PRO 20  ? A PRO 14  
8  1 Y 1 B ASP 21  ? A ASP 15  
9  1 Y 1 B LEU 22  ? A LEU 16  
10 1 Y 1 B GLY 23  ? A GLY 17  
11 1 Y 1 B THR 24  ? A THR 18  
12 1 Y 1 B ASP 25  ? A ASP 19  
13 1 Y 1 B ASP 26  ? A ASP 20  
14 1 Y 1 B ASP 27  ? A ASP 21  
15 1 Y 1 B ASP 28  ? A ASP 22  
16 1 Y 1 B LYS 29  ? A LYS 23  
17 1 Y 1 B ALA 30  ? A ALA 24  
18 1 Y 1 B MET 31  ? A MET 25  
19 1 Y 1 B ALA 32  ? A ALA 26  
20 1 Y 1 B ASP 33  ? A ASP 27  
21 1 Y 1 B ILE 34  ? A ILE 28  
22 1 Y 1 B GLY 35  ? A GLY 29  
23 1 Y 1 B SER 36  ? A SER 30  
24 1 Y 1 B ASP 37  ? A ASP 31  
25 1 Y 1 B PHE 38  ? A PHE 32  
26 1 Y 1 B HIS 182 ? A HIS 176 
27 1 Y 1 B ASN 183 ? A ASN 177 
28 1 Y 1 B ASP 184 ? A ASP 178 
# 
loop_
_chem_comp_atom.comp_id 
_chem_comp_atom.atom_id 
_chem_comp_atom.type_symbol 
_chem_comp_atom.pdbx_aromatic_flag 
_chem_comp_atom.pdbx_stereo_config 
_chem_comp_atom.pdbx_ordinal 
ALA N      N N N 1   
ALA CA     C N S 2   
ALA C      C N N 3   
ALA O      O N N 4   
ALA CB     C N N 5   
ALA OXT    O N N 6   
ALA H      H N N 7   
ALA H2     H N N 8   
ALA HA     H N N 9   
ALA HB1    H N N 10  
ALA HB2    H N N 11  
ALA HB3    H N N 12  
ALA HXT    H N N 13  
ARG N      N N N 14  
ARG CA     C N S 15  
ARG C      C N N 16  
ARG O      O N N 17  
ARG CB     C N N 18  
ARG CG     C N N 19  
ARG CD     C N N 20  
ARG NE     N N N 21  
ARG CZ     C N N 22  
ARG NH1    N N N 23  
ARG NH2    N N N 24  
ARG OXT    O N N 25  
ARG H      H N N 26  
ARG H2     H N N 27  
ARG HA     H N N 28  
ARG HB2    H N N 29  
ARG HB3    H N N 30  
ARG HG2    H N N 31  
ARG HG3    H N N 32  
ARG HD2    H N N 33  
ARG HD3    H N N 34  
ARG HE     H N N 35  
ARG HH11   H N N 36  
ARG HH12   H N N 37  
ARG HH21   H N N 38  
ARG HH22   H N N 39  
ARG HXT    H N N 40  
ASN N      N N N 41  
ASN CA     C N S 42  
ASN C      C N N 43  
ASN O      O N N 44  
ASN CB     C N N 45  
ASN CG     C N N 46  
ASN OD1    O N N 47  
ASN ND2    N N N 48  
ASN OXT    O N N 49  
ASN H      H N N 50  
ASN H2     H N N 51  
ASN HA     H N N 52  
ASN HB2    H N N 53  
ASN HB3    H N N 54  
ASN HD21   H N N 55  
ASN HD22   H N N 56  
ASN HXT    H N N 57  
ASP N      N N N 58  
ASP CA     C N S 59  
ASP C      C N N 60  
ASP O      O N N 61  
ASP CB     C N N 62  
ASP CG     C N N 63  
ASP OD1    O N N 64  
ASP OD2    O N N 65  
ASP OXT    O N N 66  
ASP H      H N N 67  
ASP H2     H N N 68  
ASP HA     H N N 69  
ASP HB2    H N N 70  
ASP HB3    H N N 71  
ASP HD2    H N N 72  
ASP HXT    H N N 73  
CYS N      N N N 74  
CYS CA     C N R 75  
CYS C      C N N 76  
CYS O      O N N 77  
CYS CB     C N N 78  
CYS SG     S N N 79  
CYS OXT    O N N 80  
CYS H      H N N 81  
CYS H2     H N N 82  
CYS HA     H N N 83  
CYS HB2    H N N 84  
CYS HB3    H N N 85  
CYS HG     H N N 86  
CYS HXT    H N N 87  
GLN N      N N N 88  
GLN CA     C N S 89  
GLN C      C N N 90  
GLN O      O N N 91  
GLN CB     C N N 92  
GLN CG     C N N 93  
GLN CD     C N N 94  
GLN OE1    O N N 95  
GLN NE2    N N N 96  
GLN OXT    O N N 97  
GLN H      H N N 98  
GLN H2     H N N 99  
GLN HA     H N N 100 
GLN HB2    H N N 101 
GLN HB3    H N N 102 
GLN HG2    H N N 103 
GLN HG3    H N N 104 
GLN HE21   H N N 105 
GLN HE22   H N N 106 
GLN HXT    H N N 107 
GLU N      N N N 108 
GLU CA     C N S 109 
GLU C      C N N 110 
GLU O      O N N 111 
GLU CB     C N N 112 
GLU CG     C N N 113 
GLU CD     C N N 114 
GLU OE1    O N N 115 
GLU OE2    O N N 116 
GLU OXT    O N N 117 
GLU H      H N N 118 
GLU H2     H N N 119 
GLU HA     H N N 120 
GLU HB2    H N N 121 
GLU HB3    H N N 122 
GLU HG2    H N N 123 
GLU HG3    H N N 124 
GLU HE2    H N N 125 
GLU HXT    H N N 126 
GLY N      N N N 127 
GLY CA     C N N 128 
GLY C      C N N 129 
GLY O      O N N 130 
GLY OXT    O N N 131 
GLY H      H N N 132 
GLY H2     H N N 133 
GLY HA2    H N N 134 
GLY HA3    H N N 135 
GLY HXT    H N N 136 
HIS N      N N N 137 
HIS CA     C N S 138 
HIS C      C N N 139 
HIS O      O N N 140 
HIS CB     C N N 141 
HIS CG     C Y N 142 
HIS ND1    N Y N 143 
HIS CD2    C Y N 144 
HIS CE1    C Y N 145 
HIS NE2    N Y N 146 
HIS OXT    O N N 147 
HIS H      H N N 148 
HIS H2     H N N 149 
HIS HA     H N N 150 
HIS HB2    H N N 151 
HIS HB3    H N N 152 
HIS HD1    H N N 153 
HIS HD2    H N N 154 
HIS HE1    H N N 155 
HIS HE2    H N N 156 
HIS HXT    H N N 157 
HOH O      O N N 158 
HOH H1     H N N 159 
HOH H2     H N N 160 
ILE N      N N N 161 
ILE CA     C N S 162 
ILE C      C N N 163 
ILE O      O N N 164 
ILE CB     C N S 165 
ILE CG1    C N N 166 
ILE CG2    C N N 167 
ILE CD1    C N N 168 
ILE OXT    O N N 169 
ILE H      H N N 170 
ILE H2     H N N 171 
ILE HA     H N N 172 
ILE HB     H N N 173 
ILE HG12   H N N 174 
ILE HG13   H N N 175 
ILE HG21   H N N 176 
ILE HG22   H N N 177 
ILE HG23   H N N 178 
ILE HD11   H N N 179 
ILE HD12   H N N 180 
ILE HD13   H N N 181 
ILE HXT    H N N 182 
KAN C1     C N R 183 
KAN C2     C N R 184 
KAN C3     C N S 185 
KAN C4     C N S 186 
KAN C5     C N R 187 
KAN C6     C N N 188 
KAN C7     C N R 189 
KAN C8     C N S 190 
KAN C9     C N R 191 
KAN C10    C N R 192 
KAN C11    C N S 193 
KAN C12    C N N 194 
KAN C13    C N S 195 
KAN C14    C N R 196 
KAN C15    C N S 197 
KAN C16    C N S 198 
KAN C17    C N R 199 
KAN C18    C N N 200 
KAN N1     N N N 201 
KAN N2     N N N 202 
KAN N3     N N N 203 
KAN N4     N N N 204 
KAN O5     O N N 205 
KAN O6     O N N 206 
KAN O7     O N N 207 
KAN O8     O N N 208 
KAN O9     O N N 209 
KAN O10    O N N 210 
KAN O11    O N N 211 
KAN O12    O N N 212 
KAN O13    O N N 213 
KAN O14    O N N 214 
KAN O15    O N N 215 
KAN H1     H N N 216 
KAN H2     H N N 217 
KAN H3     H N N 218 
KAN H4     H N N 219 
KAN H5     H N N 220 
KAN H61    H N N 221 
KAN H62    H N N 222 
KAN H7     H N N 223 
KAN H8     H N N 224 
KAN H9     H N N 225 
KAN H10    H N N 226 
KAN H11    H N N 227 
KAN H121   H N N 228 
KAN H122   H N N 229 
KAN H13    H N N 230 
KAN H14    H N N 231 
KAN H15    H N N 232 
KAN H16    H N N 233 
KAN H17    H N N 234 
KAN H181   H N N 235 
KAN H182   H N N 236 
KAN HN11   H N N 237 
KAN HN12   H N N 238 
KAN HN21   H N N 239 
KAN HN22   H N N 240 
KAN HN31   H N N 241 
KAN HN32   H N N 242 
KAN HN41   H N N 243 
KAN HN42   H N N 244 
KAN HO6    H N N 245 
KAN HO7    H N N 246 
KAN HO8    H N N 247 
KAN HO1    H N N 248 
KAN HO3    H N N 249 
KAN HO4    H N N 250 
KAN HO5    H N N 251 
LEU N      N N N 252 
LEU CA     C N S 253 
LEU C      C N N 254 
LEU O      O N N 255 
LEU CB     C N N 256 
LEU CG     C N N 257 
LEU CD1    C N N 258 
LEU CD2    C N N 259 
LEU OXT    O N N 260 
LEU H      H N N 261 
LEU H2     H N N 262 
LEU HA     H N N 263 
LEU HB2    H N N 264 
LEU HB3    H N N 265 
LEU HG     H N N 266 
LEU HD11   H N N 267 
LEU HD12   H N N 268 
LEU HD13   H N N 269 
LEU HD21   H N N 270 
LEU HD22   H N N 271 
LEU HD23   H N N 272 
LEU HXT    H N N 273 
LYS N      N N N 274 
LYS CA     C N S 275 
LYS C      C N N 276 
LYS O      O N N 277 
LYS CB     C N N 278 
LYS CG     C N N 279 
LYS CD     C N N 280 
LYS CE     C N N 281 
LYS NZ     N N N 282 
LYS OXT    O N N 283 
LYS H      H N N 284 
LYS H2     H N N 285 
LYS HA     H N N 286 
LYS HB2    H N N 287 
LYS HB3    H N N 288 
LYS HG2    H N N 289 
LYS HG3    H N N 290 
LYS HD2    H N N 291 
LYS HD3    H N N 292 
LYS HE2    H N N 293 
LYS HE3    H N N 294 
LYS HZ1    H N N 295 
LYS HZ2    H N N 296 
LYS HZ3    H N N 297 
LYS HXT    H N N 298 
MET N      N N N 299 
MET CA     C N S 300 
MET C      C N N 301 
MET O      O N N 302 
MET CB     C N N 303 
MET CG     C N N 304 
MET SD     S N N 305 
MET CE     C N N 306 
MET OXT    O N N 307 
MET H      H N N 308 
MET H2     H N N 309 
MET HA     H N N 310 
MET HB2    H N N 311 
MET HB3    H N N 312 
MET HG2    H N N 313 
MET HG3    H N N 314 
MET HE1    H N N 315 
MET HE2    H N N 316 
MET HE3    H N N 317 
MET HXT    H N N 318 
PHE N      N N N 319 
PHE CA     C N S 320 
PHE C      C N N 321 
PHE O      O N N 322 
PHE CB     C N N 323 
PHE CG     C Y N 324 
PHE CD1    C Y N 325 
PHE CD2    C Y N 326 
PHE CE1    C Y N 327 
PHE CE2    C Y N 328 
PHE CZ     C Y N 329 
PHE OXT    O N N 330 
PHE H      H N N 331 
PHE H2     H N N 332 
PHE HA     H N N 333 
PHE HB2    H N N 334 
PHE HB3    H N N 335 
PHE HD1    H N N 336 
PHE HD2    H N N 337 
PHE HE1    H N N 338 
PHE HE2    H N N 339 
PHE HZ     H N N 340 
PHE HXT    H N N 341 
PRO N      N N N 342 
PRO CA     C N S 343 
PRO C      C N N 344 
PRO O      O N N 345 
PRO CB     C N N 346 
PRO CG     C N N 347 
PRO CD     C N N 348 
PRO OXT    O N N 349 
PRO H      H N N 350 
PRO HA     H N N 351 
PRO HB2    H N N 352 
PRO HB3    H N N 353 
PRO HG2    H N N 354 
PRO HG3    H N N 355 
PRO HD2    H N N 356 
PRO HD3    H N N 357 
PRO HXT    H N N 358 
SAL "C1'"  C N N 359 
SAL "O1'"  O N N 360 
SAL "O2'"  O N N 361 
SAL C1     C Y N 362 
SAL C2     C Y N 363 
SAL C3     C Y N 364 
SAL C4     C Y N 365 
SAL C5     C Y N 366 
SAL C6     C Y N 367 
SAL O2     O N N 368 
SAL "HO2'" H N N 369 
SAL H3     H N N 370 
SAL H4     H N N 371 
SAL H5     H N N 372 
SAL H6     H N N 373 
SAL HO2    H N N 374 
SER N      N N N 375 
SER CA     C N S 376 
SER C      C N N 377 
SER O      O N N 378 
SER CB     C N N 379 
SER OG     O N N 380 
SER OXT    O N N 381 
SER H      H N N 382 
SER H2     H N N 383 
SER HA     H N N 384 
SER HB2    H N N 385 
SER HB3    H N N 386 
SER HG     H N N 387 
SER HXT    H N N 388 
THR N      N N N 389 
THR CA     C N S 390 
THR C      C N N 391 
THR O      O N N 392 
THR CB     C N R 393 
THR OG1    O N N 394 
THR CG2    C N N 395 
THR OXT    O N N 396 
THR H      H N N 397 
THR H2     H N N 398 
THR HA     H N N 399 
THR HB     H N N 400 
THR HG1    H N N 401 
THR HG21   H N N 402 
THR HG22   H N N 403 
THR HG23   H N N 404 
THR HXT    H N N 405 
TRP N      N N N 406 
TRP CA     C N S 407 
TRP C      C N N 408 
TRP O      O N N 409 
TRP CB     C N N 410 
TRP CG     C Y N 411 
TRP CD1    C Y N 412 
TRP CD2    C Y N 413 
TRP NE1    N Y N 414 
TRP CE2    C Y N 415 
TRP CE3    C Y N 416 
TRP CZ2    C Y N 417 
TRP CZ3    C Y N 418 
TRP CH2    C Y N 419 
TRP OXT    O N N 420 
TRP H      H N N 421 
TRP H2     H N N 422 
TRP HA     H N N 423 
TRP HB2    H N N 424 
TRP HB3    H N N 425 
TRP HD1    H N N 426 
TRP HE1    H N N 427 
TRP HE3    H N N 428 
TRP HZ2    H N N 429 
TRP HZ3    H N N 430 
TRP HH2    H N N 431 
TRP HXT    H N N 432 
TYR N      N N N 433 
TYR CA     C N S 434 
TYR C      C N N 435 
TYR O      O N N 436 
TYR CB     C N N 437 
TYR CG     C Y N 438 
TYR CD1    C Y N 439 
TYR CD2    C Y N 440 
TYR CE1    C Y N 441 
TYR CE2    C Y N 442 
TYR CZ     C Y N 443 
TYR OH     O N N 444 
TYR OXT    O N N 445 
TYR H      H N N 446 
TYR H2     H N N 447 
TYR HA     H N N 448 
TYR HB2    H N N 449 
TYR HB3    H N N 450 
TYR HD1    H N N 451 
TYR HD2    H N N 452 
TYR HE1    H N N 453 
TYR HE2    H N N 454 
TYR HH     H N N 455 
TYR HXT    H N N 456 
VAL N      N N N 457 
VAL CA     C N S 458 
VAL C      C N N 459 
VAL O      O N N 460 
VAL CB     C N N 461 
VAL CG1    C N N 462 
VAL CG2    C N N 463 
VAL OXT    O N N 464 
VAL H      H N N 465 
VAL H2     H N N 466 
VAL HA     H N N 467 
VAL HB     H N N 468 
VAL HG11   H N N 469 
VAL HG12   H N N 470 
VAL HG13   H N N 471 
VAL HG21   H N N 472 
VAL HG22   H N N 473 
VAL HG23   H N N 474 
VAL HXT    H N N 475 
# 
loop_
_chem_comp_bond.comp_id 
_chem_comp_bond.atom_id_1 
_chem_comp_bond.atom_id_2 
_chem_comp_bond.value_order 
_chem_comp_bond.pdbx_aromatic_flag 
_chem_comp_bond.pdbx_stereo_config 
_chem_comp_bond.pdbx_ordinal 
ALA N     CA     sing N N 1   
ALA N     H      sing N N 2   
ALA N     H2     sing N N 3   
ALA CA    C      sing N N 4   
ALA CA    CB     sing N N 5   
ALA CA    HA     sing N N 6   
ALA C     O      doub N N 7   
ALA C     OXT    sing N N 8   
ALA CB    HB1    sing N N 9   
ALA CB    HB2    sing N N 10  
ALA CB    HB3    sing N N 11  
ALA OXT   HXT    sing N N 12  
ARG N     CA     sing N N 13  
ARG N     H      sing N N 14  
ARG N     H2     sing N N 15  
ARG CA    C      sing N N 16  
ARG CA    CB     sing N N 17  
ARG CA    HA     sing N N 18  
ARG C     O      doub N N 19  
ARG C     OXT    sing N N 20  
ARG CB    CG     sing N N 21  
ARG CB    HB2    sing N N 22  
ARG CB    HB3    sing N N 23  
ARG CG    CD     sing N N 24  
ARG CG    HG2    sing N N 25  
ARG CG    HG3    sing N N 26  
ARG CD    NE     sing N N 27  
ARG CD    HD2    sing N N 28  
ARG CD    HD3    sing N N 29  
ARG NE    CZ     sing N N 30  
ARG NE    HE     sing N N 31  
ARG CZ    NH1    sing N N 32  
ARG CZ    NH2    doub N N 33  
ARG NH1   HH11   sing N N 34  
ARG NH1   HH12   sing N N 35  
ARG NH2   HH21   sing N N 36  
ARG NH2   HH22   sing N N 37  
ARG OXT   HXT    sing N N 38  
ASN N     CA     sing N N 39  
ASN N     H      sing N N 40  
ASN N     H2     sing N N 41  
ASN CA    C      sing N N 42  
ASN CA    CB     sing N N 43  
ASN CA    HA     sing N N 44  
ASN C     O      doub N N 45  
ASN C     OXT    sing N N 46  
ASN CB    CG     sing N N 47  
ASN CB    HB2    sing N N 48  
ASN CB    HB3    sing N N 49  
ASN CG    OD1    doub N N 50  
ASN CG    ND2    sing N N 51  
ASN ND2   HD21   sing N N 52  
ASN ND2   HD22   sing N N 53  
ASN OXT   HXT    sing N N 54  
ASP N     CA     sing N N 55  
ASP N     H      sing N N 56  
ASP N     H2     sing N N 57  
ASP CA    C      sing N N 58  
ASP CA    CB     sing N N 59  
ASP CA    HA     sing N N 60  
ASP C     O      doub N N 61  
ASP C     OXT    sing N N 62  
ASP CB    CG     sing N N 63  
ASP CB    HB2    sing N N 64  
ASP CB    HB3    sing N N 65  
ASP CG    OD1    doub N N 66  
ASP CG    OD2    sing N N 67  
ASP OD2   HD2    sing N N 68  
ASP OXT   HXT    sing N N 69  
CYS N     CA     sing N N 70  
CYS N     H      sing N N 71  
CYS N     H2     sing N N 72  
CYS CA    C      sing N N 73  
CYS CA    CB     sing N N 74  
CYS CA    HA     sing N N 75  
CYS C     O      doub N N 76  
CYS C     OXT    sing N N 77  
CYS CB    SG     sing N N 78  
CYS CB    HB2    sing N N 79  
CYS CB    HB3    sing N N 80  
CYS SG    HG     sing N N 81  
CYS OXT   HXT    sing N N 82  
GLN N     CA     sing N N 83  
GLN N     H      sing N N 84  
GLN N     H2     sing N N 85  
GLN CA    C      sing N N 86  
GLN CA    CB     sing N N 87  
GLN CA    HA     sing N N 88  
GLN C     O      doub N N 89  
GLN C     OXT    sing N N 90  
GLN CB    CG     sing N N 91  
GLN CB    HB2    sing N N 92  
GLN CB    HB3    sing N N 93  
GLN CG    CD     sing N N 94  
GLN CG    HG2    sing N N 95  
GLN CG    HG3    sing N N 96  
GLN CD    OE1    doub N N 97  
GLN CD    NE2    sing N N 98  
GLN NE2   HE21   sing N N 99  
GLN NE2   HE22   sing N N 100 
GLN OXT   HXT    sing N N 101 
GLU N     CA     sing N N 102 
GLU N     H      sing N N 103 
GLU N     H2     sing N N 104 
GLU CA    C      sing N N 105 
GLU CA    CB     sing N N 106 
GLU CA    HA     sing N N 107 
GLU C     O      doub N N 108 
GLU C     OXT    sing N N 109 
GLU CB    CG     sing N N 110 
GLU CB    HB2    sing N N 111 
GLU CB    HB3    sing N N 112 
GLU CG    CD     sing N N 113 
GLU CG    HG2    sing N N 114 
GLU CG    HG3    sing N N 115 
GLU CD    OE1    doub N N 116 
GLU CD    OE2    sing N N 117 
GLU OE2   HE2    sing N N 118 
GLU OXT   HXT    sing N N 119 
GLY N     CA     sing N N 120 
GLY N     H      sing N N 121 
GLY N     H2     sing N N 122 
GLY CA    C      sing N N 123 
GLY CA    HA2    sing N N 124 
GLY CA    HA3    sing N N 125 
GLY C     O      doub N N 126 
GLY C     OXT    sing N N 127 
GLY OXT   HXT    sing N N 128 
HIS N     CA     sing N N 129 
HIS N     H      sing N N 130 
HIS N     H2     sing N N 131 
HIS CA    C      sing N N 132 
HIS CA    CB     sing N N 133 
HIS CA    HA     sing N N 134 
HIS C     O      doub N N 135 
HIS C     OXT    sing N N 136 
HIS CB    CG     sing N N 137 
HIS CB    HB2    sing N N 138 
HIS CB    HB3    sing N N 139 
HIS CG    ND1    sing Y N 140 
HIS CG    CD2    doub Y N 141 
HIS ND1   CE1    doub Y N 142 
HIS ND1   HD1    sing N N 143 
HIS CD2   NE2    sing Y N 144 
HIS CD2   HD2    sing N N 145 
HIS CE1   NE2    sing Y N 146 
HIS CE1   HE1    sing N N 147 
HIS NE2   HE2    sing N N 148 
HIS OXT   HXT    sing N N 149 
HOH O     H1     sing N N 150 
HOH O     H2     sing N N 151 
ILE N     CA     sing N N 152 
ILE N     H      sing N N 153 
ILE N     H2     sing N N 154 
ILE CA    C      sing N N 155 
ILE CA    CB     sing N N 156 
ILE CA    HA     sing N N 157 
ILE C     O      doub N N 158 
ILE C     OXT    sing N N 159 
ILE CB    CG1    sing N N 160 
ILE CB    CG2    sing N N 161 
ILE CB    HB     sing N N 162 
ILE CG1   CD1    sing N N 163 
ILE CG1   HG12   sing N N 164 
ILE CG1   HG13   sing N N 165 
ILE CG2   HG21   sing N N 166 
ILE CG2   HG22   sing N N 167 
ILE CG2   HG23   sing N N 168 
ILE CD1   HD11   sing N N 169 
ILE CD1   HD12   sing N N 170 
ILE CD1   HD13   sing N N 171 
ILE OXT   HXT    sing N N 172 
KAN C1    C2     sing N N 173 
KAN C1    O5     sing N N 174 
KAN C1    O9     sing N N 175 
KAN C1    H1     sing N N 176 
KAN C2    C3     sing N N 177 
KAN C2    O6     sing N N 178 
KAN C2    H2     sing N N 179 
KAN C3    C4     sing N N 180 
KAN C3    O7     sing N N 181 
KAN C3    H3     sing N N 182 
KAN C4    C5     sing N N 183 
KAN C4    O8     sing N N 184 
KAN C4    H4     sing N N 185 
KAN C5    C6     sing N N 186 
KAN C5    O5     sing N N 187 
KAN C5    H5     sing N N 188 
KAN C6    N1     sing N N 189 
KAN C6    H61    sing N N 190 
KAN C6    H62    sing N N 191 
KAN C7    C8     sing N N 192 
KAN C7    C12    sing N N 193 
KAN C7    N3     sing N N 194 
KAN C7    H7     sing N N 195 
KAN C8    C9     sing N N 196 
KAN C8    O11    sing N N 197 
KAN C8    H8     sing N N 198 
KAN C9    C10    sing N N 199 
KAN C9    O10    sing N N 200 
KAN C9    H9     sing N N 201 
KAN C10   C11    sing N N 202 
KAN C10   O9     sing N N 203 
KAN C10   H10    sing N N 204 
KAN C11   C12    sing N N 205 
KAN C11   N2     sing N N 206 
KAN C11   H11    sing N N 207 
KAN C12   H121   sing N N 208 
KAN C12   H122   sing N N 209 
KAN C13   C14    sing N N 210 
KAN C13   O11    sing N N 211 
KAN C13   O12    sing N N 212 
KAN C13   H13    sing N N 213 
KAN C14   C15    sing N N 214 
KAN C14   O13    sing N N 215 
KAN C14   H14    sing N N 216 
KAN C15   C16    sing N N 217 
KAN C15   N4     sing N N 218 
KAN C15   H15    sing N N 219 
KAN C16   C17    sing N N 220 
KAN C16   O14    sing N N 221 
KAN C16   H16    sing N N 222 
KAN C17   C18    sing N N 223 
KAN C17   O12    sing N N 224 
KAN C17   H17    sing N N 225 
KAN C18   O15    sing N N 226 
KAN C18   H181   sing N N 227 
KAN C18   H182   sing N N 228 
KAN N1    HN11   sing N N 229 
KAN N1    HN12   sing N N 230 
KAN N2    HN21   sing N N 231 
KAN N2    HN22   sing N N 232 
KAN N3    HN31   sing N N 233 
KAN N3    HN32   sing N N 234 
KAN N4    HN41   sing N N 235 
KAN N4    HN42   sing N N 236 
KAN O6    HO6    sing N N 237 
KAN O7    HO7    sing N N 238 
KAN O8    HO8    sing N N 239 
KAN O10   HO1    sing N N 240 
KAN O13   HO3    sing N N 241 
KAN O14   HO4    sing N N 242 
KAN O15   HO5    sing N N 243 
LEU N     CA     sing N N 244 
LEU N     H      sing N N 245 
LEU N     H2     sing N N 246 
LEU CA    C      sing N N 247 
LEU CA    CB     sing N N 248 
LEU CA    HA     sing N N 249 
LEU C     O      doub N N 250 
LEU C     OXT    sing N N 251 
LEU CB    CG     sing N N 252 
LEU CB    HB2    sing N N 253 
LEU CB    HB3    sing N N 254 
LEU CG    CD1    sing N N 255 
LEU CG    CD2    sing N N 256 
LEU CG    HG     sing N N 257 
LEU CD1   HD11   sing N N 258 
LEU CD1   HD12   sing N N 259 
LEU CD1   HD13   sing N N 260 
LEU CD2   HD21   sing N N 261 
LEU CD2   HD22   sing N N 262 
LEU CD2   HD23   sing N N 263 
LEU OXT   HXT    sing N N 264 
LYS N     CA     sing N N 265 
LYS N     H      sing N N 266 
LYS N     H2     sing N N 267 
LYS CA    C      sing N N 268 
LYS CA    CB     sing N N 269 
LYS CA    HA     sing N N 270 
LYS C     O      doub N N 271 
LYS C     OXT    sing N N 272 
LYS CB    CG     sing N N 273 
LYS CB    HB2    sing N N 274 
LYS CB    HB3    sing N N 275 
LYS CG    CD     sing N N 276 
LYS CG    HG2    sing N N 277 
LYS CG    HG3    sing N N 278 
LYS CD    CE     sing N N 279 
LYS CD    HD2    sing N N 280 
LYS CD    HD3    sing N N 281 
LYS CE    NZ     sing N N 282 
LYS CE    HE2    sing N N 283 
LYS CE    HE3    sing N N 284 
LYS NZ    HZ1    sing N N 285 
LYS NZ    HZ2    sing N N 286 
LYS NZ    HZ3    sing N N 287 
LYS OXT   HXT    sing N N 288 
MET N     CA     sing N N 289 
MET N     H      sing N N 290 
MET N     H2     sing N N 291 
MET CA    C      sing N N 292 
MET CA    CB     sing N N 293 
MET CA    HA     sing N N 294 
MET C     O      doub N N 295 
MET C     OXT    sing N N 296 
MET CB    CG     sing N N 297 
MET CB    HB2    sing N N 298 
MET CB    HB3    sing N N 299 
MET CG    SD     sing N N 300 
MET CG    HG2    sing N N 301 
MET CG    HG3    sing N N 302 
MET SD    CE     sing N N 303 
MET CE    HE1    sing N N 304 
MET CE    HE2    sing N N 305 
MET CE    HE3    sing N N 306 
MET OXT   HXT    sing N N 307 
PHE N     CA     sing N N 308 
PHE N     H      sing N N 309 
PHE N     H2     sing N N 310 
PHE CA    C      sing N N 311 
PHE CA    CB     sing N N 312 
PHE CA    HA     sing N N 313 
PHE C     O      doub N N 314 
PHE C     OXT    sing N N 315 
PHE CB    CG     sing N N 316 
PHE CB    HB2    sing N N 317 
PHE CB    HB3    sing N N 318 
PHE CG    CD1    doub Y N 319 
PHE CG    CD2    sing Y N 320 
PHE CD1   CE1    sing Y N 321 
PHE CD1   HD1    sing N N 322 
PHE CD2   CE2    doub Y N 323 
PHE CD2   HD2    sing N N 324 
PHE CE1   CZ     doub Y N 325 
PHE CE1   HE1    sing N N 326 
PHE CE2   CZ     sing Y N 327 
PHE CE2   HE2    sing N N 328 
PHE CZ    HZ     sing N N 329 
PHE OXT   HXT    sing N N 330 
PRO N     CA     sing N N 331 
PRO N     CD     sing N N 332 
PRO N     H      sing N N 333 
PRO CA    C      sing N N 334 
PRO CA    CB     sing N N 335 
PRO CA    HA     sing N N 336 
PRO C     O      doub N N 337 
PRO C     OXT    sing N N 338 
PRO CB    CG     sing N N 339 
PRO CB    HB2    sing N N 340 
PRO CB    HB3    sing N N 341 
PRO CG    CD     sing N N 342 
PRO CG    HG2    sing N N 343 
PRO CG    HG3    sing N N 344 
PRO CD    HD2    sing N N 345 
PRO CD    HD3    sing N N 346 
PRO OXT   HXT    sing N N 347 
SAL "C1'" "O1'"  doub N N 348 
SAL "C1'" "O2'"  sing N N 349 
SAL "C1'" C1     sing N N 350 
SAL "O2'" "HO2'" sing N N 351 
SAL C1    C2     sing Y N 352 
SAL C1    C6     doub Y N 353 
SAL C2    C3     doub Y N 354 
SAL C2    O2     sing N N 355 
SAL C3    C4     sing Y N 356 
SAL C3    H3     sing N N 357 
SAL C4    C5     doub Y N 358 
SAL C4    H4     sing N N 359 
SAL C5    C6     sing Y N 360 
SAL C5    H5     sing N N 361 
SAL C6    H6     sing N N 362 
SAL O2    HO2    sing N N 363 
SER N     CA     sing N N 364 
SER N     H      sing N N 365 
SER N     H2     sing N N 366 
SER CA    C      sing N N 367 
SER CA    CB     sing N N 368 
SER CA    HA     sing N N 369 
SER C     O      doub N N 370 
SER C     OXT    sing N N 371 
SER CB    OG     sing N N 372 
SER CB    HB2    sing N N 373 
SER CB    HB3    sing N N 374 
SER OG    HG     sing N N 375 
SER OXT   HXT    sing N N 376 
THR N     CA     sing N N 377 
THR N     H      sing N N 378 
THR N     H2     sing N N 379 
THR CA    C      sing N N 380 
THR CA    CB     sing N N 381 
THR CA    HA     sing N N 382 
THR C     O      doub N N 383 
THR C     OXT    sing N N 384 
THR CB    OG1    sing N N 385 
THR CB    CG2    sing N N 386 
THR CB    HB     sing N N 387 
THR OG1   HG1    sing N N 388 
THR CG2   HG21   sing N N 389 
THR CG2   HG22   sing N N 390 
THR CG2   HG23   sing N N 391 
THR OXT   HXT    sing N N 392 
TRP N     CA     sing N N 393 
TRP N     H      sing N N 394 
TRP N     H2     sing N N 395 
TRP CA    C      sing N N 396 
TRP CA    CB     sing N N 397 
TRP CA    HA     sing N N 398 
TRP C     O      doub N N 399 
TRP C     OXT    sing N N 400 
TRP CB    CG     sing N N 401 
TRP CB    HB2    sing N N 402 
TRP CB    HB3    sing N N 403 
TRP CG    CD1    doub Y N 404 
TRP CG    CD2    sing Y N 405 
TRP CD1   NE1    sing Y N 406 
TRP CD1   HD1    sing N N 407 
TRP CD2   CE2    doub Y N 408 
TRP CD2   CE3    sing Y N 409 
TRP NE1   CE2    sing Y N 410 
TRP NE1   HE1    sing N N 411 
TRP CE2   CZ2    sing Y N 412 
TRP CE3   CZ3    doub Y N 413 
TRP CE3   HE3    sing N N 414 
TRP CZ2   CH2    doub Y N 415 
TRP CZ2   HZ2    sing N N 416 
TRP CZ3   CH2    sing Y N 417 
TRP CZ3   HZ3    sing N N 418 
TRP CH2   HH2    sing N N 419 
TRP OXT   HXT    sing N N 420 
TYR N     CA     sing N N 421 
TYR N     H      sing N N 422 
TYR N     H2     sing N N 423 
TYR CA    C      sing N N 424 
TYR CA    CB     sing N N 425 
TYR CA    HA     sing N N 426 
TYR C     O      doub N N 427 
TYR C     OXT    sing N N 428 
TYR CB    CG     sing N N 429 
TYR CB    HB2    sing N N 430 
TYR CB    HB3    sing N N 431 
TYR CG    CD1    doub Y N 432 
TYR CG    CD2    sing Y N 433 
TYR CD1   CE1    sing Y N 434 
TYR CD1   HD1    sing N N 435 
TYR CD2   CE2    doub Y N 436 
TYR CD2   HD2    sing N N 437 
TYR CE1   CZ     doub Y N 438 
TYR CE1   HE1    sing N N 439 
TYR CE2   CZ     sing Y N 440 
TYR CE2   HE2    sing N N 441 
TYR CZ    OH     sing N N 442 
TYR OH    HH     sing N N 443 
TYR OXT   HXT    sing N N 444 
VAL N     CA     sing N N 445 
VAL N     H      sing N N 446 
VAL N     H2     sing N N 447 
VAL CA    C      sing N N 448 
VAL CA    CB     sing N N 449 
VAL CA    HA     sing N N 450 
VAL C     O      doub N N 451 
VAL C     OXT    sing N N 452 
VAL CB    CG1    sing N N 453 
VAL CB    CG2    sing N N 454 
VAL CB    HB     sing N N 455 
VAL CG1   HG11   sing N N 456 
VAL CG1   HG12   sing N N 457 
VAL CG1   HG13   sing N N 458 
VAL CG2   HG21   sing N N 459 
VAL CG2   HG22   sing N N 460 
VAL CG2   HG23   sing N N 461 
VAL OXT   HXT    sing N N 462 
# 
loop_
_pdbx_entity_nonpoly.entity_id 
_pdbx_entity_nonpoly.name 
_pdbx_entity_nonpoly.comp_id 
2 '2-HYDROXYBENZOIC ACID' SAL 
3 'KANAMYCIN A'           KAN 
4 water                   HOH 
# 
_pdbx_initial_refinement_model.id               1 
_pdbx_initial_refinement_model.entity_id_list   ? 
_pdbx_initial_refinement_model.type             'experimental model' 
_pdbx_initial_refinement_model.source_name      PDB 
_pdbx_initial_refinement_model.accession_code   4EM2 
_pdbx_initial_refinement_model.details          'PDB ENTRY 4EM2' 
# 
